data_8JOG
#
_entry.id   8JOG
#
_entity_poly.entity_id   1
_entity_poly.type   'polypeptide(L)'
_entity_poly.pdbx_seq_one_letter_code
;GPLGSPSKTSNTIRVFLPNKQRTVVNVRNGMSLHDCLMKALKVRGLQPECCAVFRLLHEHKGKKARLDWNTDAASLIGEE
LQVDFL
;
_entity_poly.pdbx_strand_id   A
#
# COMPACT_ATOMS: atom_id res chain seq x y z
N GLY A 1 -18.65 -8.19 12.62
CA GLY A 1 -18.30 -9.62 12.89
C GLY A 1 -17.17 -10.11 11.99
N PRO A 2 -15.91 -9.61 12.16
CA PRO A 2 -14.76 -10.03 11.34
C PRO A 2 -14.22 -11.42 11.74
N LEU A 3 -13.04 -11.78 11.18
CA LEU A 3 -12.34 -13.07 11.43
C LEU A 3 -13.29 -14.29 11.43
N GLY A 4 -13.24 -15.05 10.34
CA GLY A 4 -14.07 -16.24 10.21
C GLY A 4 -14.36 -16.60 8.76
N SER A 5 -13.30 -16.62 7.94
CA SER A 5 -13.41 -16.94 6.51
C SER A 5 -12.31 -17.91 6.08
N PRO A 6 -12.57 -18.80 5.07
CA PRO A 6 -11.56 -19.77 4.57
C PRO A 6 -10.33 -19.09 3.96
N SER A 7 -9.32 -19.90 3.61
CA SER A 7 -8.07 -19.39 3.01
C SER A 7 -8.22 -19.18 1.51
N LYS A 8 -8.19 -17.91 1.10
CA LYS A 8 -8.32 -17.54 -0.32
C LYS A 8 -7.34 -16.41 -0.67
N THR A 9 -7.09 -16.23 -1.98
CA THR A 9 -6.18 -15.19 -2.47
C THR A 9 -6.91 -13.86 -2.66
N SER A 10 -6.47 -12.84 -1.90
CA SER A 10 -7.07 -11.51 -1.95
C SER A 10 -6.06 -10.48 -2.45
N ASN A 11 -6.45 -9.72 -3.49
CA ASN A 11 -5.60 -8.69 -4.08
C ASN A 11 -5.67 -7.39 -3.27
N THR A 12 -4.82 -7.31 -2.24
CA THR A 12 -4.77 -6.15 -1.34
C THR A 12 -3.34 -5.90 -0.83
N ILE A 13 -3.04 -4.65 -0.49
CA ILE A 13 -1.70 -4.27 0.01
C ILE A 13 -1.84 -3.40 1.26
N ARG A 14 -0.84 -3.49 2.13
CA ARG A 14 -0.82 -2.75 3.39
C ARG A 14 -0.05 -1.44 3.25
N VAL A 15 -0.76 -0.33 3.49
CA VAL A 15 -0.17 1.00 3.42
C VAL A 15 0.06 1.51 4.84
N PHE A 16 1.17 2.21 5.06
CA PHE A 16 1.48 2.73 6.39
C PHE A 16 0.92 4.15 6.58
N LEU A 17 -0.05 4.26 7.49
CA LEU A 17 -0.70 5.47 7.83
C LEU A 17 -0.26 5.99 9.20
N PRO A 18 0.08 7.31 9.34
CA PRO A 18 0.52 7.89 10.63
C PRO A 18 -0.49 7.67 11.75
N ASN A 19 -0.01 7.72 13.02
CA ASN A 19 -0.84 7.51 14.23
C ASN A 19 -1.21 6.03 14.43
N LYS A 20 -0.31 5.13 13.96
CA LYS A 20 -0.48 3.67 14.06
C LYS A 20 -1.74 3.13 13.32
N GLN A 21 -2.12 3.81 12.24
CA GLN A 21 -3.28 3.39 11.44
C GLN A 21 -2.84 2.55 10.25
N ARG A 22 -3.62 1.50 9.96
CA ARG A 22 -3.32 0.59 8.84
C ARG A 22 -4.59 0.22 8.07
N THR A 23 -4.50 0.31 6.74
CA THR A 23 -5.64 -0.04 5.86
C THR A 23 -5.13 -0.68 4.57
N VAL A 24 -5.83 -1.72 4.11
CA VAL A 24 -5.47 -2.43 2.90
C VAL A 24 -6.27 -1.88 1.71
N VAL A 25 -5.73 -2.05 0.50
CA VAL A 25 -6.39 -1.58 -0.72
C VAL A 25 -6.25 -2.60 -1.86
N ASN A 26 -7.30 -2.69 -2.68
CA ASN A 26 -7.30 -3.57 -3.82
C ASN A 26 -7.08 -2.75 -5.09
N VAL A 27 -6.25 -3.25 -6.00
CA VAL A 27 -5.96 -2.53 -7.24
C VAL A 27 -6.20 -3.37 -8.49
N ARG A 28 -6.54 -2.67 -9.57
CA ARG A 28 -6.82 -3.30 -10.88
C ARG A 28 -5.54 -3.37 -11.70
N ASN A 29 -5.43 -4.40 -12.55
CA ASN A 29 -4.25 -4.58 -13.41
C ASN A 29 -4.06 -3.37 -14.33
N GLY A 30 -2.87 -2.76 -14.22
CA GLY A 30 -2.54 -1.58 -14.99
C GLY A 30 -2.56 -0.32 -14.14
N MET A 31 -2.75 -0.51 -12.83
CA MET A 31 -2.81 0.59 -11.85
C MET A 31 -1.40 1.03 -11.42
N SER A 32 -1.29 2.28 -10.98
CA SER A 32 -0.02 2.84 -10.54
C SER A 32 -0.05 3.06 -9.02
N LEU A 33 1.13 3.30 -8.43
CA LEU A 33 1.27 3.52 -6.98
C LEU A 33 0.54 4.80 -6.54
N HIS A 34 0.59 5.85 -7.37
CA HIS A 34 -0.08 7.13 -7.09
C HIS A 34 -1.57 6.87 -6.81
N ASP A 35 -2.13 5.95 -7.60
CA ASP A 35 -3.53 5.53 -7.47
C ASP A 35 -3.76 4.65 -6.24
N CYS A 36 -2.70 3.92 -5.78
CA CYS A 36 -2.82 3.01 -4.63
C CYS A 36 -3.22 3.74 -3.34
N LEU A 37 -2.89 5.04 -3.27
CA LEU A 37 -3.21 5.86 -2.10
C LEU A 37 -4.57 6.56 -2.25
N MET A 38 -5.13 6.53 -3.47
CA MET A 38 -6.43 7.18 -3.77
C MET A 38 -7.61 6.46 -3.08
N LYS A 39 -7.55 5.12 -3.04
CA LYS A 39 -8.60 4.30 -2.42
C LYS A 39 -8.62 4.42 -0.89
N ALA A 40 -7.42 4.48 -0.29
CA ALA A 40 -7.27 4.61 1.17
C ALA A 40 -7.62 6.02 1.66
N LEU A 41 -7.20 7.03 0.90
CA LEU A 41 -7.45 8.42 1.18
C LEU A 41 -8.90 8.84 0.91
N LYS A 42 -9.58 8.13 -0.01
CA LYS A 42 -10.95 8.47 -0.44
C LYS A 42 -11.91 8.47 0.73
N VAL A 43 -11.59 7.60 1.69
CA VAL A 43 -12.37 7.39 2.90
C VAL A 43 -12.21 8.53 3.92
N ARG A 44 -11.00 9.10 4.00
CA ARG A 44 -10.74 10.19 4.96
C ARG A 44 -10.66 11.58 4.31
N GLY A 45 -10.34 11.63 3.00
CA GLY A 45 -10.29 12.90 2.30
C GLY A 45 -9.12 13.80 2.71
N LEU A 46 -8.01 13.19 3.16
CA LEU A 46 -6.85 13.96 3.63
C LEU A 46 -5.88 14.28 2.49
N GLN A 47 -5.69 15.58 2.23
CA GLN A 47 -4.80 16.04 1.17
C GLN A 47 -3.42 16.45 1.74
N PRO A 48 -2.38 15.57 1.62
CA PRO A 48 -1.03 15.86 2.12
C PRO A 48 -0.20 16.70 1.13
N GLU A 49 0.97 17.18 1.60
CA GLU A 49 1.86 17.99 0.77
C GLU A 49 2.86 17.10 0.02
N CYS A 50 3.62 16.29 0.78
CA CYS A 50 4.61 15.38 0.20
C CYS A 50 4.53 14.00 0.84
N CYS A 51 4.56 12.96 0.00
CA CYS A 51 4.50 11.58 0.47
C CYS A 51 5.39 10.68 -0.38
N ALA A 52 6.02 9.70 0.27
CA ALA A 52 6.91 8.76 -0.43
C ALA A 52 6.64 7.34 0.01
N VAL A 53 6.76 6.39 -0.93
CA VAL A 53 6.48 5.00 -0.65
C VAL A 53 7.72 4.12 -0.76
N PHE A 54 7.73 3.09 0.08
CA PHE A 54 8.79 2.11 0.11
C PHE A 54 8.22 0.74 0.36
N ARG A 55 8.64 -0.19 -0.48
CA ARG A 55 8.26 -1.61 -0.35
C ARG A 55 9.38 -2.36 0.39
N LEU A 56 8.98 -3.26 1.29
CA LEU A 56 9.93 -4.05 2.09
C LEU A 56 10.50 -5.23 1.30
N LEU A 57 11.79 -5.49 1.50
CA LEU A 57 12.51 -6.58 0.82
C LEU A 57 12.14 -7.94 1.42
N HIS A 58 11.78 -8.88 0.56
CA HIS A 58 11.39 -10.24 0.98
C HIS A 58 12.57 -11.23 0.82
N GLU A 59 13.70 -10.74 0.28
CA GLU A 59 14.88 -11.58 0.06
C GLU A 59 15.78 -11.61 1.29
N HIS A 60 15.90 -10.46 1.98
CA HIS A 60 16.73 -10.35 3.19
C HIS A 60 15.88 -10.50 4.44
N LYS A 61 16.33 -9.87 5.54
CA LYS A 61 15.64 -9.90 6.83
C LYS A 61 14.59 -8.81 6.92
N GLY A 62 15.03 -7.57 6.72
CA GLY A 62 14.12 -6.45 6.78
C GLY A 62 14.79 -5.14 6.42
N LYS A 63 14.89 -4.88 5.11
CA LYS A 63 15.51 -3.66 4.60
C LYS A 63 14.46 -2.69 4.04
N LYS A 64 14.93 -1.65 3.34
CA LYS A 64 14.07 -0.62 2.75
C LYS A 64 14.34 -0.50 1.27
N ALA A 65 13.28 -0.55 0.48
CA ALA A 65 13.39 -0.47 -0.97
C ALA A 65 12.59 0.69 -1.54
N ARG A 66 13.31 1.55 -2.27
CA ARG A 66 12.71 2.71 -2.92
C ARG A 66 12.13 2.30 -4.27
N LEU A 67 10.84 2.60 -4.44
CA LEU A 67 10.12 2.29 -5.67
C LEU A 67 9.56 3.57 -6.30
N ASP A 68 9.11 3.48 -7.56
CA ASP A 68 8.57 4.64 -8.27
C ASP A 68 7.09 4.81 -7.97
N TRP A 69 6.66 6.07 -7.84
CA TRP A 69 5.26 6.40 -7.53
C TRP A 69 4.33 6.08 -8.72
N ASN A 70 4.91 5.99 -9.92
CA ASN A 70 4.15 5.68 -11.14
C ASN A 70 4.30 4.20 -11.52
N THR A 71 4.70 3.36 -10.55
CA THR A 71 4.87 1.92 -10.76
C THR A 71 3.55 1.16 -10.66
N ASP A 72 3.49 -0.02 -11.29
CA ASP A 72 2.28 -0.87 -11.27
C ASP A 72 1.94 -1.34 -9.85
N ALA A 73 0.76 -0.91 -9.37
CA ALA A 73 0.27 -1.27 -8.03
C ALA A 73 -0.09 -2.75 -7.91
N ALA A 74 -0.62 -3.33 -9.00
CA ALA A 74 -1.00 -4.75 -9.04
C ALA A 74 0.24 -5.66 -9.04
N SER A 75 1.41 -5.06 -9.31
CA SER A 75 2.69 -5.76 -9.33
C SER A 75 3.23 -5.95 -7.91
N LEU A 76 2.74 -5.11 -7.00
CA LEU A 76 3.14 -5.15 -5.58
C LEU A 76 1.99 -5.67 -4.71
N ILE A 77 1.01 -6.33 -5.36
CA ILE A 77 -0.17 -6.88 -4.67
C ILE A 77 0.21 -7.97 -3.65
N GLY A 78 -0.47 -7.94 -2.50
CA GLY A 78 -0.20 -8.91 -1.43
C GLY A 78 0.98 -8.52 -0.55
N GLU A 79 1.75 -7.51 -1.00
CA GLU A 79 2.91 -7.01 -0.29
C GLU A 79 2.53 -5.87 0.67
N GLU A 80 3.51 -5.06 1.09
CA GLU A 80 3.27 -3.93 1.99
C GLU A 80 4.08 -2.71 1.54
N LEU A 81 3.51 -1.52 1.70
CA LEU A 81 4.18 -0.27 1.33
C LEU A 81 4.31 0.66 2.53
N GLN A 82 5.22 1.63 2.41
CA GLN A 82 5.48 2.58 3.50
C GLN A 82 5.69 3.99 2.96
N VAL A 83 4.84 4.94 3.39
CA VAL A 83 4.98 6.33 2.94
C VAL A 83 5.42 7.26 4.06
N ASP A 84 6.26 8.23 3.69
CA ASP A 84 6.82 9.21 4.63
C ASP A 84 6.71 10.63 4.09
N PHE A 85 7.01 11.60 4.97
CA PHE A 85 6.99 13.03 4.65
C PHE A 85 8.20 13.44 3.80
N LEU A 86 7.99 14.39 2.87
CA LEU A 86 9.03 14.92 1.96
C LEU A 86 9.73 13.81 1.16
N GLY A 1 -21.33 -1.91 16.01
CA GLY A 1 -19.85 -1.81 15.89
C GLY A 1 -19.30 -2.62 14.72
N PRO A 2 -18.12 -2.26 14.15
CA PRO A 2 -17.51 -2.99 13.02
C PRO A 2 -16.85 -4.32 13.45
N LEU A 3 -16.08 -4.92 12.53
CA LEU A 3 -15.40 -6.19 12.79
C LEU A 3 -13.89 -5.97 12.94
N GLY A 4 -13.27 -6.77 13.81
CA GLY A 4 -11.84 -6.66 14.04
C GLY A 4 -11.08 -7.91 13.59
N SER A 5 -11.27 -8.27 12.32
CA SER A 5 -10.62 -9.44 11.74
C SER A 5 -9.84 -9.06 10.46
N PRO A 6 -8.71 -9.77 10.15
CA PRO A 6 -7.89 -9.49 8.95
C PRO A 6 -8.65 -9.75 7.63
N SER A 7 -8.22 -9.06 6.57
CA SER A 7 -8.85 -9.19 5.26
C SER A 7 -8.01 -10.09 4.34
N LYS A 8 -8.69 -11.02 3.66
CA LYS A 8 -8.04 -11.95 2.74
C LYS A 8 -8.73 -11.91 1.38
N THR A 9 -8.00 -11.41 0.37
CA THR A 9 -8.51 -11.29 -0.99
C THR A 9 -7.40 -11.54 -2.02
N SER A 10 -7.79 -11.68 -3.30
CA SER A 10 -6.84 -11.92 -4.39
C SER A 10 -6.27 -10.62 -4.94
N ASN A 11 -4.93 -10.53 -5.00
CA ASN A 11 -4.20 -9.34 -5.49
C ASN A 11 -4.43 -8.11 -4.59
N THR A 12 -3.66 -8.04 -3.50
CA THR A 12 -3.77 -6.94 -2.52
C THR A 12 -2.39 -6.64 -1.90
N ILE A 13 -2.19 -5.39 -1.45
CA ILE A 13 -0.92 -4.97 -0.85
C ILE A 13 -1.19 -4.23 0.47
N ARG A 14 -0.23 -4.34 1.39
CA ARG A 14 -0.34 -3.72 2.71
C ARG A 14 0.34 -2.36 2.75
N VAL A 15 -0.47 -1.34 3.06
CA VAL A 15 0.02 0.04 3.16
C VAL A 15 0.14 0.42 4.64
N PHE A 16 1.16 1.21 4.97
CA PHE A 16 1.36 1.63 6.36
C PHE A 16 0.64 2.96 6.63
N LEU A 17 -0.38 2.89 7.49
CA LEU A 17 -1.17 4.00 7.89
C LEU A 17 -0.85 4.44 9.32
N PRO A 18 -0.65 5.77 9.57
CA PRO A 18 -0.33 6.30 10.92
C PRO A 18 -1.40 5.92 11.95
N ASN A 19 -1.01 5.92 13.25
CA ASN A 19 -1.90 5.59 14.38
C ASN A 19 -2.18 4.07 14.46
N LYS A 20 -1.18 3.26 14.04
CA LYS A 20 -1.25 1.77 14.05
C LYS A 20 -2.38 1.21 13.17
N GLN A 21 -2.73 1.93 12.09
CA GLN A 21 -3.79 1.47 11.18
C GLN A 21 -3.18 0.74 9.97
N ARG A 22 -3.85 -0.33 9.55
CA ARG A 22 -3.39 -1.14 8.41
C ARG A 22 -4.56 -1.53 7.50
N THR A 23 -4.38 -1.31 6.19
CA THR A 23 -5.41 -1.65 5.20
C THR A 23 -4.76 -2.13 3.89
N VAL A 24 -5.36 -3.15 3.27
CA VAL A 24 -4.87 -3.70 2.04
C VAL A 24 -5.61 -3.07 0.85
N VAL A 25 -4.98 -3.11 -0.33
CA VAL A 25 -5.58 -2.53 -1.53
C VAL A 25 -5.37 -3.44 -2.75
N ASN A 26 -6.37 -3.46 -3.62
CA ASN A 26 -6.32 -4.23 -4.85
C ASN A 26 -6.12 -3.27 -6.01
N VAL A 27 -5.32 -3.69 -6.98
CA VAL A 27 -5.03 -2.85 -8.14
C VAL A 27 -5.18 -3.59 -9.47
N ARG A 28 -5.52 -2.83 -10.50
CA ARG A 28 -5.71 -3.34 -11.86
C ARG A 28 -4.40 -3.24 -12.64
N ASN A 29 -4.17 -4.19 -13.56
CA ASN A 29 -2.94 -4.20 -14.38
C ASN A 29 -2.79 -2.89 -15.16
N GLY A 30 -1.65 -2.22 -14.93
CA GLY A 30 -1.38 -0.94 -15.58
C GLY A 30 -1.56 0.23 -14.61
N MET A 31 -1.80 -0.09 -13.33
CA MET A 31 -2.00 0.90 -12.27
C MET A 31 -0.67 1.41 -11.72
N SER A 32 -0.70 2.63 -11.18
CA SER A 32 0.50 3.24 -10.60
C SER A 32 0.40 3.30 -9.07
N LEU A 33 1.53 3.59 -8.40
CA LEU A 33 1.59 3.67 -6.94
C LEU A 33 0.72 4.82 -6.39
N HIS A 34 0.72 5.96 -7.09
CA HIS A 34 -0.08 7.14 -6.68
C HIS A 34 -1.54 6.72 -6.52
N ASP A 35 -1.99 5.86 -7.43
CA ASP A 35 -3.35 5.32 -7.45
C ASP A 35 -3.54 4.27 -6.33
N CYS A 36 -2.44 3.60 -5.90
CA CYS A 36 -2.52 2.55 -4.87
C CYS A 36 -3.09 3.07 -3.53
N LEU A 37 -2.93 4.39 -3.30
CA LEU A 37 -3.42 5.03 -2.09
C LEU A 37 -4.82 5.63 -2.29
N MET A 38 -5.32 5.61 -3.54
CA MET A 38 -6.64 6.17 -3.89
C MET A 38 -7.80 5.33 -3.32
N LYS A 39 -7.65 3.99 -3.37
CA LYS A 39 -8.68 3.06 -2.88
C LYS A 39 -8.78 3.06 -1.35
N ALA A 40 -7.62 3.16 -0.68
CA ALA A 40 -7.54 3.17 0.78
C ALA A 40 -8.04 4.50 1.37
N LEU A 41 -7.64 5.60 0.73
CA LEU A 41 -8.03 6.94 1.13
C LEU A 41 -9.49 7.28 0.80
N LYS A 42 -10.04 6.61 -0.22
CA LYS A 42 -11.41 6.89 -0.72
C LYS A 42 -12.44 6.70 0.39
N VAL A 43 -12.10 5.78 1.28
CA VAL A 43 -12.92 5.40 2.42
C VAL A 43 -12.91 6.46 3.53
N ARG A 44 -11.77 7.15 3.71
CA ARG A 44 -11.66 8.16 4.76
C ARG A 44 -11.71 9.60 4.23
N GLY A 45 -11.36 9.81 2.95
CA GLY A 45 -11.45 11.14 2.36
C GLY A 45 -10.41 12.13 2.88
N LEU A 46 -9.24 11.61 3.30
CA LEU A 46 -8.18 12.47 3.87
C LEU A 46 -7.26 13.02 2.79
N GLN A 47 -6.78 14.24 3.01
CA GLN A 47 -5.87 14.91 2.07
C GLN A 47 -4.53 15.26 2.74
N PRO A 48 -3.45 14.46 2.49
CA PRO A 48 -2.12 14.71 3.07
C PRO A 48 -1.30 15.74 2.29
N GLU A 49 -0.20 16.21 2.89
CA GLU A 49 0.68 17.19 2.26
C GLU A 49 1.80 16.50 1.48
N CYS A 50 2.61 15.69 2.20
CA CYS A 50 3.72 14.95 1.59
C CYS A 50 3.73 13.51 2.07
N CYS A 51 3.92 12.57 1.14
CA CYS A 51 3.97 11.14 1.46
C CYS A 51 4.96 10.42 0.55
N ALA A 52 5.64 9.42 1.12
CA ALA A 52 6.62 8.63 0.38
C ALA A 52 6.45 7.16 0.64
N VAL A 53 6.67 6.33 -0.39
CA VAL A 53 6.47 4.89 -0.27
C VAL A 53 7.77 4.11 -0.43
N PHE A 54 7.82 3.00 0.30
CA PHE A 54 8.93 2.08 0.26
C PHE A 54 8.40 0.67 0.38
N ARG A 55 8.85 -0.17 -0.52
CA ARG A 55 8.51 -1.60 -0.52
C ARG A 55 9.62 -2.38 0.19
N LEU A 56 9.22 -3.25 1.12
CA LEU A 56 10.16 -4.07 1.90
C LEU A 56 10.66 -5.28 1.11
N LEU A 57 11.96 -5.57 1.27
CA LEU A 57 12.60 -6.69 0.60
C LEU A 57 12.34 -8.00 1.34
N HIS A 58 11.68 -8.95 0.68
CA HIS A 58 11.35 -10.24 1.28
C HIS A 58 11.89 -11.40 0.43
N GLU A 59 13.01 -11.15 -0.27
CA GLU A 59 13.65 -12.15 -1.13
C GLU A 59 14.63 -13.03 -0.34
N HIS A 60 15.39 -12.41 0.57
CA HIS A 60 16.37 -13.13 1.40
C HIS A 60 16.50 -12.51 2.79
N LYS A 61 16.74 -11.20 2.80
CA LYS A 61 16.92 -10.45 4.03
C LYS A 61 15.95 -9.26 4.12
N GLY A 62 15.77 -8.74 5.34
CA GLY A 62 14.88 -7.60 5.55
C GLY A 62 15.59 -6.27 5.41
N LYS A 63 15.32 -5.57 4.29
CA LYS A 63 15.95 -4.29 4.00
C LYS A 63 14.88 -3.23 3.66
N LYS A 64 15.29 -2.14 2.99
CA LYS A 64 14.40 -1.05 2.60
C LYS A 64 14.61 -0.73 1.14
N ALA A 65 13.51 -0.64 0.37
CA ALA A 65 13.61 -0.36 -1.05
C ALA A 65 12.80 0.87 -1.46
N ARG A 66 13.50 1.81 -2.08
CA ARG A 66 12.92 3.04 -2.58
C ARG A 66 12.35 2.82 -3.99
N LEU A 67 11.07 3.10 -4.14
CA LEU A 67 10.38 2.94 -5.42
C LEU A 67 9.78 4.27 -5.87
N ASP A 68 9.37 4.33 -7.14
CA ASP A 68 8.78 5.54 -7.71
C ASP A 68 7.27 5.56 -7.47
N TRP A 69 6.73 6.76 -7.26
CA TRP A 69 5.29 6.93 -7.01
C TRP A 69 4.45 6.67 -8.27
N ASN A 70 5.10 6.75 -9.44
CA ASN A 70 4.44 6.52 -10.73
C ASN A 70 4.74 5.08 -11.25
N THR A 71 5.15 4.19 -10.34
CA THR A 71 5.47 2.80 -10.69
C THR A 71 4.22 1.92 -10.71
N ASP A 72 4.29 0.80 -11.45
CA ASP A 72 3.17 -0.14 -11.58
C ASP A 72 2.82 -0.79 -10.23
N ALA A 73 1.59 -0.52 -9.76
CA ALA A 73 1.08 -1.05 -8.48
C ALA A 73 0.85 -2.55 -8.51
N ALA A 74 0.43 -3.07 -9.69
CA ALA A 74 0.19 -4.51 -9.87
C ALA A 74 1.51 -5.30 -9.90
N SER A 75 2.62 -4.57 -10.05
CA SER A 75 3.96 -5.16 -10.06
C SER A 75 4.47 -5.43 -8.64
N LEU A 76 3.86 -4.72 -7.68
CA LEU A 76 4.20 -4.86 -6.26
C LEU A 76 3.08 -5.57 -5.49
N ILE A 77 2.19 -6.26 -6.24
CA ILE A 77 1.05 -6.97 -5.67
C ILE A 77 1.49 -8.12 -4.73
N GLY A 78 0.77 -8.27 -3.61
CA GLY A 78 1.09 -9.31 -2.63
C GLY A 78 2.19 -8.89 -1.66
N GLU A 79 2.88 -7.80 -1.98
CA GLU A 79 3.98 -7.27 -1.16
C GLU A 79 3.43 -6.27 -0.13
N GLU A 80 4.32 -5.42 0.43
CA GLU A 80 3.93 -4.41 1.42
C GLU A 80 4.64 -3.08 1.13
N LEU A 81 3.94 -1.97 1.36
CA LEU A 81 4.51 -0.64 1.15
C LEU A 81 4.50 0.17 2.44
N GLN A 82 5.32 1.23 2.45
CA GLN A 82 5.44 2.09 3.62
C GLN A 82 5.58 3.55 3.24
N VAL A 83 4.77 4.42 3.85
CA VAL A 83 4.84 5.85 3.55
C VAL A 83 5.21 6.68 4.77
N ASP A 84 5.99 7.72 4.51
CA ASP A 84 6.49 8.62 5.56
C ASP A 84 6.27 10.09 5.19
N PHE A 85 6.51 10.97 6.19
CA PHE A 85 6.38 12.42 6.03
C PHE A 85 7.51 13.02 5.20
N LEU A 86 7.18 14.04 4.40
CA LEU A 86 8.14 14.75 3.52
C LEU A 86 8.89 13.81 2.58
N GLY A 1 -24.96 -22.74 15.94
CA GLY A 1 -23.62 -22.16 15.62
C GLY A 1 -23.32 -22.16 14.12
N PRO A 2 -24.02 -21.30 13.31
CA PRO A 2 -23.79 -21.23 11.85
C PRO A 2 -22.54 -20.44 11.46
N LEU A 3 -22.22 -19.39 12.27
CA LEU A 3 -21.07 -18.50 12.06
C LEU A 3 -20.98 -17.92 10.62
N GLY A 4 -20.51 -18.75 9.67
CA GLY A 4 -20.39 -18.31 8.29
C GLY A 4 -19.13 -18.81 7.63
N SER A 5 -18.41 -17.90 6.96
CA SER A 5 -17.17 -18.23 6.27
C SER A 5 -16.03 -17.30 6.70
N PRO A 6 -14.75 -17.78 6.72
CA PRO A 6 -13.59 -16.95 7.12
C PRO A 6 -13.33 -15.77 6.17
N SER A 7 -12.53 -14.81 6.63
CA SER A 7 -12.19 -13.61 5.85
C SER A 7 -10.92 -13.82 5.03
N LYS A 8 -11.02 -13.56 3.72
CA LYS A 8 -9.89 -13.70 2.80
C LYS A 8 -9.77 -12.48 1.91
N THR A 9 -8.56 -11.92 1.84
CA THR A 9 -8.29 -10.73 1.02
C THR A 9 -7.63 -11.10 -0.30
N SER A 10 -8.26 -10.69 -1.40
CA SER A 10 -7.75 -10.97 -2.74
C SER A 10 -7.10 -9.72 -3.35
N ASN A 11 -5.80 -9.84 -3.68
CA ASN A 11 -5.01 -8.74 -4.27
C ASN A 11 -5.02 -7.47 -3.38
N THR A 12 -4.11 -7.45 -2.40
CA THR A 12 -3.99 -6.32 -1.46
C THR A 12 -2.54 -6.08 -1.04
N ILE A 13 -2.22 -4.84 -0.68
CA ILE A 13 -0.87 -4.45 -0.27
C ILE A 13 -0.92 -3.60 1.00
N ARG A 14 0.13 -3.70 1.80
CA ARG A 14 0.22 -2.96 3.06
C ARG A 14 0.99 -1.66 2.90
N VAL A 15 0.32 -0.57 3.25
CA VAL A 15 0.90 0.77 3.17
C VAL A 15 1.32 1.21 4.58
N PHE A 16 2.42 1.97 4.68
CA PHE A 16 2.88 2.42 6.00
C PHE A 16 2.27 3.79 6.34
N LEU A 17 1.43 3.77 7.38
CA LEU A 17 0.74 4.91 7.89
C LEU A 17 1.33 5.37 9.24
N PRO A 18 1.68 6.68 9.41
CA PRO A 18 2.24 7.19 10.69
C PRO A 18 1.23 7.00 11.85
N ASN A 19 1.77 6.98 13.09
CA ASN A 19 0.95 6.80 14.33
C ASN A 19 0.56 5.32 14.53
N LYS A 20 1.36 4.42 13.93
CA LYS A 20 1.18 2.95 14.01
C LYS A 20 -0.11 2.44 13.32
N GLN A 21 -0.53 3.13 12.24
CA GLN A 21 -1.72 2.71 11.50
C GLN A 21 -1.35 1.84 10.31
N ARG A 22 -2.21 0.88 10.00
CA ARG A 22 -1.99 -0.05 8.88
C ARG A 22 -3.28 -0.31 8.11
N THR A 23 -3.23 -0.17 6.79
CA THR A 23 -4.39 -0.40 5.93
C THR A 23 -3.98 -1.01 4.59
N VAL A 24 -4.71 -2.07 4.16
CA VAL A 24 -4.44 -2.74 2.92
C VAL A 24 -5.34 -2.19 1.81
N VAL A 25 -4.89 -2.30 0.57
CA VAL A 25 -5.66 -1.81 -0.57
C VAL A 25 -5.60 -2.78 -1.75
N ASN A 26 -6.70 -2.86 -2.49
CA ASN A 26 -6.78 -3.71 -3.66
C ASN A 26 -6.68 -2.85 -4.92
N VAL A 27 -5.91 -3.32 -5.91
CA VAL A 27 -5.72 -2.55 -7.15
C VAL A 27 -6.00 -3.40 -8.38
N ARG A 28 -6.45 -2.73 -9.45
CA ARG A 28 -6.75 -3.37 -10.72
C ARG A 28 -5.55 -3.27 -11.68
N ASN A 29 -5.39 -4.29 -12.54
CA ASN A 29 -4.28 -4.33 -13.51
C ASN A 29 -4.19 -3.06 -14.37
N GLY A 30 -3.02 -2.41 -14.31
CA GLY A 30 -2.81 -1.17 -15.04
C GLY A 30 -2.82 0.05 -14.13
N MET A 31 -2.91 -0.19 -12.82
CA MET A 31 -2.93 0.85 -11.80
C MET A 31 -1.53 1.33 -11.44
N SER A 32 -1.45 2.58 -10.96
CA SER A 32 -0.18 3.17 -10.56
C SER A 32 -0.14 3.35 -9.03
N LEU A 33 1.06 3.62 -8.49
CA LEU A 33 1.25 3.81 -7.05
C LEU A 33 0.49 5.03 -6.53
N HIS A 34 0.47 6.11 -7.33
CA HIS A 34 -0.25 7.36 -6.97
C HIS A 34 -1.71 7.04 -6.65
N ASP A 35 -2.26 6.10 -7.44
CA ASP A 35 -3.63 5.62 -7.28
C ASP A 35 -3.78 4.70 -6.06
N CYS A 36 -2.68 4.03 -5.65
CA CYS A 36 -2.71 3.09 -4.51
C CYS A 36 -3.07 3.77 -3.18
N LEU A 37 -2.77 5.08 -3.09
CA LEU A 37 -3.06 5.85 -1.87
C LEU A 37 -4.44 6.52 -1.92
N MET A 38 -5.08 6.51 -3.11
CA MET A 38 -6.41 7.10 -3.30
C MET A 38 -7.51 6.34 -2.55
N LYS A 39 -7.38 5.01 -2.47
CA LYS A 39 -8.36 4.15 -1.79
C LYS A 39 -8.31 4.32 -0.27
N ALA A 40 -7.08 4.45 0.28
CA ALA A 40 -6.87 4.62 1.72
C ALA A 40 -7.25 6.03 2.20
N LEU A 41 -6.86 7.04 1.42
CA LEU A 41 -7.13 8.44 1.68
C LEU A 41 -8.59 8.85 1.45
N LYS A 42 -9.28 8.08 0.59
CA LYS A 42 -10.67 8.38 0.19
C LYS A 42 -11.57 8.53 1.41
N VAL A 43 -11.20 7.79 2.44
CA VAL A 43 -11.89 7.76 3.73
C VAL A 43 -11.92 9.15 4.41
N ARG A 44 -10.81 9.90 4.26
CA ARG A 44 -10.73 11.24 4.86
C ARG A 44 -10.84 12.35 3.79
N GLY A 45 -10.53 12.02 2.53
CA GLY A 45 -10.66 12.98 1.43
C GLY A 45 -9.66 14.13 1.43
N LEU A 46 -8.52 13.95 2.12
CA LEU A 46 -7.51 15.02 2.20
C LEU A 46 -6.09 14.48 2.07
N GLN A 47 -5.24 15.25 1.38
CA GLN A 47 -3.83 14.89 1.17
C GLN A 47 -2.92 16.07 1.52
N PRO A 48 -2.51 16.21 2.83
CA PRO A 48 -1.62 17.30 3.27
C PRO A 48 -0.14 17.03 3.00
N GLU A 49 0.61 18.09 2.62
CA GLU A 49 2.06 18.00 2.32
C GLU A 49 2.35 16.95 1.23
N CYS A 50 3.61 16.54 1.11
CA CYS A 50 4.01 15.54 0.10
C CYS A 50 4.38 14.22 0.77
N CYS A 51 4.17 13.12 0.04
CA CYS A 51 4.47 11.79 0.55
C CYS A 51 5.42 11.03 -0.37
N ALA A 52 6.05 9.99 0.18
CA ALA A 52 7.01 9.17 -0.56
C ALA A 52 6.80 7.70 -0.22
N VAL A 53 6.99 6.83 -1.21
CA VAL A 53 6.81 5.41 -1.00
C VAL A 53 8.12 4.63 -1.23
N PHE A 54 8.27 3.57 -0.43
CA PHE A 54 9.41 2.68 -0.52
C PHE A 54 8.98 1.25 -0.27
N ARG A 55 9.39 0.37 -1.16
CA ARG A 55 9.11 -1.07 -1.01
C ARG A 55 10.29 -1.77 -0.36
N LEU A 56 10.02 -2.54 0.71
CA LEU A 56 11.06 -3.26 1.45
C LEU A 56 11.55 -4.49 0.70
N LEU A 57 12.86 -4.76 0.81
CA LEU A 57 13.50 -5.89 0.15
C LEU A 57 13.30 -7.17 0.98
N HIS A 58 13.02 -8.29 0.28
CA HIS A 58 12.80 -9.61 0.93
C HIS A 58 11.55 -9.58 1.85
N GLU A 59 11.28 -10.72 2.53
CA GLU A 59 10.13 -10.84 3.44
C GLU A 59 10.40 -10.19 4.81
N HIS A 60 11.64 -10.31 5.29
CA HIS A 60 12.04 -9.75 6.58
C HIS A 60 12.71 -8.38 6.41
N LYS A 61 13.30 -7.87 7.50
CA LYS A 61 13.99 -6.58 7.52
C LYS A 61 15.41 -6.70 6.97
N GLY A 62 15.90 -5.63 6.34
CA GLY A 62 17.24 -5.63 5.78
C GLY A 62 17.63 -4.29 5.17
N LYS A 63 17.01 -3.96 4.03
CA LYS A 63 17.29 -2.72 3.32
C LYS A 63 15.99 -2.00 2.94
N LYS A 64 16.13 -0.96 2.11
CA LYS A 64 15.01 -0.15 1.64
C LYS A 64 15.17 0.09 0.15
N ALA A 65 14.05 0.14 -0.54
CA ALA A 65 14.05 0.31 -1.99
C ALA A 65 13.15 1.44 -2.45
N ARG A 66 13.75 2.36 -3.21
CA ARG A 66 13.04 3.49 -3.78
C ARG A 66 12.38 3.10 -5.09
N LEU A 67 11.07 3.34 -5.17
CA LEU A 67 10.27 3.02 -6.35
C LEU A 67 9.61 4.28 -6.91
N ASP A 68 9.09 4.18 -8.13
CA ASP A 68 8.44 5.31 -8.79
C ASP A 68 6.97 5.39 -8.38
N TRP A 69 6.50 6.62 -8.15
CA TRP A 69 5.11 6.87 -7.73
C TRP A 69 4.12 6.55 -8.87
N ASN A 70 4.62 6.51 -10.11
CA ASN A 70 3.81 6.20 -11.28
C ASN A 70 4.00 4.73 -11.72
N THR A 71 4.49 3.89 -10.79
CA THR A 71 4.72 2.46 -11.07
C THR A 71 3.44 1.65 -10.92
N ASP A 72 3.39 0.49 -11.60
CA ASP A 72 2.22 -0.41 -11.55
C ASP A 72 1.97 -0.95 -10.13
N ALA A 73 0.80 -0.59 -9.58
CA ALA A 73 0.40 -1.01 -8.23
C ALA A 73 0.10 -2.51 -8.16
N ALA A 74 -0.47 -3.06 -9.25
CA ALA A 74 -0.80 -4.49 -9.34
C ALA A 74 0.46 -5.35 -9.49
N SER A 75 1.59 -4.69 -9.82
CA SER A 75 2.88 -5.36 -9.98
C SER A 75 3.54 -5.65 -8.63
N LEU A 76 3.07 -4.94 -7.59
CA LEU A 76 3.60 -5.11 -6.24
C LEU A 76 2.51 -5.66 -5.30
N ILE A 77 1.50 -6.30 -5.90
CA ILE A 77 0.37 -6.88 -5.16
C ILE A 77 0.83 -8.00 -4.20
N GLY A 78 0.24 -8.04 -3.00
CA GLY A 78 0.60 -9.04 -2.00
C GLY A 78 1.84 -8.65 -1.18
N GLU A 79 2.57 -7.64 -1.66
CA GLU A 79 3.78 -7.15 -1.01
C GLU A 79 3.43 -6.03 0.00
N GLU A 80 4.42 -5.21 0.37
CA GLU A 80 4.22 -4.08 1.30
C GLU A 80 5.03 -2.88 0.86
N LEU A 81 4.45 -1.67 1.04
CA LEU A 81 5.14 -0.42 0.70
C LEU A 81 5.19 0.52 1.88
N GLN A 82 6.08 1.49 1.80
CA GLN A 82 6.30 2.44 2.91
C GLN A 82 6.10 3.87 2.49
N VAL A 83 5.48 4.65 3.39
CA VAL A 83 5.23 6.06 3.14
C VAL A 83 5.90 6.92 4.22
N ASP A 84 6.72 7.88 3.76
CA ASP A 84 7.44 8.78 4.67
C ASP A 84 7.30 10.24 4.21
N PHE A 85 7.75 11.16 5.08
CA PHE A 85 7.69 12.60 4.83
C PHE A 85 8.78 13.05 3.84
N LEU A 86 8.42 14.00 2.97
CA LEU A 86 9.34 14.54 1.98
C LEU A 86 10.10 15.76 2.51
N GLY A 1 -30.06 -11.34 3.79
CA GLY A 1 -29.28 -10.41 2.93
C GLY A 1 -27.98 -9.97 3.59
N PRO A 2 -26.93 -10.85 3.63
CA PRO A 2 -25.63 -10.51 4.24
C PRO A 2 -24.77 -9.61 3.35
N LEU A 3 -23.48 -9.46 3.72
CA LEU A 3 -22.54 -8.63 2.96
C LEU A 3 -21.66 -9.49 2.06
N GLY A 4 -21.23 -8.90 0.93
CA GLY A 4 -20.39 -9.60 -0.02
C GLY A 4 -18.91 -9.29 0.16
N SER A 5 -18.44 -9.46 1.39
CA SER A 5 -17.03 -9.19 1.72
C SER A 5 -16.26 -10.51 1.94
N PRO A 6 -14.96 -10.58 1.52
CA PRO A 6 -14.14 -11.80 1.67
C PRO A 6 -13.73 -12.07 3.13
N SER A 7 -13.54 -13.36 3.45
CA SER A 7 -13.14 -13.78 4.79
C SER A 7 -11.63 -13.97 4.89
N LYS A 8 -11.02 -14.50 3.82
CA LYS A 8 -9.58 -14.74 3.78
C LYS A 8 -8.87 -13.56 3.08
N THR A 9 -7.56 -13.42 3.32
CA THR A 9 -6.76 -12.35 2.74
C THR A 9 -6.22 -12.75 1.36
N SER A 10 -6.70 -12.04 0.33
CA SER A 10 -6.28 -12.29 -1.05
C SER A 10 -5.87 -11.00 -1.75
N ASN A 11 -4.60 -10.96 -2.21
CA ASN A 11 -4.02 -9.79 -2.91
C ASN A 11 -4.16 -8.48 -2.09
N THR A 12 -3.24 -8.31 -1.13
CA THR A 12 -3.24 -7.12 -0.25
C THR A 12 -1.80 -6.73 0.11
N ILE A 13 -1.60 -5.44 0.40
CA ILE A 13 -0.26 -4.91 0.75
C ILE A 13 -0.37 -4.03 2.00
N ARG A 14 0.71 -4.01 2.80
CA ARG A 14 0.74 -3.23 4.02
C ARG A 14 1.39 -1.87 3.79
N VAL A 15 0.66 -0.82 4.14
CA VAL A 15 1.14 0.56 3.98
C VAL A 15 1.56 1.09 5.35
N PHE A 16 2.60 1.92 5.38
CA PHE A 16 3.06 2.49 6.65
C PHE A 16 2.36 3.82 6.93
N LEU A 17 1.54 3.81 7.99
CA LEU A 17 0.79 4.94 8.44
C LEU A 17 1.35 5.48 9.76
N PRO A 18 1.62 6.83 9.86
CA PRO A 18 2.13 7.43 11.12
C PRO A 18 1.10 7.33 12.24
N ASN A 19 1.57 7.40 13.51
CA ASN A 19 0.71 7.31 14.72
C ASN A 19 0.37 5.84 15.04
N LYS A 20 1.23 4.91 14.58
CA LYS A 20 1.10 3.46 14.81
C LYS A 20 -0.13 2.83 14.09
N GLN A 21 -0.52 3.40 12.94
CA GLN A 21 -1.65 2.86 12.17
C GLN A 21 -1.17 1.91 11.09
N ARG A 22 -1.92 0.82 10.89
CA ARG A 22 -1.59 -0.19 9.87
C ARG A 22 -2.84 -0.67 9.13
N THR A 23 -2.81 -0.59 7.79
CA THR A 23 -3.94 -1.03 6.97
C THR A 23 -3.46 -1.66 5.65
N VAL A 24 -4.09 -2.77 5.27
CA VAL A 24 -3.76 -3.47 4.05
C VAL A 24 -4.71 -3.01 2.93
N VAL A 25 -4.28 -3.16 1.68
CA VAL A 25 -5.10 -2.74 0.54
C VAL A 25 -5.01 -3.75 -0.60
N ASN A 26 -6.14 -3.92 -1.30
CA ASN A 26 -6.21 -4.81 -2.45
C ASN A 26 -6.23 -3.97 -3.71
N VAL A 27 -5.53 -4.44 -4.73
CA VAL A 27 -5.43 -3.72 -6.00
C VAL A 27 -5.67 -4.64 -7.20
N ARG A 28 -6.18 -4.05 -8.27
CA ARG A 28 -6.45 -4.78 -9.52
C ARG A 28 -5.32 -4.57 -10.52
N ASN A 29 -5.06 -5.59 -11.35
CA ASN A 29 -3.98 -5.55 -12.37
C ASN A 29 -4.07 -4.28 -13.24
N GLY A 30 -2.97 -3.52 -13.24
CA GLY A 30 -2.91 -2.28 -14.00
C GLY A 30 -3.00 -1.05 -13.10
N MET A 31 -3.01 -1.28 -11.78
CA MET A 31 -3.10 -0.21 -10.77
C MET A 31 -1.73 0.40 -10.48
N SER A 32 -1.73 1.66 -10.05
CA SER A 32 -0.51 2.37 -9.71
C SER A 32 -0.42 2.59 -8.20
N LEU A 33 0.78 2.96 -7.71
CA LEU A 33 1.01 3.21 -6.28
C LEU A 33 0.17 4.38 -5.77
N HIS A 34 0.02 5.42 -6.60
CA HIS A 34 -0.78 6.60 -6.24
C HIS A 34 -2.21 6.16 -5.89
N ASP A 35 -2.68 5.16 -6.63
CA ASP A 35 -3.99 4.56 -6.43
C ASP A 35 -4.04 3.68 -5.18
N CYS A 36 -2.87 3.13 -4.75
CA CYS A 36 -2.78 2.26 -3.58
C CYS A 36 -3.22 2.96 -2.28
N LEU A 37 -3.08 4.29 -2.24
CA LEU A 37 -3.45 5.08 -1.07
C LEU A 37 -4.91 5.58 -1.16
N MET A 38 -5.50 5.47 -2.36
CA MET A 38 -6.90 5.90 -2.60
C MET A 38 -7.92 5.12 -1.76
N LYS A 39 -7.68 3.81 -1.60
CA LYS A 39 -8.57 2.93 -0.83
C LYS A 39 -8.49 3.20 0.68
N ALA A 40 -7.28 3.43 1.19
CA ALA A 40 -7.05 3.69 2.62
C ALA A 40 -7.49 5.10 3.03
N LEU A 41 -7.19 6.09 2.20
CA LEU A 41 -7.54 7.50 2.44
C LEU A 41 -9.04 7.78 2.24
N LYS A 42 -9.66 6.95 1.42
CA LYS A 42 -11.09 7.09 1.02
C LYS A 42 -11.96 7.21 2.26
N VAL A 43 -11.48 6.59 3.32
CA VAL A 43 -12.13 6.57 4.62
C VAL A 43 -12.34 8.00 5.16
N ARG A 44 -11.35 8.87 4.89
CA ARG A 44 -11.41 10.28 5.31
C ARG A 44 -11.68 11.22 4.13
N GLY A 45 -11.38 10.77 2.89
CA GLY A 45 -11.64 11.59 1.70
C GLY A 45 -10.71 12.80 1.53
N LEU A 46 -9.48 12.72 2.06
CA LEU A 46 -8.54 13.83 1.98
C LEU A 46 -7.13 13.37 1.62
N GLN A 47 -6.51 14.08 0.68
CA GLN A 47 -5.14 13.76 0.23
C GLN A 47 -4.12 14.69 0.90
N PRO A 48 -2.94 14.14 1.36
CA PRO A 48 -1.90 14.95 2.02
C PRO A 48 -1.15 15.87 1.04
N GLU A 49 -0.28 16.74 1.59
CA GLU A 49 0.51 17.68 0.78
C GLU A 49 1.73 16.99 0.16
N CYS A 50 2.50 16.28 0.99
CA CYS A 50 3.69 15.55 0.54
C CYS A 50 3.72 14.15 1.14
N CYS A 51 4.02 13.16 0.29
CA CYS A 51 4.09 11.76 0.71
C CYS A 51 5.12 11.01 -0.12
N ALA A 52 5.72 9.97 0.47
CA ALA A 52 6.74 9.17 -0.20
C ALA A 52 6.62 7.71 0.21
N VAL A 53 6.82 6.81 -0.75
CA VAL A 53 6.71 5.38 -0.49
C VAL A 53 8.05 4.67 -0.75
N PHE A 54 8.29 3.64 0.05
CA PHE A 54 9.47 2.81 -0.08
C PHE A 54 9.11 1.37 0.21
N ARG A 55 9.53 0.51 -0.69
CA ARG A 55 9.34 -0.94 -0.54
C ARG A 55 10.61 -1.56 0.06
N LEU A 56 10.43 -2.30 1.17
CA LEU A 56 11.54 -2.94 1.88
C LEU A 56 12.03 -4.19 1.14
N LEU A 57 13.35 -4.37 1.14
CA LEU A 57 13.99 -5.51 0.48
C LEU A 57 13.92 -6.77 1.36
N HIS A 58 13.15 -7.75 0.90
CA HIS A 58 12.97 -9.01 1.64
C HIS A 58 13.77 -10.16 1.00
N GLU A 59 14.60 -9.81 -0.01
CA GLU A 59 15.43 -10.79 -0.72
C GLU A 59 16.78 -11.02 -0.03
N HIS A 60 17.33 -9.95 0.55
CA HIS A 60 18.62 -10.02 1.24
C HIS A 60 18.42 -10.20 2.75
N LYS A 61 18.37 -9.08 3.48
CA LYS A 61 18.19 -9.08 4.93
C LYS A 61 17.22 -8.01 5.37
N GLY A 62 17.52 -6.77 5.02
CA GLY A 62 16.66 -5.67 5.37
C GLY A 62 17.24 -4.33 4.99
N LYS A 63 16.79 -3.80 3.84
CA LYS A 63 17.25 -2.50 3.34
C LYS A 63 16.07 -1.59 2.99
N LYS A 64 16.33 -0.54 2.19
CA LYS A 64 15.31 0.43 1.79
C LYS A 64 15.37 0.63 0.29
N ALA A 65 14.21 0.52 -0.38
CA ALA A 65 14.15 0.66 -1.83
C ALA A 65 13.18 1.76 -2.26
N ARG A 66 13.72 2.69 -3.04
CA ARG A 66 12.94 3.80 -3.59
C ARG A 66 12.23 3.35 -4.87
N LEU A 67 10.91 3.52 -4.86
CA LEU A 67 10.07 3.15 -6.00
C LEU A 67 9.31 4.36 -6.53
N ASP A 68 8.73 4.21 -7.73
CA ASP A 68 7.97 5.28 -8.36
C ASP A 68 6.51 5.25 -7.90
N TRP A 69 5.95 6.44 -7.68
CA TRP A 69 4.56 6.57 -7.23
C TRP A 69 3.55 6.14 -8.31
N ASN A 70 4.01 6.12 -9.56
CA ASN A 70 3.17 5.71 -10.69
C ASN A 70 3.47 4.25 -11.10
N THR A 71 4.06 3.47 -10.18
CA THR A 71 4.41 2.07 -10.45
C THR A 71 3.21 1.15 -10.21
N ASP A 72 3.23 -0.03 -10.85
CA ASP A 72 2.15 -1.02 -10.74
C ASP A 72 2.01 -1.55 -9.30
N ALA A 73 0.84 -1.26 -8.69
CA ALA A 73 0.54 -1.69 -7.31
C ALA A 73 0.36 -3.21 -7.20
N ALA A 74 -0.20 -3.84 -8.25
CA ALA A 74 -0.40 -5.29 -8.28
C ALA A 74 0.92 -6.05 -8.45
N SER A 75 1.98 -5.31 -8.82
CA SER A 75 3.32 -5.87 -9.00
C SER A 75 4.03 -6.07 -7.67
N LEU A 76 3.55 -5.37 -6.63
CA LEU A 76 4.12 -5.46 -5.29
C LEU A 76 3.10 -6.05 -4.30
N ILE A 77 2.12 -6.79 -4.85
CA ILE A 77 1.06 -7.43 -4.06
C ILE A 77 1.62 -8.47 -3.07
N GLY A 78 1.03 -8.50 -1.87
CA GLY A 78 1.46 -9.45 -0.83
C GLY A 78 2.66 -8.94 -0.03
N GLU A 79 3.30 -7.88 -0.54
CA GLU A 79 4.46 -7.27 0.09
C GLU A 79 4.04 -6.13 1.04
N GLU A 80 4.98 -5.24 1.39
CA GLU A 80 4.70 -4.09 2.27
C GLU A 80 5.45 -2.85 1.76
N LEU A 81 4.82 -1.68 1.87
CA LEU A 81 5.44 -0.43 1.44
C LEU A 81 5.50 0.56 2.59
N GLN A 82 6.36 1.57 2.43
CA GLN A 82 6.58 2.54 3.51
C GLN A 82 6.34 3.99 3.09
N VAL A 83 5.44 4.65 3.82
CA VAL A 83 5.10 6.05 3.56
C VAL A 83 5.77 6.97 4.58
N ASP A 84 6.52 7.96 4.07
CA ASP A 84 7.23 8.93 4.91
C ASP A 84 7.17 10.33 4.29
N PHE A 85 7.60 11.34 5.06
CA PHE A 85 7.61 12.74 4.61
C PHE A 85 8.73 13.00 3.60
N LEU A 86 8.39 13.72 2.52
CA LEU A 86 9.35 14.06 1.47
C LEU A 86 10.11 15.34 1.81
N GLY A 1 -16.32 -24.10 1.03
CA GLY A 1 -17.30 -24.54 2.05
C GLY A 1 -18.65 -23.84 1.90
N PRO A 2 -19.52 -23.85 2.96
CA PRO A 2 -20.85 -23.20 2.90
C PRO A 2 -20.76 -21.67 3.09
N LEU A 3 -21.92 -21.03 3.31
CA LEU A 3 -22.00 -19.59 3.50
C LEU A 3 -21.80 -19.21 4.97
N GLY A 4 -20.97 -18.19 5.21
CA GLY A 4 -20.71 -17.74 6.56
C GLY A 4 -20.20 -16.31 6.61
N SER A 5 -19.09 -16.09 7.32
CA SER A 5 -18.49 -14.77 7.45
C SER A 5 -17.00 -14.79 7.05
N PRO A 6 -16.61 -14.18 5.88
CA PRO A 6 -15.21 -14.15 5.41
C PRO A 6 -14.30 -13.34 6.34
N SER A 7 -13.11 -13.89 6.63
CA SER A 7 -12.14 -13.23 7.51
C SER A 7 -10.77 -13.10 6.82
N LYS A 8 -10.62 -13.75 5.67
CA LYS A 8 -9.36 -13.72 4.91
C LYS A 8 -9.38 -12.61 3.86
N THR A 9 -8.25 -11.92 3.73
CA THR A 9 -8.12 -10.81 2.77
C THR A 9 -7.39 -11.27 1.51
N SER A 10 -7.90 -10.83 0.35
CA SER A 10 -7.33 -11.18 -0.94
C SER A 10 -6.77 -9.94 -1.65
N ASN A 11 -5.48 -10.02 -2.04
CA ASN A 11 -4.76 -8.94 -2.74
C ASN A 11 -4.83 -7.61 -1.96
N THR A 12 -3.92 -7.45 -0.99
CA THR A 12 -3.86 -6.25 -0.15
C THR A 12 -2.42 -5.92 0.25
N ILE A 13 -2.16 -4.63 0.52
CA ILE A 13 -0.81 -4.16 0.90
C ILE A 13 -0.90 -3.27 2.13
N ARG A 14 0.16 -3.26 2.92
CA ARG A 14 0.23 -2.48 4.15
C ARG A 14 0.92 -1.14 3.91
N VAL A 15 0.19 -0.06 4.20
CA VAL A 15 0.70 1.30 4.03
C VAL A 15 1.07 1.86 5.41
N PHE A 16 2.14 2.67 5.48
CA PHE A 16 2.55 3.26 6.75
C PHE A 16 1.88 4.62 6.98
N LEU A 17 1.01 4.66 8.00
CA LEU A 17 0.28 5.81 8.39
C LEU A 17 0.82 6.39 9.71
N PRO A 18 1.12 7.72 9.78
CA PRO A 18 1.60 8.34 11.03
C PRO A 18 0.54 8.28 12.14
N ASN A 19 1.00 8.38 13.41
CA ASN A 19 0.12 8.32 14.61
C ASN A 19 -0.27 6.86 14.95
N LYS A 20 0.58 5.91 14.51
CA LYS A 20 0.39 4.45 14.74
C LYS A 20 -0.85 3.87 14.04
N GLN A 21 -1.21 4.43 12.87
CA GLN A 21 -2.36 3.93 12.11
C GLN A 21 -1.91 2.95 11.03
N ARG A 22 -2.75 1.94 10.77
CA ARG A 22 -2.46 0.91 9.76
C ARG A 22 -3.70 0.57 8.94
N THR A 23 -3.55 0.59 7.61
CA THR A 23 -4.65 0.28 6.71
C THR A 23 -4.15 -0.44 5.45
N VAL A 24 -4.82 -1.54 5.08
CA VAL A 24 -4.47 -2.32 3.92
C VAL A 24 -5.32 -1.87 2.72
N VAL A 25 -4.83 -2.11 1.51
CA VAL A 25 -5.57 -1.72 0.31
C VAL A 25 -5.49 -2.79 -0.77
N ASN A 26 -6.59 -2.94 -1.51
CA ASN A 26 -6.66 -3.89 -2.60
C ASN A 26 -6.57 -3.12 -3.92
N VAL A 27 -5.78 -3.65 -4.85
CA VAL A 27 -5.60 -2.99 -6.14
C VAL A 27 -5.84 -3.95 -7.31
N ARG A 28 -6.29 -3.38 -8.44
CA ARG A 28 -6.56 -4.16 -9.66
C ARG A 28 -5.39 -4.06 -10.62
N ASN A 29 -5.16 -5.13 -11.40
CA ASN A 29 -4.06 -5.20 -12.37
C ASN A 29 -4.04 -3.99 -13.30
N GLY A 30 -2.90 -3.29 -13.31
CA GLY A 30 -2.75 -2.09 -14.12
C GLY A 30 -2.80 -0.82 -13.28
N MET A 31 -2.87 -0.98 -11.95
CA MET A 31 -2.92 0.12 -11.00
C MET A 31 -1.53 0.66 -10.70
N SER A 32 -1.46 1.94 -10.31
CA SER A 32 -0.20 2.58 -9.97
C SER A 32 -0.14 2.86 -8.46
N LEU A 33 1.07 3.16 -7.95
CA LEU A 33 1.30 3.46 -6.54
C LEU A 33 0.53 4.70 -6.09
N HIS A 34 0.48 5.73 -6.97
CA HIS A 34 -0.26 6.97 -6.68
C HIS A 34 -1.72 6.65 -6.35
N ASP A 35 -2.24 5.64 -7.06
CA ASP A 35 -3.60 5.14 -6.87
C ASP A 35 -3.73 4.31 -5.58
N CYS A 36 -2.61 3.70 -5.11
CA CYS A 36 -2.62 2.86 -3.90
C CYS A 36 -3.03 3.64 -2.63
N LEU A 37 -2.79 4.96 -2.65
CA LEU A 37 -3.14 5.82 -1.51
C LEU A 37 -4.55 6.42 -1.64
N MET A 38 -5.02 6.57 -2.89
CA MET A 38 -6.35 7.13 -3.19
C MET A 38 -7.49 6.34 -2.54
N LYS A 39 -7.34 5.01 -2.51
CA LYS A 39 -8.35 4.11 -1.91
C LYS A 39 -8.39 4.20 -0.38
N ALA A 40 -7.20 4.25 0.25
CA ALA A 40 -7.08 4.34 1.71
C ALA A 40 -7.44 5.72 2.26
N LEU A 41 -6.99 6.77 1.56
CA LEU A 41 -7.23 8.17 1.93
C LEU A 41 -8.67 8.61 1.68
N LYS A 42 -9.31 7.93 0.72
CA LYS A 42 -10.68 8.26 0.26
C LYS A 42 -11.65 8.31 1.44
N VAL A 43 -11.30 7.52 2.45
CA VAL A 43 -12.05 7.41 3.69
C VAL A 43 -12.15 8.78 4.40
N ARG A 44 -11.07 9.56 4.31
CA ARG A 44 -11.03 10.91 4.90
C ARG A 44 -11.11 12.01 3.84
N GLY A 45 -10.76 11.69 2.58
CA GLY A 45 -10.85 12.66 1.48
C GLY A 45 -9.80 13.77 1.54
N LEU A 46 -8.64 13.48 2.14
CA LEU A 46 -7.57 14.47 2.28
C LEU A 46 -6.20 13.88 1.99
N GLN A 47 -5.39 14.61 1.22
CA GLN A 47 -4.04 14.18 0.85
C GLN A 47 -3.00 15.19 1.34
N PRO A 48 -1.80 14.71 1.83
CA PRO A 48 -0.72 15.60 2.31
C PRO A 48 -0.06 16.40 1.18
N GLU A 49 0.88 17.29 1.54
CA GLU A 49 1.60 18.12 0.57
C GLU A 49 2.66 17.30 -0.19
N CYS A 50 3.50 16.58 0.56
CA CYS A 50 4.55 15.74 -0.02
C CYS A 50 4.58 14.37 0.64
N CYS A 51 4.68 13.31 -0.17
CA CYS A 51 4.73 11.94 0.32
C CYS A 51 5.60 11.07 -0.57
N ALA A 52 6.32 10.12 0.05
CA ALA A 52 7.20 9.21 -0.68
C ALA A 52 7.04 7.79 -0.18
N VAL A 53 7.13 6.82 -1.09
CA VAL A 53 6.92 5.42 -0.73
C VAL A 53 8.17 4.58 -0.89
N PHE A 54 8.28 3.60 0.00
CA PHE A 54 9.35 2.64 0.00
C PHE A 54 8.79 1.29 0.41
N ARG A 55 9.11 0.30 -0.40
CA ARG A 55 8.73 -1.09 -0.13
C ARG A 55 9.89 -1.82 0.55
N LEU A 56 9.57 -2.65 1.56
CA LEU A 56 10.58 -3.41 2.30
C LEU A 56 11.04 -4.65 1.51
N LEU A 57 12.34 -4.96 1.61
CA LEU A 57 12.94 -6.10 0.91
C LEU A 57 12.54 -7.43 1.57
N HIS A 58 11.78 -8.24 0.81
CA HIS A 58 11.30 -9.54 1.31
C HIS A 58 11.95 -10.71 0.56
N GLU A 59 12.67 -10.42 -0.54
CA GLU A 59 13.33 -11.45 -1.34
C GLU A 59 14.67 -11.86 -0.72
N HIS A 60 15.40 -10.87 -0.20
CA HIS A 60 16.70 -11.08 0.46
C HIS A 60 16.87 -10.10 1.62
N LYS A 61 18.09 -10.02 2.16
CA LYS A 61 18.41 -9.11 3.26
C LYS A 61 18.53 -7.67 2.77
N GLY A 62 17.66 -6.81 3.29
CA GLY A 62 17.64 -5.40 2.92
C GLY A 62 16.83 -4.56 3.88
N LYS A 63 17.16 -3.27 3.96
CA LYS A 63 16.49 -2.36 4.86
C LYS A 63 15.39 -1.54 4.16
N LYS A 64 15.75 -0.83 3.09
CA LYS A 64 14.81 0.02 2.37
C LYS A 64 14.96 -0.11 0.87
N ALA A 65 13.84 -0.06 0.18
CA ALA A 65 13.81 -0.13 -1.27
C ALA A 65 13.00 1.01 -1.86
N ARG A 66 13.65 1.79 -2.72
CA ARG A 66 13.03 2.93 -3.38
C ARG A 66 12.33 2.50 -4.67
N LEU A 67 11.04 2.80 -4.74
CA LEU A 67 10.21 2.48 -5.89
C LEU A 67 9.61 3.76 -6.48
N ASP A 68 9.05 3.66 -7.69
CA ASP A 68 8.43 4.80 -8.36
C ASP A 68 6.97 4.95 -7.96
N TRP A 69 6.50 6.19 -7.87
CA TRP A 69 5.11 6.48 -7.48
C TRP A 69 4.11 6.09 -8.57
N ASN A 70 4.61 5.98 -9.81
CA ASN A 70 3.79 5.59 -10.96
C ASN A 70 3.97 4.11 -11.31
N THR A 71 4.47 3.32 -10.33
CA THR A 71 4.72 1.88 -10.51
C THR A 71 3.43 1.06 -10.29
N ASP A 72 3.39 -0.14 -10.87
CA ASP A 72 2.24 -1.04 -10.74
C ASP A 72 2.02 -1.47 -9.29
N ALA A 73 0.85 -1.08 -8.73
CA ALA A 73 0.48 -1.40 -7.35
C ALA A 73 0.21 -2.89 -7.15
N ALA A 74 -0.34 -3.55 -8.19
CA ALA A 74 -0.65 -4.99 -8.15
C ALA A 74 0.64 -5.83 -8.18
N SER A 75 1.75 -5.17 -8.54
CA SER A 75 3.08 -5.82 -8.59
C SER A 75 3.68 -5.90 -7.19
N LEU A 76 3.19 -5.03 -6.30
CA LEU A 76 3.65 -4.97 -4.91
C LEU A 76 2.57 -5.51 -3.96
N ILE A 77 1.64 -6.31 -4.51
CA ILE A 77 0.54 -6.90 -3.76
C ILE A 77 1.04 -7.94 -2.73
N GLY A 78 0.47 -7.89 -1.52
CA GLY A 78 0.85 -8.80 -0.45
C GLY A 78 2.10 -8.32 0.29
N GLU A 79 2.70 -7.26 -0.26
CA GLU A 79 3.91 -6.65 0.29
C GLU A 79 3.54 -5.49 1.23
N GLU A 80 4.51 -4.62 1.54
CA GLU A 80 4.28 -3.47 2.43
C GLU A 80 4.99 -2.23 1.89
N LEU A 81 4.36 -1.06 2.07
CA LEU A 81 4.94 0.20 1.62
C LEU A 81 5.12 1.17 2.78
N GLN A 82 5.96 2.18 2.55
CA GLN A 82 6.28 3.18 3.59
C GLN A 82 6.41 4.58 2.97
N VAL A 83 5.57 5.51 3.42
CA VAL A 83 5.63 6.88 2.92
C VAL A 83 6.14 7.87 3.95
N ASP A 84 6.91 8.84 3.47
CA ASP A 84 7.52 9.87 4.32
C ASP A 84 7.35 11.27 3.71
N PHE A 85 7.70 12.28 4.52
CA PHE A 85 7.64 13.69 4.12
C PHE A 85 8.85 14.09 3.26
N LEU A 86 8.61 14.98 2.29
CA LEU A 86 9.66 15.45 1.40
C LEU A 86 9.66 16.98 1.32
N GLY A 1 -27.94 -15.06 -2.95
CA GLY A 1 -27.84 -13.91 -2.01
C GLY A 1 -26.69 -12.97 -2.35
N PRO A 2 -26.77 -11.65 -1.97
CA PRO A 2 -25.69 -10.69 -2.25
C PRO A 2 -24.47 -10.84 -1.33
N LEU A 3 -23.57 -9.85 -1.36
CA LEU A 3 -22.35 -9.87 -0.54
C LEU A 3 -22.59 -9.22 0.82
N GLY A 4 -22.20 -9.93 1.89
CA GLY A 4 -22.36 -9.42 3.24
C GLY A 4 -21.06 -8.90 3.82
N SER A 5 -20.52 -9.62 4.79
CA SER A 5 -19.27 -9.25 5.44
C SER A 5 -18.26 -10.42 5.42
N PRO A 6 -17.41 -10.52 4.36
CA PRO A 6 -16.41 -11.60 4.24
C PRO A 6 -15.12 -11.31 5.01
N SER A 7 -14.50 -12.38 5.54
CA SER A 7 -13.25 -12.27 6.29
C SER A 7 -12.19 -13.21 5.72
N LYS A 8 -11.44 -12.72 4.73
CA LYS A 8 -10.38 -13.49 4.07
C LYS A 8 -9.23 -12.58 3.66
N THR A 9 -8.01 -13.14 3.67
CA THR A 9 -6.81 -12.38 3.29
C THR A 9 -6.29 -12.84 1.92
N SER A 10 -6.70 -12.11 0.88
CA SER A 10 -6.29 -12.40 -0.49
C SER A 10 -5.84 -11.13 -1.21
N ASN A 11 -4.57 -11.12 -1.66
CA ASN A 11 -3.95 -9.99 -2.38
C ASN A 11 -4.08 -8.67 -1.60
N THR A 12 -3.15 -8.45 -0.66
CA THR A 12 -3.14 -7.24 0.19
C THR A 12 -1.71 -6.82 0.52
N ILE A 13 -1.53 -5.52 0.79
CA ILE A 13 -0.20 -4.95 1.13
C ILE A 13 -0.34 -4.04 2.34
N ARG A 14 0.74 -3.97 3.12
CA ARG A 14 0.78 -3.15 4.33
C ARG A 14 1.41 -1.79 4.08
N VAL A 15 0.66 -0.75 4.43
CA VAL A 15 1.12 0.64 4.28
C VAL A 15 1.49 1.18 5.66
N PHE A 16 2.52 2.04 5.73
CA PHE A 16 2.94 2.61 7.01
C PHE A 16 2.21 3.93 7.29
N LEU A 17 1.36 3.90 8.31
CA LEU A 17 0.59 5.02 8.76
C LEU A 17 1.10 5.58 10.09
N PRO A 18 1.28 6.93 10.21
CA PRO A 18 1.77 7.57 11.45
C PRO A 18 0.91 7.23 12.67
N ASN A 19 1.51 7.35 13.88
CA ASN A 19 0.83 7.05 15.17
C ASN A 19 0.66 5.53 15.38
N LYS A 20 1.59 4.74 14.81
CA LYS A 20 1.60 3.26 14.92
C LYS A 20 0.35 2.59 14.31
N GLN A 21 -0.23 3.22 13.28
CA GLN A 21 -1.41 2.67 12.60
C GLN A 21 -1.01 1.86 11.37
N ARG A 22 -1.73 0.76 11.14
CA ARG A 22 -1.47 -0.13 10.00
C ARG A 22 -2.77 -0.58 9.34
N THR A 23 -2.79 -0.53 8.00
CA THR A 23 -3.96 -0.94 7.22
C THR A 23 -3.53 -1.59 5.90
N VAL A 24 -4.14 -2.74 5.56
CA VAL A 24 -3.83 -3.45 4.35
C VAL A 24 -4.83 -3.06 3.25
N VAL A 25 -4.40 -3.22 1.99
CA VAL A 25 -5.25 -2.88 0.84
C VAL A 25 -5.11 -3.92 -0.27
N ASN A 26 -6.22 -4.17 -0.96
CA ASN A 26 -6.25 -5.10 -2.08
C ASN A 26 -6.26 -4.31 -3.39
N VAL A 27 -5.48 -4.75 -4.36
CA VAL A 27 -5.40 -4.05 -5.65
C VAL A 27 -5.67 -4.96 -6.83
N ARG A 28 -6.20 -4.36 -7.90
CA ARG A 28 -6.53 -5.06 -9.14
C ARG A 28 -5.35 -4.99 -10.11
N ASN A 29 -5.19 -6.04 -10.94
CA ASN A 29 -4.09 -6.09 -11.92
C ASN A 29 -4.14 -4.91 -12.87
N GLY A 30 -3.05 -4.16 -12.91
CA GLY A 30 -2.95 -2.96 -13.74
C GLY A 30 -3.05 -1.69 -12.91
N MET A 31 -3.06 -1.86 -11.57
CA MET A 31 -3.15 -0.75 -10.61
C MET A 31 -1.78 -0.13 -10.35
N SER A 32 -1.78 1.15 -9.96
CA SER A 32 -0.54 1.87 -9.64
C SER A 32 -0.46 2.15 -8.14
N LEU A 33 0.75 2.53 -7.68
CA LEU A 33 1.00 2.84 -6.26
C LEU A 33 0.15 4.03 -5.79
N HIS A 34 -0.01 5.03 -6.66
CA HIS A 34 -0.83 6.22 -6.35
C HIS A 34 -2.26 5.77 -5.98
N ASP A 35 -2.70 4.73 -6.69
CA ASP A 35 -4.00 4.11 -6.47
C ASP A 35 -4.03 3.29 -5.17
N CYS A 36 -2.85 2.78 -4.73
CA CYS A 36 -2.76 1.96 -3.51
C CYS A 36 -3.10 2.74 -2.23
N LEU A 37 -2.89 4.07 -2.27
CA LEU A 37 -3.17 4.94 -1.12
C LEU A 37 -4.61 5.46 -1.13
N MET A 38 -5.29 5.35 -2.28
CA MET A 38 -6.69 5.81 -2.43
C MET A 38 -7.67 5.03 -1.54
N LYS A 39 -7.40 3.72 -1.39
CA LYS A 39 -8.24 2.83 -0.57
C LYS A 39 -8.09 3.11 0.93
N ALA A 40 -6.85 3.37 1.36
CA ALA A 40 -6.53 3.65 2.78
C ALA A 40 -6.99 5.04 3.22
N LEU A 41 -6.80 6.04 2.34
CA LEU A 41 -7.17 7.42 2.59
C LEU A 41 -8.69 7.66 2.53
N LYS A 42 -9.38 6.81 1.76
CA LYS A 42 -10.84 6.94 1.51
C LYS A 42 -11.61 6.97 2.83
N VAL A 43 -11.05 6.27 3.78
CA VAL A 43 -11.58 6.12 5.13
C VAL A 43 -11.45 7.42 5.95
N ARG A 44 -10.41 8.20 5.65
CA ARG A 44 -10.18 9.47 6.37
C ARG A 44 -10.58 10.70 5.56
N GLY A 45 -10.58 10.58 4.23
CA GLY A 45 -11.02 11.69 3.37
C GLY A 45 -10.05 12.86 3.32
N LEU A 46 -8.76 12.59 3.52
CA LEU A 46 -7.73 13.64 3.52
C LEU A 46 -7.20 13.93 2.12
N GLN A 47 -6.87 15.21 1.87
CA GLN A 47 -6.34 15.65 0.57
C GLN A 47 -4.82 15.42 0.48
N PRO A 48 -4.33 14.63 -0.52
CA PRO A 48 -2.89 14.35 -0.68
C PRO A 48 -2.11 15.50 -1.32
N GLU A 49 -1.03 15.92 -0.64
CA GLU A 49 -0.16 17.00 -1.14
C GLU A 49 1.24 16.45 -1.42
N CYS A 50 1.83 15.80 -0.40
CA CYS A 50 3.16 15.19 -0.52
C CYS A 50 3.13 13.79 0.09
N CYS A 51 3.72 12.81 -0.62
CA CYS A 51 3.76 11.43 -0.15
C CYS A 51 4.96 10.69 -0.70
N ALA A 52 5.51 9.77 0.11
CA ALA A 52 6.65 8.96 -0.28
C ALA A 52 6.46 7.51 0.16
N VAL A 53 6.70 6.59 -0.77
CA VAL A 53 6.58 5.17 -0.50
C VAL A 53 7.91 4.45 -0.71
N PHE A 54 8.13 3.46 0.14
CA PHE A 54 9.30 2.62 0.07
C PHE A 54 8.94 1.20 0.44
N ARG A 55 9.33 0.27 -0.40
CA ARG A 55 9.10 -1.16 -0.14
C ARG A 55 10.35 -1.78 0.50
N LEU A 56 10.16 -2.43 1.66
CA LEU A 56 11.26 -3.07 2.40
C LEU A 56 11.75 -4.33 1.71
N LEU A 57 13.06 -4.54 1.79
CA LEU A 57 13.73 -5.69 1.18
C LEU A 57 13.56 -6.95 2.06
N HIS A 58 12.82 -7.92 1.53
CA HIS A 58 12.57 -9.18 2.25
C HIS A 58 13.46 -10.32 1.76
N GLU A 59 13.75 -10.33 0.45
CA GLU A 59 14.59 -11.36 -0.17
C GLU A 59 16.08 -11.03 -0.02
N HIS A 60 16.40 -9.73 -0.07
CA HIS A 60 17.79 -9.25 0.06
C HIS A 60 18.07 -8.83 1.51
N LYS A 61 19.06 -7.94 1.68
CA LYS A 61 19.46 -7.43 3.00
C LYS A 61 18.39 -6.49 3.59
N GLY A 62 18.44 -6.30 4.92
CA GLY A 62 17.48 -5.43 5.60
C GLY A 62 17.79 -3.95 5.42
N LYS A 63 17.40 -3.41 4.26
CA LYS A 63 17.63 -2.01 3.92
C LYS A 63 16.31 -1.31 3.54
N LYS A 64 16.38 -0.37 2.59
CA LYS A 64 15.22 0.39 2.12
C LYS A 64 15.25 0.45 0.61
N ALA A 65 14.08 0.31 -0.01
CA ALA A 65 13.99 0.32 -1.46
C ALA A 65 13.04 1.39 -1.97
N ARG A 66 13.58 2.25 -2.83
CA ARG A 66 12.82 3.33 -3.45
C ARG A 66 12.11 2.81 -4.71
N LEU A 67 10.79 3.00 -4.73
CA LEU A 67 9.97 2.56 -5.86
C LEU A 67 9.23 3.76 -6.46
N ASP A 68 8.66 3.56 -7.65
CA ASP A 68 7.92 4.61 -8.36
C ASP A 68 6.48 4.67 -7.86
N TRP A 69 5.95 5.89 -7.71
CA TRP A 69 4.58 6.09 -7.25
C TRP A 69 3.56 5.68 -8.32
N ASN A 70 4.02 5.61 -9.57
CA ASN A 70 3.18 5.20 -10.70
C ASN A 70 3.44 3.73 -11.07
N THR A 71 4.07 2.97 -10.15
CA THR A 71 4.40 1.55 -10.35
C THR A 71 3.18 0.64 -10.10
N ASP A 72 3.20 -0.55 -10.70
CA ASP A 72 2.12 -1.53 -10.56
C ASP A 72 1.98 -2.01 -9.11
N ALA A 73 0.81 -1.72 -8.51
CA ALA A 73 0.51 -2.10 -7.12
C ALA A 73 0.35 -3.60 -6.93
N ALA A 74 -0.22 -4.27 -7.95
CA ALA A 74 -0.42 -5.73 -7.93
C ALA A 74 0.91 -6.49 -8.06
N SER A 75 1.96 -5.75 -8.46
CA SER A 75 3.31 -6.30 -8.60
C SER A 75 4.02 -6.38 -7.25
N LEU A 76 3.53 -5.57 -6.30
CA LEU A 76 4.09 -5.52 -4.95
C LEU A 76 3.11 -6.13 -3.94
N ILE A 77 2.15 -6.94 -4.45
CA ILE A 77 1.13 -7.59 -3.63
C ILE A 77 1.76 -8.59 -2.63
N GLY A 78 1.21 -8.60 -1.40
CA GLY A 78 1.71 -9.49 -0.35
C GLY A 78 2.92 -8.91 0.39
N GLU A 79 3.51 -7.85 -0.18
CA GLU A 79 4.68 -7.17 0.39
C GLU A 79 4.24 -6.05 1.35
N GLU A 80 5.15 -5.12 1.65
CA GLU A 80 4.85 -3.98 2.54
C GLU A 80 5.47 -2.70 1.99
N LEU A 81 4.77 -1.58 2.16
CA LEU A 81 5.25 -0.27 1.71
C LEU A 81 5.43 0.65 2.89
N GLN A 82 6.19 1.72 2.68
CA GLN A 82 6.49 2.67 3.75
C GLN A 82 6.27 4.12 3.31
N VAL A 83 5.40 4.81 4.05
CA VAL A 83 5.08 6.20 3.79
C VAL A 83 5.67 7.10 4.86
N ASP A 84 6.35 8.16 4.40
CA ASP A 84 6.99 9.13 5.31
C ASP A 84 6.76 10.57 4.83
N PHE A 85 7.14 11.53 5.68
CA PHE A 85 6.99 12.96 5.39
C PHE A 85 8.07 13.44 4.41
N LEU A 86 7.63 14.24 3.42
CA LEU A 86 8.52 14.78 2.40
C LEU A 86 9.16 16.10 2.86
N GLY A 1 -6.27 -26.24 -1.58
CA GLY A 1 -7.29 -26.61 -2.59
C GLY A 1 -8.66 -26.87 -1.99
N PRO A 2 -8.88 -28.06 -1.35
CA PRO A 2 -10.18 -28.40 -0.73
C PRO A 2 -10.48 -27.60 0.55
N LEU A 3 -9.43 -27.28 1.30
CA LEU A 3 -9.55 -26.51 2.56
C LEU A 3 -9.50 -25.01 2.29
N GLY A 4 -10.21 -24.25 3.13
CA GLY A 4 -10.26 -22.81 2.98
C GLY A 4 -10.05 -22.09 4.30
N SER A 5 -9.20 -21.04 4.27
CA SER A 5 -8.89 -20.25 5.47
C SER A 5 -9.57 -18.88 5.40
N PRO A 6 -9.99 -18.29 6.57
CA PRO A 6 -10.64 -16.97 6.61
C PRO A 6 -9.70 -15.81 6.27
N SER A 7 -10.16 -14.91 5.39
CA SER A 7 -9.38 -13.75 4.97
C SER A 7 -10.18 -12.46 5.09
N LYS A 8 -11.48 -12.53 4.68
CA LYS A 8 -12.44 -11.38 4.71
C LYS A 8 -12.12 -10.32 3.65
N THR A 9 -10.84 -9.89 3.60
CA THR A 9 -10.40 -8.89 2.63
C THR A 9 -9.69 -9.53 1.45
N SER A 10 -10.20 -9.25 0.24
CA SER A 10 -9.62 -9.79 -0.99
C SER A 10 -8.89 -8.71 -1.76
N ASN A 11 -7.60 -8.97 -2.08
CA ASN A 11 -6.73 -8.04 -2.83
C ASN A 11 -6.64 -6.66 -2.14
N THR A 12 -5.77 -6.56 -1.13
CA THR A 12 -5.58 -5.32 -0.36
C THR A 12 -4.12 -5.18 0.08
N ILE A 13 -3.68 -3.92 0.28
CA ILE A 13 -2.30 -3.63 0.69
C ILE A 13 -2.32 -2.64 1.87
N ARG A 14 -1.32 -2.78 2.74
CA ARG A 14 -1.23 -1.94 3.93
C ARG A 14 -0.31 -0.73 3.70
N VAL A 15 -0.85 0.45 3.97
CA VAL A 15 -0.12 1.72 3.83
C VAL A 15 0.30 2.20 5.21
N PHE A 16 1.48 2.85 5.29
CA PHE A 16 1.96 3.34 6.59
C PHE A 16 1.50 4.77 6.84
N LEU A 17 0.64 4.91 7.85
CA LEU A 17 0.07 6.15 8.26
C LEU A 17 0.67 6.62 9.59
N PRO A 18 1.15 7.91 9.70
CA PRO A 18 1.71 8.44 10.96
C PRO A 18 0.64 8.51 12.06
N ASN A 19 1.09 8.53 13.33
CA ASN A 19 0.20 8.58 14.53
C ASN A 19 -0.38 7.20 14.85
N LYS A 20 0.31 6.14 14.38
CA LYS A 20 -0.07 4.72 14.59
C LYS A 20 -1.38 4.34 13.86
N GLN A 21 -1.64 4.96 12.70
CA GLN A 21 -2.85 4.62 11.92
C GLN A 21 -2.51 3.59 10.85
N ARG A 22 -3.49 2.72 10.56
CA ARG A 22 -3.32 1.66 9.55
C ARG A 22 -4.58 1.49 8.70
N THR A 23 -4.40 1.49 7.37
CA THR A 23 -5.51 1.32 6.43
C THR A 23 -5.07 0.52 5.19
N VAL A 24 -5.88 -0.47 4.81
CA VAL A 24 -5.61 -1.29 3.65
C VAL A 24 -6.35 -0.74 2.43
N VAL A 25 -5.84 -1.06 1.24
CA VAL A 25 -6.46 -0.59 0.00
C VAL A 25 -6.54 -1.68 -1.06
N ASN A 26 -7.62 -1.64 -1.83
CA ASN A 26 -7.85 -2.60 -2.91
C ASN A 26 -7.59 -1.89 -4.24
N VAL A 27 -7.01 -2.61 -5.18
CA VAL A 27 -6.68 -2.05 -6.49
C VAL A 27 -7.09 -2.97 -7.65
N ARG A 28 -7.39 -2.34 -8.78
CA ARG A 28 -7.80 -3.03 -10.01
C ARG A 28 -6.58 -3.30 -10.88
N ASN A 29 -6.59 -4.40 -11.63
CA ASN A 29 -5.47 -4.77 -12.51
C ASN A 29 -5.18 -3.67 -13.53
N GLY A 30 -3.93 -3.20 -13.51
CA GLY A 30 -3.50 -2.12 -14.39
C GLY A 30 -3.38 -0.79 -13.65
N MET A 31 -3.54 -0.85 -12.32
CA MET A 31 -3.47 0.33 -11.44
C MET A 31 -2.02 0.66 -11.08
N SER A 32 -1.78 1.93 -10.76
CA SER A 32 -0.44 2.40 -10.39
C SER A 32 -0.41 2.75 -8.90
N LEU A 33 0.81 2.93 -8.36
CA LEU A 33 1.02 3.26 -6.95
C LEU A 33 0.41 4.61 -6.58
N HIS A 34 0.53 5.59 -7.51
CA HIS A 34 -0.04 6.95 -7.30
C HIS A 34 -1.52 6.84 -6.95
N ASP A 35 -2.20 5.91 -7.64
CA ASP A 35 -3.61 5.63 -7.44
C ASP A 35 -3.87 4.85 -6.13
N CYS A 36 -2.86 4.08 -5.65
CA CYS A 36 -2.99 3.27 -4.43
C CYS A 36 -3.32 4.12 -3.18
N LEU A 37 -2.91 5.39 -3.21
CA LEU A 37 -3.14 6.32 -2.10
C LEU A 37 -4.50 7.05 -2.23
N MET A 38 -5.18 6.86 -3.38
CA MET A 38 -6.48 7.50 -3.64
C MET A 38 -7.60 7.00 -2.71
N LYS A 39 -7.57 5.69 -2.39
CA LYS A 39 -8.58 5.07 -1.51
C LYS A 39 -8.44 5.52 -0.05
N ALA A 40 -7.19 5.66 0.42
CA ALA A 40 -6.90 6.07 1.80
C ALA A 40 -7.17 7.56 2.00
N LEU A 41 -6.75 8.38 1.03
CA LEU A 41 -6.92 9.82 1.00
C LEU A 41 -8.37 10.26 0.72
N LYS A 42 -9.15 9.39 0.06
CA LYS A 42 -10.53 9.71 -0.38
C LYS A 42 -11.37 10.18 0.80
N VAL A 43 -11.00 9.67 1.97
CA VAL A 43 -11.64 9.96 3.24
C VAL A 43 -11.49 11.45 3.64
N ARG A 44 -10.31 12.04 3.34
CA ARG A 44 -10.08 13.46 3.64
C ARG A 44 -10.12 14.34 2.39
N GLY A 45 -9.87 13.76 1.21
CA GLY A 45 -9.93 14.49 -0.06
C GLY A 45 -8.81 15.50 -0.27
N LEU A 46 -7.70 15.39 0.50
CA LEU A 46 -6.59 16.36 0.38
C LEU A 46 -5.23 15.68 0.46
N GLN A 47 -4.25 16.23 -0.29
CA GLN A 47 -2.88 15.70 -0.33
C GLN A 47 -1.84 16.84 -0.18
N PRO A 48 -1.52 17.29 1.09
CA PRO A 48 -0.52 18.35 1.33
C PRO A 48 0.92 17.83 1.25
N GLU A 49 1.85 18.69 0.77
CA GLU A 49 3.28 18.35 0.64
C GLU A 49 3.48 17.13 -0.30
N CYS A 50 4.67 16.52 -0.28
CA CYS A 50 4.98 15.37 -1.12
C CYS A 50 5.10 14.10 -0.28
N CYS A 51 4.77 12.96 -0.89
CA CYS A 51 4.82 11.66 -0.21
C CYS A 51 5.69 10.68 -0.98
N ALA A 52 6.17 9.65 -0.26
CA ALA A 52 7.02 8.62 -0.84
C ALA A 52 6.59 7.24 -0.36
N VAL A 53 6.75 6.24 -1.23
CA VAL A 53 6.39 4.88 -0.89
C VAL A 53 7.61 3.97 -0.93
N PHE A 54 7.62 3.02 0.00
CA PHE A 54 8.66 2.02 0.09
C PHE A 54 8.06 0.69 0.51
N ARG A 55 8.41 -0.33 -0.24
CA ARG A 55 7.98 -1.71 0.07
C ARG A 55 9.09 -2.41 0.87
N LEU A 56 8.68 -3.17 1.89
CA LEU A 56 9.62 -3.89 2.77
C LEU A 56 10.13 -5.19 2.14
N LEU A 57 11.42 -5.48 2.40
CA LEU A 57 12.07 -6.68 1.89
C LEU A 57 11.67 -7.93 2.69
N HIS A 58 11.30 -9.00 1.98
CA HIS A 58 10.87 -10.26 2.61
C HIS A 58 12.07 -11.20 2.85
N GLU A 59 13.29 -10.66 2.72
CA GLU A 59 14.52 -11.43 2.91
C GLU A 59 14.97 -11.45 4.38
N HIS A 60 14.35 -10.58 5.22
CA HIS A 60 14.65 -10.46 6.68
C HIS A 60 16.02 -9.84 6.94
N LYS A 61 16.85 -9.80 5.90
CA LYS A 61 18.20 -9.27 5.98
C LYS A 61 18.30 -7.91 5.30
N GLY A 62 17.18 -7.45 4.79
CA GLY A 62 17.13 -6.17 4.14
C GLY A 62 16.73 -5.05 5.07
N LYS A 63 16.34 -3.90 4.50
CA LYS A 63 15.93 -2.75 5.27
C LYS A 63 14.70 -2.09 4.62
N LYS A 64 14.92 -1.31 3.56
CA LYS A 64 13.88 -0.60 2.85
C LYS A 64 14.09 -0.72 1.35
N ALA A 65 12.99 -0.82 0.61
CA ALA A 65 13.09 -0.96 -0.84
C ALA A 65 12.34 0.15 -1.54
N ARG A 66 13.07 0.86 -2.40
CA ARG A 66 12.53 1.96 -3.19
C ARG A 66 11.86 1.43 -4.45
N LEU A 67 10.59 1.79 -4.61
CA LEU A 67 9.79 1.41 -5.76
C LEU A 67 9.31 2.65 -6.50
N ASP A 68 8.81 2.47 -7.72
CA ASP A 68 8.32 3.59 -8.53
C ASP A 68 6.88 3.93 -8.19
N TRP A 69 6.59 5.23 -8.12
CA TRP A 69 5.24 5.72 -7.79
C TRP A 69 4.24 5.41 -8.92
N ASN A 70 4.76 5.17 -10.13
CA ASN A 70 3.93 4.83 -11.29
C ASN A 70 3.94 3.31 -11.56
N THR A 71 4.30 2.51 -10.53
CA THR A 71 4.35 1.05 -10.65
C THR A 71 2.97 0.42 -10.45
N ASP A 72 2.78 -0.79 -11.00
CA ASP A 72 1.51 -1.51 -10.90
C ASP A 72 1.17 -1.86 -9.44
N ALA A 73 0.05 -1.30 -8.95
CA ALA A 73 -0.42 -1.51 -7.57
C ALA A 73 -0.90 -2.94 -7.33
N ALA A 74 -1.53 -3.54 -8.36
CA ALA A 74 -2.03 -4.93 -8.27
C ALA A 74 -0.88 -5.95 -8.25
N SER A 75 0.33 -5.46 -8.60
CA SER A 75 1.55 -6.28 -8.61
C SER A 75 2.12 -6.41 -7.19
N LEU A 76 1.75 -5.45 -6.33
CA LEU A 76 2.20 -5.42 -4.94
C LEU A 76 1.04 -5.76 -3.98
N ILE A 77 -0.01 -6.39 -4.54
CA ILE A 77 -1.20 -6.78 -3.77
C ILE A 77 -0.88 -7.80 -2.66
N GLY A 78 -1.50 -7.61 -1.50
CA GLY A 78 -1.27 -8.51 -0.36
C GLY A 78 -0.03 -8.14 0.45
N GLU A 79 0.80 -7.25 -0.12
CA GLU A 79 2.02 -6.79 0.53
C GLU A 79 1.75 -5.53 1.37
N GLU A 80 2.81 -4.79 1.72
CA GLU A 80 2.68 -3.56 2.51
C GLU A 80 3.60 -2.47 1.97
N LEU A 81 3.14 -1.22 2.02
CA LEU A 81 3.93 -0.08 1.55
C LEU A 81 4.23 0.87 2.69
N GLN A 82 5.22 1.74 2.48
CA GLN A 82 5.64 2.68 3.51
C GLN A 82 5.69 4.11 2.99
N VAL A 83 5.08 5.02 3.74
CA VAL A 83 5.02 6.44 3.37
C VAL A 83 5.88 7.27 4.33
N ASP A 84 6.75 8.09 3.73
CA ASP A 84 7.66 8.96 4.49
C ASP A 84 7.75 10.35 3.84
N PHE A 85 8.40 11.27 4.57
CA PHE A 85 8.60 12.65 4.12
C PHE A 85 9.81 12.76 3.18
N LEU A 86 9.69 13.65 2.18
CA LEU A 86 10.76 13.87 1.21
C LEU A 86 11.49 15.19 1.50
N GLY A 1 -22.29 -9.13 18.77
CA GLY A 1 -20.98 -9.59 18.23
C GLY A 1 -21.05 -9.94 16.75
N PRO A 2 -19.92 -9.83 15.98
CA PRO A 2 -19.90 -10.16 14.54
C PRO A 2 -19.90 -11.68 14.26
N LEU A 3 -19.64 -12.05 13.00
CA LEU A 3 -19.61 -13.45 12.60
C LEU A 3 -18.27 -13.83 11.96
N GLY A 4 -17.78 -12.95 11.06
CA GLY A 4 -16.51 -13.20 10.39
C GLY A 4 -16.37 -12.37 9.12
N SER A 5 -15.56 -12.89 8.18
CA SER A 5 -15.32 -12.20 6.91
C SER A 5 -16.15 -12.85 5.78
N PRO A 6 -16.89 -12.04 4.96
CA PRO A 6 -17.72 -12.57 3.85
C PRO A 6 -16.89 -13.02 2.64
N SER A 7 -15.78 -12.32 2.39
CA SER A 7 -14.89 -12.63 1.27
C SER A 7 -13.45 -12.80 1.73
N LYS A 8 -12.65 -13.53 0.94
CA LYS A 8 -11.24 -13.79 1.25
C LYS A 8 -10.35 -12.70 0.64
N THR A 9 -9.09 -12.62 1.11
CA THR A 9 -8.12 -11.62 0.63
C THR A 9 -7.41 -12.10 -0.63
N SER A 10 -7.63 -11.38 -1.74
CA SER A 10 -7.01 -11.68 -3.03
C SER A 10 -6.44 -10.42 -3.66
N ASN A 11 -5.14 -10.46 -3.99
CA ASN A 11 -4.41 -9.32 -4.61
C ASN A 11 -4.53 -8.05 -3.73
N THR A 12 -3.66 -7.98 -2.71
CA THR A 12 -3.65 -6.84 -1.76
C THR A 12 -2.23 -6.52 -1.31
N ILE A 13 -2.01 -5.26 -0.91
CA ILE A 13 -0.68 -4.80 -0.45
C ILE A 13 -0.84 -4.01 0.85
N ARG A 14 0.17 -4.09 1.70
CA ARG A 14 0.16 -3.42 3.00
C ARG A 14 0.85 -2.06 2.94
N VAL A 15 0.10 -1.02 3.29
CA VAL A 15 0.59 0.35 3.31
C VAL A 15 0.88 0.76 4.76
N PHE A 16 1.93 1.59 4.96
CA PHE A 16 2.27 2.02 6.32
C PHE A 16 1.56 3.34 6.65
N LEU A 17 0.65 3.25 7.62
CA LEU A 17 -0.12 4.36 8.09
C LEU A 17 0.30 4.79 9.51
N PRO A 18 0.50 6.12 9.75
CA PRO A 18 0.92 6.63 11.08
C PRO A 18 -0.06 6.24 12.19
N ASN A 19 0.42 6.24 13.45
CA ASN A 19 -0.37 5.90 14.65
C ASN A 19 -0.65 4.38 14.74
N LYS A 20 0.29 3.57 14.21
CA LYS A 20 0.21 2.09 14.21
C LYS A 20 -1.03 1.55 13.45
N GLN A 21 -1.46 2.28 12.41
CA GLN A 21 -2.61 1.87 11.61
C GLN A 21 -2.16 1.12 10.36
N ARG A 22 -2.94 0.11 9.97
CA ARG A 22 -2.63 -0.73 8.79
C ARG A 22 -3.87 -1.03 7.96
N THR A 23 -3.76 -0.84 6.64
CA THR A 23 -4.86 -1.11 5.71
C THR A 23 -4.33 -1.64 4.37
N VAL A 24 -4.93 -2.74 3.89
CA VAL A 24 -4.54 -3.36 2.64
C VAL A 24 -5.42 -2.83 1.49
N VAL A 25 -4.88 -2.91 0.28
CA VAL A 25 -5.63 -2.44 -0.91
C VAL A 25 -5.45 -3.40 -2.09
N ASN A 26 -6.50 -3.54 -2.88
CA ASN A 26 -6.48 -4.38 -4.06
C ASN A 26 -6.37 -3.49 -5.31
N VAL A 27 -5.55 -3.91 -6.27
CA VAL A 27 -5.35 -3.14 -7.51
C VAL A 27 -5.52 -4.00 -8.75
N ARG A 28 -5.97 -3.35 -9.84
CA ARG A 28 -6.17 -4.03 -11.13
C ARG A 28 -4.97 -3.81 -12.05
N ASN A 29 -4.69 -4.80 -12.90
CA ASN A 29 -3.56 -4.75 -13.85
C ASN A 29 -3.54 -3.45 -14.67
N GLY A 30 -2.44 -2.72 -14.57
CA GLY A 30 -2.29 -1.46 -15.27
C GLY A 30 -2.40 -0.26 -14.33
N MET A 31 -2.51 -0.55 -13.03
CA MET A 31 -2.62 0.47 -11.99
C MET A 31 -1.26 1.01 -11.58
N SER A 32 -1.24 2.25 -11.08
CA SER A 32 -0.01 2.88 -10.62
C SER A 32 -0.01 2.99 -9.09
N LEU A 33 1.16 3.32 -8.52
CA LEU A 33 1.33 3.45 -7.07
C LEU A 33 0.50 4.61 -6.51
N HIS A 34 0.44 5.73 -7.24
CA HIS A 34 -0.34 6.91 -6.82
C HIS A 34 -1.78 6.50 -6.56
N ASP A 35 -2.28 5.61 -7.41
CA ASP A 35 -3.62 5.06 -7.31
C ASP A 35 -3.75 4.06 -6.14
N CYS A 36 -2.61 3.41 -5.75
CA CYS A 36 -2.62 2.42 -4.66
C CYS A 36 -3.07 3.03 -3.32
N LEU A 37 -2.85 4.34 -3.17
CA LEU A 37 -3.22 5.05 -1.93
C LEU A 37 -4.61 5.70 -2.06
N MET A 38 -5.21 5.66 -3.26
CA MET A 38 -6.53 6.25 -3.53
C MET A 38 -7.66 5.53 -2.77
N LYS A 39 -7.60 4.19 -2.72
CA LYS A 39 -8.61 3.37 -2.04
C LYS A 39 -8.53 3.49 -0.52
N ALA A 40 -7.29 3.58 0.00
CA ALA A 40 -7.06 3.71 1.44
C ALA A 40 -7.40 5.10 1.97
N LEU A 41 -7.08 6.13 1.18
CA LEU A 41 -7.36 7.52 1.49
C LEU A 41 -8.84 7.89 1.36
N LYS A 42 -9.57 7.15 0.51
CA LYS A 42 -10.98 7.44 0.21
C LYS A 42 -11.83 7.41 1.47
N VAL A 43 -11.38 6.56 2.39
CA VAL A 43 -12.03 6.34 3.68
C VAL A 43 -11.83 7.51 4.65
N ARG A 44 -10.64 8.15 4.61
CA ARG A 44 -10.35 9.26 5.52
C ARG A 44 -10.41 10.63 4.85
N GLY A 45 -10.23 10.68 3.52
CA GLY A 45 -10.33 11.95 2.79
C GLY A 45 -9.19 12.92 3.07
N LEU A 46 -8.01 12.38 3.40
CA LEU A 46 -6.84 13.22 3.74
C LEU A 46 -6.03 13.60 2.50
N GLN A 47 -5.89 14.92 2.28
CA GLN A 47 -5.15 15.45 1.14
C GLN A 47 -3.80 16.05 1.62
N PRO A 48 -2.71 15.22 1.68
CA PRO A 48 -1.38 15.68 2.11
C PRO A 48 -0.64 16.46 1.02
N GLU A 49 0.43 17.16 1.41
CA GLU A 49 1.25 17.95 0.48
C GLU A 49 2.38 17.11 -0.12
N CYS A 50 3.03 16.31 0.74
CA CYS A 50 4.12 15.43 0.33
C CYS A 50 3.91 14.02 0.84
N CYS A 51 4.14 13.04 -0.05
CA CYS A 51 3.97 11.63 0.29
C CYS A 51 5.05 10.80 -0.38
N ALA A 52 5.50 9.73 0.32
CA ALA A 52 6.57 8.87 -0.21
C ALA A 52 6.29 7.41 0.09
N VAL A 53 6.59 6.55 -0.88
CA VAL A 53 6.41 5.12 -0.73
C VAL A 53 7.75 4.39 -0.86
N PHE A 54 7.87 3.31 -0.11
CA PHE A 54 9.05 2.48 -0.14
C PHE A 54 8.65 1.02 0.03
N ARG A 55 9.16 0.20 -0.86
CA ARG A 55 8.94 -1.25 -0.80
C ARG A 55 10.12 -1.93 -0.10
N LEU A 56 9.81 -2.91 0.76
CA LEU A 56 10.81 -3.63 1.56
C LEU A 56 11.42 -4.82 0.80
N LEU A 57 12.72 -5.04 1.03
CA LEU A 57 13.47 -6.13 0.40
C LEU A 57 13.54 -7.37 1.30
N HIS A 58 13.87 -8.51 0.69
CA HIS A 58 14.00 -9.78 1.42
C HIS A 58 15.49 -10.16 1.59
N GLU A 59 16.37 -9.16 1.45
CA GLU A 59 17.83 -9.36 1.57
C GLU A 59 18.32 -9.24 3.02
N HIS A 60 17.42 -8.85 3.94
CA HIS A 60 17.72 -8.67 5.39
C HIS A 60 18.50 -7.39 5.65
N LYS A 61 19.66 -7.28 5.01
CA LYS A 61 20.53 -6.13 5.12
C LYS A 61 20.14 -5.05 4.10
N GLY A 62 19.71 -3.90 4.62
CA GLY A 62 19.27 -2.79 3.76
C GLY A 62 17.88 -3.06 3.22
N LYS A 63 16.92 -3.23 4.14
CA LYS A 63 15.53 -3.53 3.80
C LYS A 63 14.71 -2.28 3.46
N LYS A 64 15.31 -1.46 2.63
CA LYS A 64 14.69 -0.22 2.15
C LYS A 64 14.93 -0.05 0.65
N ALA A 65 13.82 0.13 -0.09
CA ALA A 65 13.89 0.33 -1.55
C ALA A 65 12.99 1.46 -2.00
N ARG A 66 13.61 2.42 -2.69
CA ARG A 66 12.90 3.58 -3.25
C ARG A 66 12.31 3.22 -4.61
N LEU A 67 10.99 3.40 -4.73
CA LEU A 67 10.28 3.10 -5.97
C LEU A 67 9.59 4.35 -6.52
N ASP A 68 9.13 4.27 -7.77
CA ASP A 68 8.46 5.39 -8.42
C ASP A 68 6.97 5.40 -8.07
N TRP A 69 6.42 6.60 -7.87
CA TRP A 69 5.01 6.77 -7.53
C TRP A 69 4.08 6.43 -8.71
N ASN A 70 4.64 6.46 -9.93
CA ASN A 70 3.89 6.15 -11.15
C ASN A 70 4.16 4.71 -11.62
N THR A 71 4.66 3.86 -10.69
CA THR A 71 4.96 2.45 -11.01
C THR A 71 3.71 1.58 -10.91
N ASP A 72 3.74 0.43 -11.61
CA ASP A 72 2.62 -0.52 -11.62
C ASP A 72 2.35 -1.10 -10.22
N ALA A 73 1.15 -0.81 -9.70
CA ALA A 73 0.72 -1.27 -8.37
C ALA A 73 0.49 -2.78 -8.32
N ALA A 74 -0.01 -3.35 -9.42
CA ALA A 74 -0.26 -4.79 -9.54
C ALA A 74 1.05 -5.60 -9.61
N SER A 75 2.15 -4.87 -9.88
CA SER A 75 3.49 -5.45 -9.96
C SER A 75 4.08 -5.68 -8.56
N LEU A 76 3.54 -4.95 -7.59
CA LEU A 76 3.97 -5.04 -6.19
C LEU A 76 2.89 -5.70 -5.32
N ILE A 77 1.96 -6.42 -5.98
CA ILE A 77 0.86 -7.10 -5.29
C ILE A 77 1.35 -8.20 -4.34
N GLY A 78 0.71 -8.28 -3.16
CA GLY A 78 1.10 -9.27 -2.15
C GLY A 78 2.26 -8.81 -1.28
N GLU A 79 2.94 -7.74 -1.72
CA GLU A 79 4.08 -7.18 -1.00
C GLU A 79 3.62 -6.11 0.01
N GLU A 80 4.54 -5.25 0.47
CA GLU A 80 4.21 -4.18 1.41
C GLU A 80 4.94 -2.89 1.03
N LEU A 81 4.27 -1.76 1.24
CA LEU A 81 4.83 -0.44 0.95
C LEU A 81 4.91 0.40 2.21
N GLN A 82 5.71 1.46 2.15
CA GLN A 82 5.92 2.33 3.31
C GLN A 82 5.75 3.80 2.96
N VAL A 83 4.96 4.49 3.78
CA VAL A 83 4.68 5.90 3.57
C VAL A 83 5.25 6.73 4.73
N ASP A 84 5.90 7.84 4.37
CA ASP A 84 6.50 8.74 5.36
C ASP A 84 6.26 10.21 4.98
N PHE A 85 6.59 11.11 5.92
CA PHE A 85 6.43 12.55 5.74
C PHE A 85 7.57 13.14 4.90
N LEU A 86 7.23 14.12 4.04
CA LEU A 86 8.19 14.81 3.15
C LEU A 86 9.04 13.84 2.31
N GLY A 1 -24.61 -18.79 -4.46
CA GLY A 1 -23.77 -17.79 -3.75
C GLY A 1 -24.01 -16.36 -4.24
N PRO A 2 -24.23 -15.36 -3.33
CA PRO A 2 -24.47 -13.96 -3.73
C PRO A 2 -23.19 -13.22 -4.19
N LEU A 3 -23.29 -11.90 -4.33
CA LEU A 3 -22.16 -11.07 -4.76
C LEU A 3 -21.56 -10.31 -3.58
N GLY A 4 -20.23 -10.37 -3.45
CA GLY A 4 -19.54 -9.69 -2.37
C GLY A 4 -18.14 -10.23 -2.14
N SER A 5 -17.62 -10.00 -0.94
CA SER A 5 -16.28 -10.45 -0.57
C SER A 5 -16.32 -11.24 0.76
N PRO A 6 -15.46 -12.30 0.92
CA PRO A 6 -15.43 -13.12 2.15
C PRO A 6 -14.84 -12.36 3.36
N SER A 7 -14.93 -12.99 4.54
CA SER A 7 -14.43 -12.41 5.79
C SER A 7 -12.92 -12.62 5.95
N LYS A 8 -12.31 -13.36 5.01
CA LYS A 8 -10.88 -13.64 5.03
C LYS A 8 -10.09 -12.59 4.24
N THR A 9 -8.80 -12.47 4.54
CA THR A 9 -7.91 -11.49 3.88
C THR A 9 -7.30 -12.07 2.61
N SER A 10 -7.64 -11.45 1.47
CA SER A 10 -7.13 -11.88 0.17
C SER A 10 -6.64 -10.67 -0.63
N ASN A 11 -5.36 -10.74 -1.08
CA ASN A 11 -4.71 -9.66 -1.86
C ASN A 11 -4.78 -8.31 -1.13
N THR A 12 -3.81 -8.10 -0.21
CA THR A 12 -3.74 -6.87 0.59
C THR A 12 -2.29 -6.50 0.88
N ILE A 13 -2.04 -5.20 1.09
CA ILE A 13 -0.69 -4.68 1.38
C ILE A 13 -0.76 -3.74 2.58
N ARG A 14 0.33 -3.72 3.36
CA ARG A 14 0.39 -2.89 4.56
C ARG A 14 1.08 -1.57 4.29
N VAL A 15 0.33 -0.49 4.51
CA VAL A 15 0.83 0.87 4.32
C VAL A 15 1.14 1.48 5.68
N PHE A 16 2.19 2.30 5.74
CA PHE A 16 2.57 2.94 7.02
C PHE A 16 1.88 4.30 7.18
N LEU A 17 0.98 4.37 8.17
CA LEU A 17 0.25 5.54 8.50
C LEU A 17 0.81 6.22 9.76
N PRO A 18 1.01 7.58 9.75
CA PRO A 18 1.55 8.33 10.90
C PRO A 18 0.72 8.11 12.17
N ASN A 19 1.36 8.35 13.35
CA ASN A 19 0.73 8.19 14.69
C ASN A 19 0.56 6.70 15.06
N LYS A 20 1.46 5.85 14.51
CA LYS A 20 1.48 4.39 14.75
C LYS A 20 0.23 3.67 14.22
N GLN A 21 -0.38 4.22 13.15
CA GLN A 21 -1.56 3.61 12.54
C GLN A 21 -1.18 2.73 11.36
N ARG A 22 -1.91 1.62 11.19
CA ARG A 22 -1.66 0.67 10.09
C ARG A 22 -2.96 0.18 9.48
N THR A 23 -3.01 0.18 8.13
CA THR A 23 -4.18 -0.28 7.40
C THR A 23 -3.78 -0.99 6.10
N VAL A 24 -4.45 -2.12 5.81
CA VAL A 24 -4.19 -2.89 4.62
C VAL A 24 -5.16 -2.48 3.50
N VAL A 25 -4.75 -2.72 2.25
CA VAL A 25 -5.59 -2.39 1.09
C VAL A 25 -5.53 -3.47 0.03
N ASN A 26 -6.65 -3.68 -0.64
CA ASN A 26 -6.75 -4.65 -1.71
C ASN A 26 -6.77 -3.93 -3.05
N VAL A 27 -6.03 -4.46 -4.03
CA VAL A 27 -5.93 -3.82 -5.35
C VAL A 27 -6.24 -4.82 -6.46
N ARG A 28 -6.77 -4.30 -7.57
CA ARG A 28 -7.11 -5.11 -8.74
C ARG A 28 -5.99 -5.03 -9.79
N ASN A 29 -5.80 -6.14 -10.54
CA ASN A 29 -4.75 -6.22 -11.58
C ASN A 29 -4.81 -5.03 -12.55
N GLY A 30 -3.69 -4.30 -12.64
CA GLY A 30 -3.60 -3.14 -13.50
C GLY A 30 -3.62 -1.83 -12.71
N MET A 31 -3.60 -1.96 -11.38
CA MET A 31 -3.61 -0.82 -10.46
C MET A 31 -2.21 -0.25 -10.26
N SER A 32 -2.14 1.03 -9.92
CA SER A 32 -0.88 1.71 -9.68
C SER A 32 -0.73 2.06 -8.19
N LEU A 33 0.51 2.42 -7.77
CA LEU A 33 0.80 2.78 -6.38
C LEU A 33 0.01 4.02 -5.94
N HIS A 34 -0.12 5.00 -6.84
CA HIS A 34 -0.87 6.25 -6.57
C HIS A 34 -2.29 5.89 -6.09
N ASP A 35 -2.84 4.85 -6.71
CA ASP A 35 -4.17 4.33 -6.40
C ASP A 35 -4.16 3.52 -5.08
N CYS A 36 -2.99 2.93 -4.70
CA CYS A 36 -2.89 2.12 -3.49
C CYS A 36 -3.14 2.93 -2.20
N LEU A 37 -2.86 4.24 -2.26
CA LEU A 37 -3.05 5.12 -1.11
C LEU A 37 -4.46 5.76 -1.07
N MET A 38 -5.13 5.78 -2.24
CA MET A 38 -6.48 6.35 -2.37
C MET A 38 -7.54 5.55 -1.60
N LYS A 39 -7.36 4.23 -1.54
CA LYS A 39 -8.30 3.33 -0.84
C LYS A 39 -8.19 3.49 0.69
N ALA A 40 -6.96 3.60 1.19
CA ALA A 40 -6.68 3.75 2.62
C ALA A 40 -7.02 5.15 3.14
N LEU A 41 -6.70 6.18 2.35
CA LEU A 41 -6.94 7.57 2.67
C LEU A 41 -8.42 7.97 2.55
N LYS A 42 -9.17 7.23 1.72
CA LYS A 42 -10.59 7.55 1.43
C LYS A 42 -11.42 7.56 2.71
N VAL A 43 -10.98 6.72 3.63
CA VAL A 43 -11.61 6.52 4.93
C VAL A 43 -11.41 7.72 5.88
N ARG A 44 -10.24 8.37 5.81
CA ARG A 44 -9.95 9.50 6.69
C ARG A 44 -10.03 10.85 5.95
N GLY A 45 -9.86 10.86 4.61
CA GLY A 45 -9.97 12.09 3.84
C GLY A 45 -8.85 13.09 4.06
N LEU A 46 -7.64 12.59 4.41
CA LEU A 46 -6.50 13.48 4.67
C LEU A 46 -5.72 13.79 3.40
N GLN A 47 -5.64 15.08 3.06
CA GLN A 47 -4.93 15.54 1.86
C GLN A 47 -3.54 16.11 2.22
N PRO A 48 -2.45 15.28 2.18
CA PRO A 48 -1.08 15.74 2.48
C PRO A 48 -0.45 16.53 1.32
N GLU A 49 0.72 17.11 1.56
CA GLU A 49 1.43 17.89 0.54
C GLU A 49 2.31 16.99 -0.32
N CYS A 50 3.22 16.24 0.33
CA CYS A 50 4.12 15.32 -0.37
C CYS A 50 4.19 13.98 0.34
N CYS A 51 4.12 12.89 -0.44
CA CYS A 51 4.18 11.53 0.10
C CYS A 51 5.07 10.66 -0.78
N ALA A 52 5.83 9.77 -0.14
CA ALA A 52 6.73 8.86 -0.85
C ALA A 52 6.63 7.45 -0.33
N VAL A 53 6.72 6.47 -1.23
CA VAL A 53 6.59 5.06 -0.86
C VAL A 53 7.87 4.29 -1.08
N PHE A 54 8.09 3.32 -0.19
CA PHE A 54 9.23 2.45 -0.23
C PHE A 54 8.81 1.04 0.19
N ARG A 55 9.21 0.09 -0.61
CA ARG A 55 8.97 -1.34 -0.32
C ARG A 55 10.21 -1.94 0.36
N LEU A 56 9.96 -2.71 1.44
CA LEU A 56 11.02 -3.35 2.23
C LEU A 56 11.48 -4.67 1.63
N LEU A 57 12.79 -4.92 1.73
CA LEU A 57 13.39 -6.14 1.21
C LEU A 57 13.62 -7.17 2.32
N HIS A 58 13.84 -8.43 1.92
CA HIS A 58 14.08 -9.51 2.88
C HIS A 58 15.23 -10.43 2.40
N GLU A 59 15.74 -10.16 1.18
CA GLU A 59 16.81 -10.97 0.59
C GLU A 59 18.22 -10.45 0.97
N HIS A 60 18.39 -9.13 1.03
CA HIS A 60 19.70 -8.53 1.35
C HIS A 60 19.68 -7.77 2.67
N LYS A 61 20.72 -6.93 2.85
CA LYS A 61 20.91 -6.11 4.04
C LYS A 61 20.09 -4.83 4.00
N GLY A 62 19.60 -4.50 2.84
CA GLY A 62 18.80 -3.31 2.69
C GLY A 62 17.33 -3.62 2.84
N LYS A 63 16.72 -3.01 3.86
CA LYS A 63 15.31 -3.20 4.17
C LYS A 63 14.41 -2.11 3.56
N LYS A 64 15.02 -1.25 2.76
CA LYS A 64 14.31 -0.14 2.11
C LYS A 64 14.65 -0.10 0.62
N ALA A 65 13.59 -0.02 -0.20
CA ALA A 65 13.72 0.04 -1.64
C ALA A 65 12.82 1.12 -2.23
N ARG A 66 13.42 1.98 -3.07
CA ARG A 66 12.70 3.04 -3.75
C ARG A 66 11.97 2.51 -4.98
N LEU A 67 10.66 2.72 -5.00
CA LEU A 67 9.80 2.27 -6.10
C LEU A 67 9.08 3.46 -6.75
N ASP A 68 8.49 3.24 -7.92
CA ASP A 68 7.77 4.28 -8.65
C ASP A 68 6.33 4.38 -8.16
N TRP A 69 5.82 5.61 -8.07
CA TRP A 69 4.44 5.86 -7.61
C TRP A 69 3.40 5.40 -8.64
N ASN A 70 3.84 5.26 -9.90
CA ASN A 70 2.97 4.80 -10.99
C ASN A 70 3.18 3.31 -11.29
N THR A 71 3.76 2.57 -10.32
CA THR A 71 4.03 1.13 -10.46
C THR A 71 2.78 0.30 -10.15
N ASP A 72 2.74 -0.93 -10.69
CA ASP A 72 1.61 -1.85 -10.47
C ASP A 72 1.48 -2.26 -8.99
N ALA A 73 0.34 -1.88 -8.39
CA ALA A 73 0.04 -2.17 -6.99
C ALA A 73 -0.19 -3.67 -6.73
N ALA A 74 -0.79 -4.36 -7.72
CA ALA A 74 -1.05 -5.80 -7.62
C ALA A 74 0.25 -6.61 -7.72
N SER A 75 1.32 -5.95 -8.17
CA SER A 75 2.64 -6.56 -8.31
C SER A 75 3.36 -6.61 -6.96
N LEU A 76 2.92 -5.74 -6.04
CA LEU A 76 3.49 -5.66 -4.69
C LEU A 76 2.50 -6.19 -3.64
N ILE A 77 1.51 -6.96 -4.11
CA ILE A 77 0.46 -7.53 -3.25
C ILE A 77 1.05 -8.50 -2.20
N GLY A 78 0.51 -8.43 -0.98
CA GLY A 78 0.98 -9.28 0.11
C GLY A 78 2.21 -8.72 0.82
N GLU A 79 2.82 -7.70 0.21
CA GLU A 79 4.02 -7.05 0.76
C GLU A 79 3.62 -5.87 1.66
N GLU A 80 4.58 -4.96 1.93
CA GLU A 80 4.34 -3.79 2.77
C GLU A 80 5.03 -2.55 2.17
N LEU A 81 4.37 -1.40 2.29
CA LEU A 81 4.93 -0.13 1.76
C LEU A 81 5.17 0.87 2.88
N GLN A 82 5.99 1.86 2.57
CA GLN A 82 6.38 2.90 3.54
C GLN A 82 6.37 4.29 2.89
N VAL A 83 5.55 5.20 3.41
CA VAL A 83 5.48 6.55 2.86
C VAL A 83 5.96 7.61 3.83
N ASP A 84 6.63 8.61 3.27
CA ASP A 84 7.20 9.74 4.04
C ASP A 84 7.06 11.05 3.29
N PHE A 85 7.37 12.15 4.00
CA PHE A 85 7.31 13.51 3.45
C PHE A 85 8.60 13.84 2.69
N LEU A 86 8.48 14.03 1.37
CA LEU A 86 9.62 14.38 0.52
C LEU A 86 9.71 15.88 0.29
N GLY A 1 -25.89 -15.15 8.63
CA GLY A 1 -24.75 -16.06 8.98
C GLY A 1 -23.46 -15.68 8.26
N PRO A 2 -22.29 -15.63 8.97
CA PRO A 2 -21.00 -15.28 8.34
C PRO A 2 -20.41 -16.42 7.49
N LEU A 3 -19.15 -16.29 7.11
CA LEU A 3 -18.46 -17.29 6.29
C LEU A 3 -17.24 -17.86 7.02
N GLY A 4 -17.12 -19.19 7.00
CA GLY A 4 -16.01 -19.87 7.65
C GLY A 4 -14.99 -20.41 6.67
N SER A 5 -14.46 -19.51 5.82
CA SER A 5 -13.47 -19.89 4.81
C SER A 5 -12.05 -19.54 5.28
N PRO A 6 -11.01 -20.32 4.85
CA PRO A 6 -9.60 -20.06 5.24
C PRO A 6 -9.03 -18.77 4.65
N SER A 7 -9.48 -18.41 3.44
CA SER A 7 -9.03 -17.20 2.76
C SER A 7 -10.04 -16.06 2.94
N LYS A 8 -9.53 -14.90 3.38
CA LYS A 8 -10.38 -13.72 3.61
C LYS A 8 -9.89 -12.52 2.79
N THR A 9 -8.56 -12.31 2.77
CA THR A 9 -7.97 -11.20 2.03
C THR A 9 -7.38 -11.65 0.70
N SER A 10 -7.83 -11.02 -0.38
CA SER A 10 -7.36 -11.33 -1.74
C SER A 10 -6.81 -10.08 -2.42
N ASN A 11 -5.53 -10.16 -2.82
CA ASN A 11 -4.80 -9.04 -3.49
C ASN A 11 -4.86 -7.74 -2.66
N THR A 12 -3.94 -7.63 -1.71
CA THR A 12 -3.87 -6.45 -0.81
C THR A 12 -2.42 -6.16 -0.43
N ILE A 13 -2.14 -4.89 -0.13
CA ILE A 13 -0.79 -4.44 0.26
C ILE A 13 -0.87 -3.55 1.51
N ARG A 14 0.18 -3.61 2.32
CA ARG A 14 0.24 -2.85 3.56
C ARG A 14 1.00 -1.54 3.38
N VAL A 15 0.33 -0.45 3.73
CA VAL A 15 0.91 0.90 3.65
C VAL A 15 1.27 1.36 5.06
N PHE A 16 2.36 2.12 5.20
CA PHE A 16 2.79 2.60 6.51
C PHE A 16 2.17 3.97 6.82
N LEU A 17 1.29 3.97 7.83
CA LEU A 17 0.61 5.14 8.30
C LEU A 17 1.14 5.60 9.66
N PRO A 18 1.42 6.93 9.85
CA PRO A 18 1.94 7.46 11.12
C PRO A 18 1.03 7.13 12.31
N ASN A 19 1.61 7.16 13.53
CA ASN A 19 0.89 6.85 14.80
C ASN A 19 0.61 5.35 14.95
N LYS A 20 1.50 4.53 14.33
CA LYS A 20 1.42 3.04 14.36
C LYS A 20 0.12 2.50 13.72
N GLN A 21 -0.39 3.22 12.70
CA GLN A 21 -1.61 2.80 12.01
C GLN A 21 -1.26 2.03 10.74
N ARG A 22 -2.07 1.01 10.44
CA ARG A 22 -1.85 0.17 9.26
C ARG A 22 -3.17 -0.16 8.54
N THR A 23 -3.17 -0.04 7.21
CA THR A 23 -4.35 -0.33 6.39
C THR A 23 -3.94 -0.96 5.06
N VAL A 24 -4.63 -2.06 4.68
CA VAL A 24 -4.36 -2.75 3.44
C VAL A 24 -5.30 -2.26 2.33
N VAL A 25 -4.86 -2.40 1.08
CA VAL A 25 -5.65 -1.97 -0.07
C VAL A 25 -5.57 -2.99 -1.22
N ASN A 26 -6.68 -3.14 -1.94
CA ASN A 26 -6.76 -4.03 -3.07
C ASN A 26 -6.68 -3.21 -4.36
N VAL A 27 -5.92 -3.69 -5.35
CA VAL A 27 -5.77 -2.98 -6.62
C VAL A 27 -6.02 -3.88 -7.83
N ARG A 28 -6.49 -3.27 -8.91
CA ARG A 28 -6.79 -3.98 -10.16
C ARG A 28 -5.63 -3.83 -11.14
N ASN A 29 -5.41 -4.86 -11.98
CA ASN A 29 -4.33 -4.88 -12.98
C ASN A 29 -4.33 -3.61 -13.86
N GLY A 30 -3.21 -2.90 -13.83
CA GLY A 30 -3.08 -1.66 -14.59
C GLY A 30 -3.11 -0.44 -13.70
N MET A 31 -3.17 -0.67 -12.37
CA MET A 31 -3.23 0.40 -11.37
C MET A 31 -1.83 0.93 -11.05
N SER A 32 -1.76 2.19 -10.61
CA SER A 32 -0.49 2.81 -10.25
C SER A 32 -0.42 3.02 -8.73
N LEU A 33 0.80 3.32 -8.23
CA LEU A 33 1.04 3.55 -6.80
C LEU A 33 0.27 4.76 -6.28
N HIS A 34 0.20 5.82 -7.11
CA HIS A 34 -0.53 7.04 -6.75
C HIS A 34 -1.97 6.70 -6.34
N ASP A 35 -2.55 5.75 -7.09
CA ASP A 35 -3.89 5.26 -6.86
C ASP A 35 -3.96 4.33 -5.63
N CYS A 36 -2.82 3.67 -5.27
CA CYS A 36 -2.79 2.74 -4.13
C CYS A 36 -3.17 3.43 -2.80
N LEU A 37 -2.94 4.74 -2.73
CA LEU A 37 -3.24 5.54 -1.54
C LEU A 37 -4.64 6.18 -1.63
N MET A 38 -5.28 6.05 -2.81
CA MET A 38 -6.62 6.63 -3.06
C MET A 38 -7.72 5.96 -2.21
N LYS A 39 -7.60 4.64 -2.01
CA LYS A 39 -8.59 3.87 -1.24
C LYS A 39 -8.51 4.17 0.27
N ALA A 40 -7.29 4.36 0.77
CA ALA A 40 -7.06 4.68 2.19
C ALA A 40 -7.46 6.13 2.52
N LEU A 41 -7.08 7.06 1.63
CA LEU A 41 -7.36 8.47 1.75
C LEU A 41 -8.82 8.84 1.46
N LYS A 42 -9.53 7.99 0.69
CA LYS A 42 -10.91 8.27 0.25
C LYS A 42 -11.81 8.57 1.44
N VAL A 43 -11.44 7.95 2.55
CA VAL A 43 -12.12 8.06 3.83
C VAL A 43 -12.13 9.51 4.36
N ARG A 44 -11.01 10.23 4.14
CA ARG A 44 -10.92 11.63 4.56
C ARG A 44 -11.00 12.62 3.40
N GLY A 45 -10.68 12.15 2.18
CA GLY A 45 -10.78 12.97 0.97
C GLY A 45 -9.75 14.10 0.87
N LEU A 46 -8.64 14.01 1.64
CA LEU A 46 -7.62 15.08 1.62
C LEU A 46 -6.21 14.50 1.63
N GLN A 47 -5.34 15.08 0.80
CA GLN A 47 -3.94 14.68 0.70
C GLN A 47 -3.02 15.90 0.93
N PRO A 48 -2.76 16.28 2.22
CA PRO A 48 -1.90 17.43 2.55
C PRO A 48 -0.41 17.10 2.44
N GLU A 49 0.40 18.12 2.08
CA GLU A 49 1.87 17.99 1.92
C GLU A 49 2.23 16.91 0.87
N CYS A 50 3.51 16.49 0.84
CA CYS A 50 3.96 15.48 -0.10
C CYS A 50 4.29 14.17 0.62
N CYS A 51 4.03 13.05 -0.05
CA CYS A 51 4.28 11.72 0.51
C CYS A 51 5.18 10.90 -0.40
N ALA A 52 5.84 9.90 0.19
CA ALA A 52 6.75 9.01 -0.54
C ALA A 52 6.52 7.57 -0.16
N VAL A 53 6.73 6.67 -1.11
CA VAL A 53 6.54 5.24 -0.89
C VAL A 53 7.85 4.48 -1.08
N PHE A 54 8.02 3.44 -0.27
CA PHE A 54 9.17 2.56 -0.34
C PHE A 54 8.74 1.13 -0.08
N ARG A 55 9.16 0.24 -0.96
CA ARG A 55 8.89 -1.20 -0.81
C ARG A 55 10.09 -1.89 -0.17
N LEU A 56 9.81 -2.81 0.76
CA LEU A 56 10.86 -3.56 1.48
C LEU A 56 11.43 -4.70 0.64
N LEU A 57 12.73 -4.93 0.76
CA LEU A 57 13.43 -5.99 0.03
C LEU A 57 13.24 -7.34 0.71
N HIS A 58 13.13 -8.41 -0.10
CA HIS A 58 12.93 -9.80 0.39
C HIS A 58 11.61 -9.94 1.18
N GLU A 59 11.36 -11.15 1.72
CA GLU A 59 10.14 -11.42 2.50
C GLU A 59 10.25 -10.86 3.92
N HIS A 60 11.44 -10.96 4.53
CA HIS A 60 11.68 -10.47 5.88
C HIS A 60 12.31 -9.07 5.85
N LYS A 61 12.83 -8.62 7.01
CA LYS A 61 13.48 -7.32 7.16
C LYS A 61 14.87 -7.30 6.54
N GLY A 62 15.32 -6.11 6.14
CA GLY A 62 16.64 -5.96 5.53
C GLY A 62 17.01 -4.53 5.25
N LYS A 63 16.63 -4.04 4.07
CA LYS A 63 16.92 -2.68 3.64
C LYS A 63 15.63 -1.97 3.17
N LYS A 64 15.79 -0.93 2.34
CA LYS A 64 14.68 -0.14 1.83
C LYS A 64 14.89 0.10 0.34
N ALA A 65 13.79 0.09 -0.37
CA ALA A 65 13.81 0.26 -1.82
C ALA A 65 12.92 1.38 -2.30
N ARG A 66 13.51 2.29 -3.07
CA ARG A 66 12.80 3.43 -3.65
C ARG A 66 12.14 3.01 -4.96
N LEU A 67 10.83 3.23 -5.04
CA LEU A 67 10.04 2.90 -6.22
C LEU A 67 9.36 4.15 -6.77
N ASP A 68 8.82 4.05 -7.99
CA ASP A 68 8.14 5.17 -8.64
C ASP A 68 6.70 5.24 -8.21
N TRP A 69 6.18 6.46 -8.01
CA TRP A 69 4.80 6.69 -7.59
C TRP A 69 3.80 6.34 -8.70
N ASN A 70 4.29 6.30 -9.95
CA ASN A 70 3.45 5.97 -11.11
C ASN A 70 3.65 4.51 -11.54
N THR A 71 4.19 3.68 -10.61
CA THR A 71 4.44 2.26 -10.88
C THR A 71 3.18 1.40 -10.67
N ASP A 72 3.15 0.23 -11.33
CA ASP A 72 2.00 -0.69 -11.23
C ASP A 72 1.80 -1.22 -9.80
N ALA A 73 0.64 -0.88 -9.22
CA ALA A 73 0.28 -1.30 -7.85
C ALA A 73 0.02 -2.80 -7.74
N ALA A 74 -0.56 -3.39 -8.80
CA ALA A 74 -0.85 -4.84 -8.83
C ALA A 74 0.44 -5.66 -8.96
N SER A 75 1.54 -4.99 -9.32
CA SER A 75 2.85 -5.61 -9.47
C SER A 75 3.52 -5.81 -8.10
N LEU A 76 3.05 -5.05 -7.12
CA LEU A 76 3.58 -5.12 -5.75
C LEU A 76 2.54 -5.69 -4.78
N ILE A 77 1.54 -6.39 -5.35
CA ILE A 77 0.45 -7.00 -4.58
C ILE A 77 0.97 -8.08 -3.61
N GLY A 78 0.40 -8.10 -2.39
CA GLY A 78 0.82 -9.07 -1.38
C GLY A 78 2.05 -8.62 -0.59
N GLU A 79 2.72 -7.59 -1.12
CA GLU A 79 3.93 -7.03 -0.49
C GLU A 79 3.57 -5.92 0.50
N GLU A 80 4.53 -5.06 0.84
CA GLU A 80 4.31 -3.94 1.77
C GLU A 80 5.02 -2.68 1.28
N LEU A 81 4.38 -1.53 1.48
CA LEU A 81 4.93 -0.23 1.10
C LEU A 81 5.11 0.65 2.33
N GLN A 82 5.92 1.70 2.18
CA GLN A 82 6.21 2.60 3.29
C GLN A 82 6.09 4.06 2.90
N VAL A 83 5.52 4.85 3.82
CA VAL A 83 5.32 6.27 3.59
C VAL A 83 6.15 7.10 4.57
N ASP A 84 6.86 8.09 4.03
CA ASP A 84 7.71 8.97 4.83
C ASP A 84 7.53 10.44 4.40
N PHE A 85 8.10 11.35 5.19
CA PHE A 85 8.03 12.80 4.93
C PHE A 85 8.94 13.20 3.76
N LEU A 86 8.42 14.13 2.91
CA LEU A 86 9.13 14.66 1.72
C LEU A 86 9.63 13.55 0.79
N GLY A 1 -24.44 -21.17 -5.86
CA GLY A 1 -23.68 -21.97 -4.86
C GLY A 1 -23.92 -21.50 -3.43
N PRO A 2 -24.18 -22.42 -2.45
CA PRO A 2 -24.42 -22.05 -1.04
C PRO A 2 -23.15 -21.61 -0.28
N LEU A 3 -22.00 -21.67 -0.98
CA LEU A 3 -20.71 -21.29 -0.38
C LEU A 3 -20.37 -19.84 -0.72
N GLY A 4 -19.99 -19.07 0.30
CA GLY A 4 -19.64 -17.67 0.12
C GLY A 4 -18.13 -17.44 0.22
N SER A 5 -17.65 -16.42 -0.50
CA SER A 5 -16.22 -16.08 -0.49
C SER A 5 -15.93 -14.91 0.45
N PRO A 6 -15.23 -15.15 1.60
CA PRO A 6 -14.90 -14.09 2.57
C PRO A 6 -13.69 -13.25 2.15
N SER A 7 -13.78 -11.94 2.40
CA SER A 7 -12.69 -11.01 2.06
C SER A 7 -12.31 -10.17 3.28
N LYS A 8 -11.14 -10.48 3.86
CA LYS A 8 -10.63 -9.77 5.03
C LYS A 8 -9.11 -9.59 4.96
N THR A 9 -8.42 -10.63 4.50
CA THR A 9 -6.96 -10.62 4.37
C THR A 9 -6.50 -11.07 2.97
N SER A 10 -7.43 -11.07 2.01
CA SER A 10 -7.13 -11.48 0.63
C SER A 10 -6.67 -10.28 -0.22
N ASN A 11 -5.42 -10.36 -0.70
CA ASN A 11 -4.79 -9.31 -1.53
C ASN A 11 -4.84 -7.93 -0.86
N THR A 12 -3.91 -7.69 0.06
CA THR A 12 -3.83 -6.42 0.81
C THR A 12 -2.38 -6.08 1.13
N ILE A 13 -2.09 -4.77 1.29
CA ILE A 13 -0.73 -4.30 1.58
C ILE A 13 -0.75 -3.32 2.75
N ARG A 14 0.37 -3.29 3.49
CA ARG A 14 0.50 -2.43 4.66
C ARG A 14 1.18 -1.11 4.32
N VAL A 15 0.50 -0.02 4.62
CA VAL A 15 1.03 1.33 4.38
C VAL A 15 1.45 1.94 5.72
N PHE A 16 2.52 2.75 5.71
CA PHE A 16 2.98 3.38 6.95
C PHE A 16 2.30 4.75 7.13
N LEU A 17 1.47 4.82 8.18
CA LEU A 17 0.74 6.00 8.53
C LEU A 17 1.30 6.67 9.78
N PRO A 18 1.51 8.02 9.77
CA PRO A 18 2.04 8.77 10.93
C PRO A 18 1.18 8.59 12.19
N ASN A 19 1.80 8.80 13.37
CA ASN A 19 1.12 8.69 14.69
C ASN A 19 0.88 7.21 15.07
N LYS A 20 1.76 6.31 14.58
CA LYS A 20 1.70 4.85 14.86
C LYS A 20 0.41 4.18 14.33
N GLN A 21 -0.14 4.73 13.23
CA GLN A 21 -1.34 4.17 12.63
C GLN A 21 -1.01 3.23 11.48
N ARG A 22 -1.84 2.19 11.31
CA ARG A 22 -1.64 1.18 10.27
C ARG A 22 -2.95 0.80 9.58
N THR A 23 -2.93 0.76 8.24
CA THR A 23 -4.11 0.39 7.45
C THR A 23 -3.69 -0.40 6.19
N VAL A 24 -4.41 -1.49 5.90
CA VAL A 24 -4.14 -2.30 4.74
C VAL A 24 -5.05 -1.88 3.58
N VAL A 25 -4.62 -2.18 2.36
CA VAL A 25 -5.39 -1.83 1.17
C VAL A 25 -5.40 -2.95 0.14
N ASN A 26 -6.53 -3.09 -0.54
CA ASN A 26 -6.71 -4.09 -1.58
C ASN A 26 -6.68 -3.39 -2.93
N VAL A 27 -6.06 -4.03 -3.90
CA VAL A 27 -5.93 -3.45 -5.24
C VAL A 27 -6.30 -4.45 -6.35
N ARG A 28 -6.79 -3.90 -7.46
CA ARG A 28 -7.19 -4.68 -8.63
C ARG A 28 -6.03 -4.79 -9.61
N ASN A 29 -5.96 -5.91 -10.34
CA ASN A 29 -4.89 -6.14 -11.33
C ASN A 29 -4.83 -5.01 -12.37
N GLY A 30 -3.67 -4.37 -12.46
CA GLY A 30 -3.48 -3.25 -13.39
C GLY A 30 -3.49 -1.91 -12.67
N MET A 31 -3.51 -1.96 -11.33
CA MET A 31 -3.53 -0.77 -10.47
C MET A 31 -2.12 -0.22 -10.25
N SER A 32 -2.04 1.09 -9.97
CA SER A 32 -0.76 1.75 -9.71
C SER A 32 -0.63 2.12 -8.24
N LEU A 33 0.59 2.50 -7.82
CA LEU A 33 0.86 2.89 -6.42
C LEU A 33 0.11 4.15 -6.02
N HIS A 34 -0.01 5.12 -6.95
CA HIS A 34 -0.73 6.38 -6.71
C HIS A 34 -2.16 6.06 -6.26
N ASP A 35 -2.72 5.02 -6.88
CA ASP A 35 -4.07 4.52 -6.56
C ASP A 35 -4.10 3.76 -5.23
N CYS A 36 -2.95 3.17 -4.82
CA CYS A 36 -2.86 2.37 -3.58
C CYS A 36 -3.15 3.20 -2.32
N LEU A 37 -2.88 4.52 -2.39
CA LEU A 37 -3.10 5.43 -1.26
C LEU A 37 -4.49 6.07 -1.31
N MET A 38 -5.14 6.05 -2.49
CA MET A 38 -6.47 6.62 -2.69
C MET A 38 -7.55 5.95 -1.83
N LYS A 39 -7.40 4.63 -1.61
CA LYS A 39 -8.35 3.85 -0.81
C LYS A 39 -8.26 4.19 0.69
N ALA A 40 -7.02 4.36 1.18
CA ALA A 40 -6.77 4.70 2.59
C ALA A 40 -7.15 6.15 2.91
N LEU A 41 -6.77 7.07 2.01
CA LEU A 41 -7.02 8.49 2.12
C LEU A 41 -8.49 8.87 1.88
N LYS A 42 -9.21 8.02 1.12
CA LYS A 42 -10.61 8.28 0.72
C LYS A 42 -11.48 8.58 1.93
N VAL A 43 -11.09 7.96 3.03
CA VAL A 43 -11.75 8.08 4.33
C VAL A 43 -11.81 9.54 4.82
N ARG A 44 -10.73 10.29 4.57
CA ARG A 44 -10.67 11.70 4.98
C ARG A 44 -10.80 12.66 3.79
N GLY A 45 -10.45 12.18 2.58
CA GLY A 45 -10.59 13.00 1.38
C GLY A 45 -9.61 14.17 1.27
N LEU A 46 -8.45 14.06 1.92
CA LEU A 46 -7.45 15.13 1.91
C LEU A 46 -6.11 14.66 1.35
N GLN A 47 -5.67 15.34 0.29
CA GLN A 47 -4.41 15.02 -0.38
C GLN A 47 -3.27 15.92 0.14
N PRO A 48 -2.14 15.34 0.65
CA PRO A 48 -0.99 16.13 1.17
C PRO A 48 -0.16 16.79 0.05
N GLU A 49 0.85 17.59 0.44
CA GLU A 49 1.72 18.29 -0.52
C GLU A 49 2.75 17.33 -1.14
N CYS A 50 3.45 16.57 -0.30
CA CYS A 50 4.45 15.61 -0.75
C CYS A 50 4.30 14.28 -0.02
N CYS A 51 4.37 13.19 -0.79
CA CYS A 51 4.25 11.83 -0.25
C CYS A 51 5.18 10.89 -1.00
N ALA A 52 5.80 9.96 -0.26
CA ALA A 52 6.73 9.00 -0.84
C ALA A 52 6.48 7.60 -0.31
N VAL A 53 6.69 6.60 -1.18
CA VAL A 53 6.51 5.22 -0.82
C VAL A 53 7.83 4.46 -0.95
N PHE A 54 8.02 3.50 -0.06
CA PHE A 54 9.19 2.65 -0.08
C PHE A 54 8.81 1.24 0.35
N ARG A 55 9.23 0.29 -0.46
CA ARG A 55 9.03 -1.14 -0.15
C ARG A 55 10.29 -1.69 0.52
N LEU A 56 10.09 -2.42 1.62
CA LEU A 56 11.19 -3.01 2.40
C LEU A 56 11.69 -4.32 1.79
N LEU A 57 13.01 -4.51 1.85
CA LEU A 57 13.66 -5.72 1.32
C LEU A 57 13.67 -6.84 2.36
N HIS A 58 13.91 -8.08 1.89
CA HIS A 58 13.97 -9.26 2.76
C HIS A 58 15.26 -9.24 3.62
N GLU A 59 15.71 -10.42 4.09
CA GLU A 59 16.93 -10.53 4.93
C GLU A 59 18.21 -10.27 4.12
N HIS A 60 18.06 -10.12 2.78
CA HIS A 60 19.18 -9.85 1.89
C HIS A 60 19.04 -8.49 1.22
N LYS A 61 20.07 -8.07 0.47
CA LYS A 61 20.10 -6.79 -0.27
C LYS A 61 20.06 -5.57 0.65
N GLY A 62 18.86 -5.09 0.97
CA GLY A 62 18.74 -3.94 1.82
C GLY A 62 17.58 -3.99 2.79
N LYS A 63 17.12 -2.81 3.23
CA LYS A 63 16.01 -2.68 4.17
C LYS A 63 14.92 -1.77 3.60
N LYS A 64 15.36 -0.76 2.84
CA LYS A 64 14.46 0.21 2.22
C LYS A 64 14.73 0.31 0.74
N ALA A 65 13.67 0.18 -0.06
CA ALA A 65 13.77 0.21 -1.51
C ALA A 65 12.88 1.29 -2.10
N ARG A 66 13.47 2.12 -2.95
CA ARG A 66 12.74 3.19 -3.63
C ARG A 66 12.03 2.62 -4.87
N LEU A 67 10.71 2.82 -4.91
CA LEU A 67 9.89 2.34 -6.01
C LEU A 67 9.17 3.50 -6.69
N ASP A 68 8.60 3.25 -7.87
CA ASP A 68 7.89 4.28 -8.63
C ASP A 68 6.44 4.38 -8.17
N TRP A 69 5.94 5.62 -8.12
CA TRP A 69 4.56 5.89 -7.69
C TRP A 69 3.54 5.40 -8.73
N ASN A 70 3.99 5.23 -9.97
CA ASN A 70 3.14 4.76 -11.08
C ASN A 70 3.34 3.25 -11.31
N THR A 71 3.89 2.54 -10.31
CA THR A 71 4.14 1.09 -10.42
C THR A 71 2.89 0.28 -10.08
N ASP A 72 2.83 -0.96 -10.59
CA ASP A 72 1.70 -1.86 -10.36
C ASP A 72 1.53 -2.21 -8.87
N ALA A 73 0.39 -1.80 -8.30
CA ALA A 73 0.07 -2.04 -6.88
C ALA A 73 -0.18 -3.52 -6.59
N ALA A 74 -0.80 -4.23 -7.55
CA ALA A 74 -1.09 -5.67 -7.42
C ALA A 74 0.19 -6.51 -7.48
N SER A 75 1.29 -5.88 -7.95
CA SER A 75 2.60 -6.52 -8.06
C SER A 75 3.30 -6.54 -6.70
N LEU A 76 2.88 -5.63 -5.81
CA LEU A 76 3.43 -5.51 -4.46
C LEU A 76 2.42 -5.99 -3.41
N ILE A 77 1.43 -6.78 -3.87
CA ILE A 77 0.37 -7.32 -3.00
C ILE A 77 0.94 -8.28 -1.94
N GLY A 78 0.41 -8.19 -0.71
CA GLY A 78 0.87 -9.03 0.39
C GLY A 78 2.12 -8.50 1.07
N GLU A 79 2.77 -7.51 0.43
CA GLU A 79 3.98 -6.89 0.94
C GLU A 79 3.64 -5.68 1.82
N GLU A 80 4.63 -4.79 2.05
CA GLU A 80 4.42 -3.58 2.86
C GLU A 80 5.10 -2.39 2.22
N LEU A 81 4.47 -1.22 2.33
CA LEU A 81 5.01 0.04 1.79
C LEU A 81 5.27 1.03 2.90
N GLN A 82 6.08 2.03 2.62
CA GLN A 82 6.46 3.03 3.63
C GLN A 82 6.35 4.46 3.12
N VAL A 83 5.65 5.29 3.90
CA VAL A 83 5.44 6.69 3.57
C VAL A 83 6.30 7.57 4.49
N ASP A 84 6.95 8.57 3.89
CA ASP A 84 7.82 9.49 4.65
C ASP A 84 7.52 10.94 4.31
N PHE A 85 8.12 11.85 5.10
CA PHE A 85 7.95 13.29 4.93
C PHE A 85 8.93 13.86 3.89
N LEU A 86 8.42 14.73 3.02
CA LEU A 86 9.23 15.38 1.98
C LEU A 86 8.92 16.87 1.89
N GLY A 1 8.32 -6.46 -8.66
CA GLY A 1 7.13 -6.63 -7.78
C GLY A 1 6.43 -7.96 -8.00
N PRO A 2 7.05 -9.11 -7.59
CA PRO A 2 6.45 -10.45 -7.77
C PRO A 2 5.35 -10.74 -6.73
N LEU A 3 4.91 -12.01 -6.66
CA LEU A 3 3.87 -12.45 -5.72
C LEU A 3 4.49 -13.13 -4.51
N GLY A 4 3.78 -13.06 -3.38
CA GLY A 4 4.25 -13.67 -2.14
C GLY A 4 3.64 -15.05 -1.91
N SER A 5 2.89 -15.18 -0.82
CA SER A 5 2.24 -16.45 -0.46
C SER A 5 0.76 -16.45 -0.90
N PRO A 6 0.33 -17.46 -1.73
CA PRO A 6 -1.07 -17.54 -2.20
C PRO A 6 -2.05 -18.05 -1.13
N SER A 7 -3.12 -17.29 -0.90
CA SER A 7 -4.16 -17.64 0.08
C SER A 7 -5.55 -17.40 -0.49
N LYS A 8 -5.75 -16.23 -1.14
CA LYS A 8 -7.02 -15.81 -1.76
C LYS A 8 -8.20 -15.88 -0.75
N THR A 9 -8.41 -14.76 -0.05
CA THR A 9 -9.49 -14.64 0.93
C THR A 9 -10.02 -13.20 1.00
N SER A 10 -9.10 -12.26 1.27
CA SER A 10 -9.45 -10.83 1.35
C SER A 10 -8.43 -10.00 0.58
N ASN A 11 -8.93 -9.16 -0.34
CA ASN A 11 -8.07 -8.30 -1.16
C ASN A 11 -7.91 -6.91 -0.52
N THR A 12 -6.96 -6.82 0.42
CA THR A 12 -6.68 -5.57 1.14
C THR A 12 -5.19 -5.46 1.50
N ILE A 13 -4.71 -4.21 1.62
CA ILE A 13 -3.29 -3.95 1.95
C ILE A 13 -3.21 -2.92 3.07
N ARG A 14 -2.16 -3.04 3.89
CA ARG A 14 -1.95 -2.15 5.02
C ARG A 14 -1.00 -1.01 4.67
N VAL A 15 -1.49 0.22 4.87
CA VAL A 15 -0.71 1.42 4.60
C VAL A 15 -0.26 2.02 5.94
N PHE A 16 0.93 2.62 5.96
CA PHE A 16 1.45 3.21 7.19
C PHE A 16 1.06 4.69 7.28
N LEU A 17 0.21 5.00 8.26
CA LEU A 17 -0.27 6.31 8.53
C LEU A 17 0.35 6.91 9.80
N PRO A 18 0.84 8.18 9.77
CA PRO A 18 1.46 8.83 10.94
C PRO A 18 0.53 8.86 12.15
N ASN A 19 1.12 8.99 13.37
CA ASN A 19 0.38 9.03 14.66
C ASN A 19 -0.17 7.64 15.04
N LYS A 20 0.55 6.58 14.63
CA LYS A 20 0.20 5.16 14.92
C LYS A 20 -1.17 4.75 14.32
N GLN A 21 -1.56 5.36 13.20
CA GLN A 21 -2.82 5.03 12.54
C GLN A 21 -2.61 4.01 11.43
N ARG A 22 -3.57 3.10 11.28
CA ARG A 22 -3.51 2.04 10.27
C ARG A 22 -4.87 1.82 9.59
N THR A 23 -4.85 1.72 8.26
CA THR A 23 -6.07 1.49 7.47
C THR A 23 -5.77 0.62 6.24
N VAL A 24 -6.63 -0.39 6.00
CA VAL A 24 -6.48 -1.29 4.88
C VAL A 24 -7.32 -0.79 3.69
N VAL A 25 -6.91 -1.19 2.48
CA VAL A 25 -7.63 -0.79 1.26
C VAL A 25 -7.75 -1.94 0.27
N ASN A 26 -8.88 -1.98 -0.43
CA ASN A 26 -9.12 -2.99 -1.44
C ASN A 26 -8.95 -2.38 -2.83
N VAL A 27 -8.29 -3.10 -3.73
CA VAL A 27 -8.04 -2.60 -5.08
C VAL A 27 -8.49 -3.59 -6.15
N ARG A 28 -8.88 -3.04 -7.31
CA ARG A 28 -9.33 -3.83 -8.45
C ARG A 28 -8.19 -4.07 -9.43
N ASN A 29 -8.21 -5.23 -10.11
CA ASN A 29 -7.15 -5.60 -11.08
C ASN A 29 -6.94 -4.50 -12.14
N GLY A 30 -5.69 -4.02 -12.22
CA GLY A 30 -5.34 -2.96 -13.15
C GLY A 30 -5.13 -1.63 -12.46
N MET A 31 -5.19 -1.65 -11.12
CA MET A 31 -5.01 -0.45 -10.29
C MET A 31 -3.53 -0.15 -10.05
N SER A 32 -3.24 1.13 -9.79
CA SER A 32 -1.87 1.57 -9.52
C SER A 32 -1.74 1.99 -8.06
N LEU A 33 -0.49 2.13 -7.58
CA LEU A 33 -0.19 2.52 -6.21
C LEU A 33 -0.73 3.92 -5.89
N HIS A 34 -0.64 4.83 -6.88
CA HIS A 34 -1.13 6.21 -6.73
C HIS A 34 -2.60 6.19 -6.27
N ASP A 35 -3.35 5.25 -6.87
CA ASP A 35 -4.76 5.03 -6.56
C ASP A 35 -4.95 4.34 -5.20
N CYS A 36 -3.95 3.55 -4.74
CA CYS A 36 -4.05 2.82 -3.47
C CYS A 36 -4.24 3.74 -2.26
N LEU A 37 -3.75 4.99 -2.38
CA LEU A 37 -3.85 5.98 -1.31
C LEU A 37 -5.16 6.78 -1.38
N MET A 38 -5.94 6.58 -2.46
CA MET A 38 -7.21 7.28 -2.67
C MET A 38 -8.25 6.93 -1.58
N LYS A 39 -8.52 5.63 -1.38
CA LYS A 39 -9.49 5.15 -0.39
C LYS A 39 -9.18 5.65 1.03
N ALA A 40 -7.90 5.73 1.36
CA ALA A 40 -7.43 6.21 2.67
C ALA A 40 -7.57 7.73 2.83
N LEU A 41 -7.24 8.47 1.78
CA LEU A 41 -7.29 9.92 1.75
C LEU A 41 -8.72 10.49 1.69
N LYS A 42 -9.66 9.69 1.17
CA LYS A 42 -11.07 10.12 0.97
C LYS A 42 -11.69 10.60 2.26
N VAL A 43 -11.17 10.01 3.31
CA VAL A 43 -11.57 10.28 4.69
C VAL A 43 -11.40 11.77 5.05
N ARG A 44 -10.31 12.38 4.52
CA ARG A 44 -10.04 13.80 4.75
C ARG A 44 -10.31 14.64 3.50
N GLY A 45 -10.22 14.00 2.32
CA GLY A 45 -10.53 14.66 1.05
C GLY A 45 -9.51 15.72 0.64
N LEU A 46 -8.24 15.57 1.07
CA LEU A 46 -7.20 16.54 0.75
C LEU A 46 -5.88 15.88 0.36
N GLN A 47 -5.20 16.50 -0.62
CA GLN A 47 -3.91 16.01 -1.12
C GLN A 47 -2.94 17.21 -1.37
N PRO A 48 -2.55 17.96 -0.28
CA PRO A 48 -1.65 19.11 -0.40
C PRO A 48 -0.16 18.75 -0.38
N GLU A 49 0.20 17.77 0.46
CA GLU A 49 1.59 17.33 0.59
C GLU A 49 1.88 16.12 -0.31
N CYS A 50 3.15 15.69 -0.34
CA CYS A 50 3.59 14.56 -1.16
C CYS A 50 3.95 13.37 -0.27
N CYS A 51 3.66 12.17 -0.77
CA CYS A 51 3.94 10.94 -0.02
C CYS A 51 4.76 9.94 -0.83
N ALA A 52 5.33 8.97 -0.12
CA ALA A 52 6.15 7.91 -0.72
C ALA A 52 5.77 6.56 -0.13
N VAL A 53 5.85 5.51 -0.96
CA VAL A 53 5.52 4.16 -0.51
C VAL A 53 6.72 3.23 -0.58
N PHE A 54 6.75 2.32 0.38
CA PHE A 54 7.77 1.30 0.47
C PHE A 54 7.14 0.01 0.98
N ARG A 55 7.41 -1.06 0.28
CA ARG A 55 6.93 -2.39 0.69
C ARG A 55 8.05 -3.09 1.49
N LEU A 56 7.75 -3.39 2.76
CA LEU A 56 8.70 -4.03 3.67
C LEU A 56 8.94 -5.49 3.33
N LEU A 57 10.18 -5.91 3.53
CA LEU A 57 10.63 -7.28 3.27
C LEU A 57 10.41 -8.17 4.49
N HIS A 58 10.44 -9.50 4.28
CA HIS A 58 10.26 -10.49 5.36
C HIS A 58 11.19 -10.23 6.56
N GLU A 59 10.83 -10.81 7.72
CA GLU A 59 11.60 -10.65 8.97
C GLU A 59 12.97 -11.37 8.94
N HIS A 60 13.19 -12.19 7.91
CA HIS A 60 14.44 -12.93 7.74
C HIS A 60 15.46 -12.13 6.94
N LYS A 61 15.10 -11.88 5.69
CA LYS A 61 15.93 -11.13 4.75
C LYS A 61 15.23 -9.85 4.27
N GLY A 62 16.03 -8.82 3.98
CA GLY A 62 15.50 -7.54 3.51
C GLY A 62 15.06 -6.63 4.64
N LYS A 63 15.05 -5.31 4.37
CA LYS A 63 14.66 -4.32 5.36
C LYS A 63 13.62 -3.35 4.79
N LYS A 64 14.02 -2.66 3.72
CA LYS A 64 13.17 -1.66 3.06
C LYS A 64 13.26 -1.83 1.55
N ALA A 65 12.09 -1.81 0.89
CA ALA A 65 12.03 -1.97 -0.56
C ALA A 65 11.29 -0.83 -1.22
N ARG A 66 11.99 -0.18 -2.16
CA ARG A 66 11.45 0.93 -2.92
C ARG A 66 10.70 0.40 -4.15
N LEU A 67 9.44 0.80 -4.26
CA LEU A 67 8.59 0.41 -5.37
C LEU A 67 8.10 1.65 -6.13
N ASP A 68 7.54 1.44 -7.33
CA ASP A 68 7.06 2.54 -8.16
C ASP A 68 5.64 2.94 -7.75
N TRP A 69 5.38 4.25 -7.76
CA TRP A 69 4.06 4.79 -7.39
C TRP A 69 3.00 4.46 -8.45
N ASN A 70 3.44 4.16 -9.66
CA ASN A 70 2.55 3.80 -10.77
C ASN A 70 2.49 2.28 -10.98
N THR A 71 2.88 1.51 -9.93
CA THR A 71 2.88 0.04 -9.98
C THR A 71 1.48 -0.52 -9.68
N ASP A 72 1.23 -1.76 -10.15
CA ASP A 72 -0.05 -2.43 -9.95
C ASP A 72 -0.32 -2.69 -8.46
N ALA A 73 -1.40 -2.08 -7.95
CA ALA A 73 -1.81 -2.20 -6.54
C ALA A 73 -2.32 -3.61 -6.21
N ALA A 74 -3.01 -4.24 -7.18
CA ALA A 74 -3.55 -5.59 -7.00
C ALA A 74 -2.43 -6.64 -6.98
N SER A 75 -1.23 -6.23 -7.42
CA SER A 75 -0.04 -7.09 -7.45
C SER A 75 0.60 -7.18 -6.07
N LEU A 76 0.30 -6.18 -5.22
CA LEU A 76 0.81 -6.12 -3.86
C LEU A 76 -0.30 -6.38 -2.83
N ILE A 77 -1.40 -6.99 -3.30
CA ILE A 77 -2.57 -7.30 -2.46
C ILE A 77 -2.22 -8.30 -1.35
N GLY A 78 -2.76 -8.06 -0.15
CA GLY A 78 -2.49 -8.93 0.99
C GLY A 78 -1.18 -8.59 1.70
N GLU A 79 -0.36 -7.75 1.06
CA GLU A 79 0.93 -7.32 1.59
C GLU A 79 0.77 -6.04 2.43
N GLU A 80 1.89 -5.32 2.65
CA GLU A 80 1.86 -4.06 3.42
C GLU A 80 2.76 -3.02 2.77
N LEU A 81 2.34 -1.76 2.83
CA LEU A 81 3.11 -0.64 2.26
C LEU A 81 3.48 0.35 3.35
N GLN A 82 4.48 1.19 3.05
CA GLN A 82 4.97 2.16 4.04
C GLN A 82 5.06 3.57 3.46
N VAL A 83 4.50 4.53 4.20
CA VAL A 83 4.51 5.93 3.79
C VAL A 83 5.50 6.72 4.65
N ASP A 84 6.33 7.52 3.99
CA ASP A 84 7.33 8.35 4.66
C ASP A 84 7.35 9.78 4.12
N PHE A 85 8.08 10.66 4.81
CA PHE A 85 8.21 12.07 4.45
C PHE A 85 9.14 12.26 3.24
N LEU A 86 8.72 13.12 2.30
CA LEU A 86 9.49 13.41 1.10
C LEU A 86 10.45 14.58 1.32
N GLY A 1 -3.60 -27.34 -3.36
CA GLY A 1 -4.95 -27.20 -2.74
C GLY A 1 -5.00 -26.10 -1.69
N PRO A 2 -6.04 -25.20 -1.72
CA PRO A 2 -6.17 -24.10 -0.73
C PRO A 2 -6.65 -24.59 0.66
N LEU A 3 -7.01 -23.63 1.52
CA LEU A 3 -7.48 -23.94 2.88
C LEU A 3 -8.93 -23.48 3.06
N GLY A 4 -9.25 -22.29 2.57
CA GLY A 4 -10.59 -21.75 2.68
C GLY A 4 -10.71 -20.33 2.17
N SER A 5 -9.65 -19.52 2.41
CA SER A 5 -9.58 -18.09 1.99
C SER A 5 -10.66 -17.23 2.66
N PRO A 6 -10.28 -16.14 3.39
CA PRO A 6 -11.24 -15.25 4.07
C PRO A 6 -11.98 -14.31 3.11
N SER A 7 -13.13 -13.80 3.57
CA SER A 7 -13.95 -12.88 2.77
C SER A 7 -13.70 -11.42 3.17
N LYS A 8 -12.98 -11.21 4.28
CA LYS A 8 -12.66 -9.86 4.77
C LYS A 8 -11.40 -9.31 4.12
N THR A 9 -10.36 -10.16 4.01
CA THR A 9 -9.09 -9.77 3.41
C THR A 9 -8.91 -10.41 2.03
N SER A 10 -9.28 -9.66 1.00
CA SER A 10 -9.16 -10.12 -0.39
C SER A 10 -8.54 -9.02 -1.25
N ASN A 11 -7.27 -9.24 -1.65
CA ASN A 11 -6.49 -8.29 -2.48
C ASN A 11 -6.44 -6.89 -1.84
N THR A 12 -5.59 -6.75 -0.82
CA THR A 12 -5.44 -5.48 -0.08
C THR A 12 -3.98 -5.28 0.34
N ILE A 13 -3.59 -4.01 0.52
CA ILE A 13 -2.21 -3.67 0.91
C ILE A 13 -2.23 -2.68 2.08
N ARG A 14 -1.22 -2.79 2.94
CA ARG A 14 -1.11 -1.95 4.13
C ARG A 14 -0.23 -0.73 3.89
N VAL A 15 -0.81 0.46 4.11
CA VAL A 15 -0.11 1.73 3.95
C VAL A 15 0.25 2.29 5.32
N PHE A 16 1.40 2.97 5.41
CA PHE A 16 1.83 3.55 6.69
C PHE A 16 1.33 4.99 6.83
N LEU A 17 0.41 5.19 7.78
CA LEU A 17 -0.17 6.46 8.07
C LEU A 17 0.34 7.04 9.39
N PRO A 18 0.75 8.35 9.41
CA PRO A 18 1.26 9.01 10.64
C PRO A 18 0.24 8.97 11.78
N ASN A 19 0.74 9.10 13.03
CA ASN A 19 -0.11 9.10 14.26
C ASN A 19 -0.63 7.69 14.60
N LYS A 20 0.19 6.66 14.27
CA LYS A 20 -0.14 5.24 14.53
C LYS A 20 -1.42 4.75 13.82
N GLN A 21 -1.73 5.35 12.67
CA GLN A 21 -2.92 4.97 11.89
C GLN A 21 -2.56 3.97 10.81
N ARG A 22 -3.45 3.00 10.60
CA ARG A 22 -3.23 1.95 9.58
C ARG A 22 -4.51 1.63 8.80
N THR A 23 -4.39 1.59 7.48
CA THR A 23 -5.52 1.29 6.60
C THR A 23 -5.06 0.49 5.37
N VAL A 24 -5.85 -0.53 4.99
CA VAL A 24 -5.55 -1.36 3.86
C VAL A 24 -6.28 -0.84 2.61
N VAL A 25 -5.76 -1.18 1.44
CA VAL A 25 -6.37 -0.73 0.18
C VAL A 25 -6.46 -1.85 -0.85
N ASN A 26 -7.54 -1.83 -1.62
CA ASN A 26 -7.77 -2.82 -2.67
C ASN A 26 -7.56 -2.14 -4.02
N VAL A 27 -6.97 -2.88 -4.95
CA VAL A 27 -6.68 -2.34 -6.29
C VAL A 27 -7.05 -3.32 -7.40
N ARG A 28 -7.40 -2.76 -8.56
CA ARG A 28 -7.77 -3.54 -9.74
C ARG A 28 -6.56 -3.70 -10.67
N ASN A 29 -6.51 -4.84 -11.38
CA ASN A 29 -5.39 -5.15 -12.31
C ASN A 29 -5.16 -4.02 -13.33
N GLY A 30 -3.92 -3.50 -13.33
CA GLY A 30 -3.55 -2.41 -14.22
C GLY A 30 -3.43 -1.08 -13.49
N MET A 31 -3.56 -1.13 -12.16
CA MET A 31 -3.46 0.05 -11.29
C MET A 31 -2.02 0.40 -10.96
N SER A 32 -1.79 1.69 -10.66
CA SER A 32 -0.46 2.17 -10.29
C SER A 32 -0.43 2.56 -8.82
N LEU A 33 0.79 2.76 -8.27
CA LEU A 33 0.98 3.12 -6.86
C LEU A 33 0.37 4.49 -6.54
N HIS A 34 0.47 5.43 -7.49
CA HIS A 34 -0.10 6.78 -7.31
C HIS A 34 -1.58 6.68 -6.93
N ASP A 35 -2.27 5.76 -7.60
CA ASP A 35 -3.68 5.47 -7.37
C ASP A 35 -3.91 4.71 -6.05
N CYS A 36 -2.90 3.94 -5.59
CA CYS A 36 -3.02 3.13 -4.36
C CYS A 36 -3.36 3.98 -3.13
N LEU A 37 -2.97 5.27 -3.17
CA LEU A 37 -3.22 6.21 -2.08
C LEU A 37 -4.59 6.91 -2.23
N MET A 38 -5.21 6.77 -3.42
CA MET A 38 -6.52 7.39 -3.71
C MET A 38 -7.67 6.75 -2.91
N LYS A 39 -7.60 5.42 -2.71
CA LYS A 39 -8.63 4.68 -1.97
C LYS A 39 -8.59 4.99 -0.47
N ALA A 40 -7.39 5.08 0.08
CA ALA A 40 -7.18 5.36 1.51
C ALA A 40 -7.47 6.82 1.85
N LEU A 41 -7.06 7.73 0.97
CA LEU A 41 -7.26 9.16 1.12
C LEU A 41 -8.70 9.61 0.87
N LYS A 42 -9.44 8.82 0.07
CA LYS A 42 -10.82 9.15 -0.34
C LYS A 42 -11.72 9.31 0.89
N VAL A 43 -11.38 8.53 1.91
CA VAL A 43 -12.10 8.48 3.16
C VAL A 43 -11.87 9.72 4.05
N ARG A 44 -10.63 10.24 4.03
CA ARG A 44 -10.31 11.42 4.86
C ARG A 44 -10.20 12.72 4.06
N GLY A 45 -9.93 12.63 2.74
CA GLY A 45 -9.87 13.83 1.91
C GLY A 45 -8.66 14.71 2.18
N LEU A 46 -7.55 14.11 2.65
CA LEU A 46 -6.34 14.88 2.98
C LEU A 46 -5.42 15.04 1.78
N GLN A 47 -5.20 16.30 1.38
CA GLN A 47 -4.33 16.62 0.24
C GLN A 47 -2.94 17.03 0.71
N PRO A 48 -1.92 16.11 0.64
CA PRO A 48 -0.55 16.42 1.07
C PRO A 48 0.28 17.11 -0.03
N GLU A 49 1.46 17.62 0.35
CA GLU A 49 2.37 18.30 -0.59
C GLU A 49 3.33 17.30 -1.22
N CYS A 50 4.01 16.50 -0.38
CA CYS A 50 4.96 15.49 -0.85
C CYS A 50 4.75 14.17 -0.12
N CYS A 51 4.76 13.06 -0.87
CA CYS A 51 4.57 11.73 -0.31
C CYS A 51 5.49 10.73 -1.00
N ALA A 52 5.95 9.74 -0.23
CA ALA A 52 6.85 8.71 -0.75
C ALA A 52 6.44 7.33 -0.26
N VAL A 53 6.63 6.32 -1.12
CA VAL A 53 6.29 4.95 -0.77
C VAL A 53 7.53 4.06 -0.78
N PHE A 54 7.53 3.14 0.16
CA PHE A 54 8.58 2.15 0.29
C PHE A 54 7.97 0.83 0.73
N ARG A 55 8.33 -0.22 0.03
CA ARG A 55 7.88 -1.57 0.41
C ARG A 55 8.95 -2.25 1.28
N LEU A 56 8.50 -2.90 2.36
CA LEU A 56 9.41 -3.56 3.32
C LEU A 56 9.84 -4.95 2.85
N LEU A 57 11.10 -5.29 3.14
CA LEU A 57 11.68 -6.58 2.79
C LEU A 57 11.33 -7.64 3.83
N HIS A 58 10.66 -8.71 3.39
CA HIS A 58 10.25 -9.81 4.29
C HIS A 58 10.48 -11.19 3.68
N GLU A 59 11.42 -11.28 2.73
CA GLU A 59 11.75 -12.56 2.06
C GLU A 59 12.80 -13.36 2.86
N HIS A 60 13.79 -12.64 3.40
CA HIS A 60 14.87 -13.24 4.21
C HIS A 60 15.57 -12.18 5.03
N LYS A 61 16.21 -11.25 4.32
CA LYS A 61 16.93 -10.13 4.94
C LYS A 61 16.71 -8.86 4.14
N GLY A 62 16.73 -7.71 4.84
CA GLY A 62 16.53 -6.42 4.20
C GLY A 62 16.05 -5.37 5.17
N LYS A 63 16.13 -4.10 4.76
CA LYS A 63 15.71 -2.97 5.60
C LYS A 63 14.55 -2.22 4.96
N LYS A 64 14.85 -1.47 3.90
CA LYS A 64 13.87 -0.66 3.18
C LYS A 64 14.06 -0.83 1.68
N ALA A 65 12.96 -0.79 0.94
CA ALA A 65 13.01 -0.95 -0.51
C ALA A 65 12.28 0.16 -1.23
N ARG A 66 13.02 0.84 -2.12
CA ARG A 66 12.48 1.92 -2.93
C ARG A 66 11.82 1.38 -4.19
N LEU A 67 10.56 1.75 -4.36
CA LEU A 67 9.76 1.35 -5.52
C LEU A 67 9.28 2.59 -6.29
N ASP A 68 8.79 2.39 -7.51
CA ASP A 68 8.32 3.49 -8.34
C ASP A 68 6.87 3.83 -8.02
N TRP A 69 6.56 5.14 -8.02
CA TRP A 69 5.20 5.62 -7.73
C TRP A 69 4.21 5.27 -8.84
N ASN A 70 4.74 5.00 -10.05
CA ASN A 70 3.93 4.63 -11.20
C ASN A 70 3.94 3.11 -11.45
N THR A 71 4.31 2.34 -10.40
CA THR A 71 4.38 0.87 -10.48
C THR A 71 2.99 0.23 -10.29
N ASP A 72 2.82 -0.99 -10.81
CA ASP A 72 1.55 -1.73 -10.70
C ASP A 72 1.20 -2.04 -9.23
N ALA A 73 0.07 -1.48 -8.78
CA ALA A 73 -0.41 -1.67 -7.40
C ALA A 73 -0.88 -3.10 -7.14
N ALA A 74 -1.48 -3.73 -8.17
CA ALA A 74 -1.96 -5.12 -8.07
C ALA A 74 -0.80 -6.11 -8.03
N SER A 75 0.40 -5.62 -8.38
CA SER A 75 1.63 -6.42 -8.36
C SER A 75 2.21 -6.50 -6.94
N LEU A 76 1.83 -5.51 -6.11
CA LEU A 76 2.27 -5.43 -4.72
C LEU A 76 1.13 -5.79 -3.76
N ILE A 77 0.09 -6.45 -4.31
CA ILE A 77 -1.10 -6.85 -3.54
C ILE A 77 -0.74 -7.86 -2.43
N GLY A 78 -1.37 -7.67 -1.26
CA GLY A 78 -1.12 -8.54 -0.11
C GLY A 78 0.13 -8.14 0.67
N GLU A 79 0.91 -7.22 0.09
CA GLU A 79 2.14 -6.73 0.69
C GLU A 79 1.86 -5.48 1.55
N GLU A 80 2.91 -4.71 1.88
CA GLU A 80 2.78 -3.49 2.67
C GLU A 80 3.68 -2.39 2.12
N LEU A 81 3.18 -1.14 2.18
CA LEU A 81 3.93 0.02 1.70
C LEU A 81 4.19 0.99 2.85
N GLN A 82 5.15 1.89 2.63
CA GLN A 82 5.54 2.84 3.68
C GLN A 82 5.60 4.27 3.15
N VAL A 83 4.92 5.17 3.87
CA VAL A 83 4.87 6.58 3.51
C VAL A 83 5.68 7.40 4.52
N ASP A 84 6.50 8.32 3.99
CA ASP A 84 7.34 9.17 4.83
C ASP A 84 7.23 10.65 4.43
N PHE A 85 7.80 11.51 5.28
CA PHE A 85 7.80 12.97 5.09
C PHE A 85 8.86 13.40 4.07
N LEU A 86 8.46 14.24 3.11
CA LEU A 86 9.37 14.74 2.08
C LEU A 86 9.29 16.27 1.99
N GLY A 1 -1.72 -13.44 -12.21
CA GLY A 1 -0.34 -13.58 -11.68
C GLY A 1 0.13 -15.03 -11.60
N PRO A 2 1.17 -15.35 -10.78
CA PRO A 2 1.69 -16.72 -10.64
C PRO A 2 0.80 -17.63 -9.79
N LEU A 3 0.10 -17.03 -8.82
CA LEU A 3 -0.79 -17.76 -7.92
C LEU A 3 -2.23 -17.70 -8.42
N GLY A 4 -2.88 -18.86 -8.47
CA GLY A 4 -4.27 -18.94 -8.92
C GLY A 4 -5.16 -19.64 -7.91
N SER A 5 -5.20 -19.10 -6.69
CA SER A 5 -6.01 -19.65 -5.60
C SER A 5 -7.34 -18.89 -5.47
N PRO A 6 -8.45 -19.58 -5.06
CA PRO A 6 -9.79 -18.94 -4.89
C PRO A 6 -9.78 -17.85 -3.81
N SER A 7 -10.93 -17.17 -3.65
CA SER A 7 -11.09 -16.09 -2.67
C SER A 7 -11.30 -16.64 -1.25
N LYS A 8 -10.29 -16.46 -0.40
CA LYS A 8 -10.34 -16.91 0.99
C LYS A 8 -9.79 -15.84 1.94
N THR A 9 -8.72 -15.14 1.49
CA THR A 9 -8.10 -14.08 2.27
C THR A 9 -8.64 -12.70 1.86
N SER A 10 -8.40 -11.70 2.72
CA SER A 10 -8.86 -10.32 2.48
C SER A 10 -7.81 -9.52 1.70
N ASN A 11 -8.24 -8.91 0.60
CA ASN A 11 -7.36 -8.10 -0.25
C ASN A 11 -7.25 -6.67 0.30
N THR A 12 -6.29 -6.49 1.23
CA THR A 12 -6.04 -5.20 1.88
C THR A 12 -4.56 -5.02 2.20
N ILE A 13 -4.11 -3.76 2.26
CA ILE A 13 -2.70 -3.43 2.56
C ILE A 13 -2.64 -2.36 3.63
N ARG A 14 -1.58 -2.43 4.45
CA ARG A 14 -1.39 -1.48 5.55
C ARG A 14 -0.48 -0.33 5.15
N VAL A 15 -1.05 0.88 5.19
CA VAL A 15 -0.34 2.10 4.85
C VAL A 15 0.06 2.85 6.12
N PHE A 16 1.20 3.52 6.10
CA PHE A 16 1.65 4.28 7.28
C PHE A 16 1.13 5.71 7.24
N LEU A 17 0.26 6.01 8.20
CA LEU A 17 -0.36 7.29 8.36
C LEU A 17 0.27 8.08 9.52
N PRO A 18 0.61 9.39 9.32
CA PRO A 18 1.22 10.24 10.36
C PRO A 18 0.38 10.28 11.65
N ASN A 19 1.04 10.60 12.78
CA ASN A 19 0.40 10.68 14.12
C ASN A 19 0.03 9.28 14.67
N LYS A 20 0.84 8.28 14.30
CA LYS A 20 0.65 6.86 14.75
C LYS A 20 -0.69 6.24 14.29
N GLN A 21 -1.22 6.71 13.15
CA GLN A 21 -2.46 6.17 12.61
C GLN A 21 -2.19 5.10 11.55
N ARG A 22 -3.09 4.11 11.48
CA ARG A 22 -2.97 3.00 10.52
C ARG A 22 -4.32 2.65 9.90
N THR A 23 -4.34 2.49 8.57
CA THR A 23 -5.57 2.13 7.85
C THR A 23 -5.27 1.22 6.65
N VAL A 24 -6.10 0.19 6.46
CA VAL A 24 -5.95 -0.74 5.38
C VAL A 24 -6.83 -0.34 4.18
N VAL A 25 -6.44 -0.78 3.00
CA VAL A 25 -7.19 -0.46 1.78
C VAL A 25 -7.27 -1.67 0.84
N ASN A 26 -8.40 -1.80 0.15
CA ASN A 26 -8.62 -2.86 -0.80
C ASN A 26 -8.46 -2.32 -2.22
N VAL A 27 -7.76 -3.06 -3.08
CA VAL A 27 -7.53 -2.62 -4.46
C VAL A 27 -7.93 -3.71 -5.47
N ARG A 28 -8.34 -3.26 -6.65
CA ARG A 28 -8.73 -4.16 -7.74
C ARG A 28 -7.59 -4.35 -8.72
N ASN A 29 -7.51 -5.55 -9.33
CA ASN A 29 -6.44 -5.89 -10.29
C ASN A 29 -6.33 -4.85 -11.42
N GLY A 30 -5.13 -4.30 -11.55
CA GLY A 30 -4.86 -3.28 -12.54
C GLY A 30 -4.71 -1.90 -11.90
N MET A 31 -4.75 -1.87 -10.56
CA MET A 31 -4.63 -0.64 -9.77
C MET A 31 -3.16 -0.26 -9.57
N SER A 32 -2.91 1.03 -9.36
CA SER A 32 -1.56 1.54 -9.14
C SER A 32 -1.41 2.02 -7.70
N LEU A 33 -0.16 2.26 -7.27
CA LEU A 33 0.16 2.73 -5.92
C LEU A 33 -0.43 4.11 -5.65
N HIS A 34 -0.39 5.00 -6.67
CA HIS A 34 -0.96 6.36 -6.56
C HIS A 34 -2.43 6.27 -6.15
N ASP A 35 -3.10 5.24 -6.69
CA ASP A 35 -4.49 4.94 -6.40
C ASP A 35 -4.67 4.33 -5.00
N CYS A 36 -3.61 3.66 -4.47
CA CYS A 36 -3.69 3.02 -3.15
C CYS A 36 -3.91 4.02 -2.01
N LEU A 37 -3.47 5.27 -2.22
CA LEU A 37 -3.63 6.33 -1.22
C LEU A 37 -4.96 7.08 -1.36
N MET A 38 -5.59 6.96 -2.55
CA MET A 38 -6.88 7.63 -2.83
C MET A 38 -8.01 7.13 -1.93
N LYS A 39 -8.02 5.81 -1.67
CA LYS A 39 -9.05 5.18 -0.83
C LYS A 39 -8.87 5.51 0.66
N ALA A 40 -7.61 5.55 1.11
CA ALA A 40 -7.28 5.85 2.51
C ALA A 40 -7.45 7.34 2.86
N LEU A 41 -7.02 8.23 1.95
CA LEU A 41 -7.10 9.67 2.14
C LEU A 41 -8.53 10.21 1.97
N LYS A 42 -9.33 9.48 1.19
CA LYS A 42 -10.70 9.87 0.83
C LYS A 42 -11.52 10.16 2.07
N VAL A 43 -11.14 9.48 3.13
CA VAL A 43 -11.79 9.59 4.44
C VAL A 43 -11.62 11.00 5.04
N ARG A 44 -10.45 11.62 4.79
CA ARG A 44 -10.20 12.99 5.29
C ARG A 44 -10.25 14.05 4.17
N GLY A 45 -10.05 13.62 2.91
CA GLY A 45 -10.13 14.55 1.78
C GLY A 45 -8.93 15.51 1.69
N LEU A 46 -7.76 15.08 2.17
CA LEU A 46 -6.57 15.93 2.17
C LEU A 46 -5.33 15.16 1.72
N GLN A 47 -4.58 15.76 0.80
CA GLN A 47 -3.36 15.16 0.26
C GLN A 47 -2.16 16.10 0.45
N PRO A 48 -0.99 15.58 0.93
CA PRO A 48 0.22 16.40 1.15
C PRO A 48 0.88 16.86 -0.17
N GLU A 49 1.99 17.62 -0.05
CA GLU A 49 2.72 18.11 -1.22
C GLU A 49 3.54 17.01 -1.89
N CYS A 50 4.36 16.31 -1.07
CA CYS A 50 5.19 15.20 -1.57
C CYS A 50 5.12 14.01 -0.62
N CYS A 51 4.96 12.82 -1.20
CA CYS A 51 4.88 11.57 -0.44
C CYS A 51 5.61 10.45 -1.16
N ALA A 52 6.19 9.53 -0.38
CA ALA A 52 6.92 8.39 -0.94
C ALA A 52 6.57 7.10 -0.24
N VAL A 53 6.50 6.01 -1.00
CA VAL A 53 6.12 4.70 -0.46
C VAL A 53 7.27 3.71 -0.53
N PHE A 54 7.27 2.82 0.46
CA PHE A 54 8.24 1.75 0.57
C PHE A 54 7.57 0.51 1.12
N ARG A 55 7.79 -0.58 0.44
CA ARG A 55 7.30 -1.90 0.87
C ARG A 55 8.40 -2.62 1.65
N LEU A 56 8.02 -3.24 2.78
CA LEU A 56 8.97 -3.95 3.65
C LEU A 56 9.27 -5.35 3.16
N LEU A 57 10.54 -5.76 3.33
CA LEU A 57 11.02 -7.08 2.92
C LEU A 57 10.68 -8.14 3.97
N HIS A 58 10.75 -9.43 3.59
CA HIS A 58 10.46 -10.56 4.48
C HIS A 58 11.37 -10.58 5.73
N GLU A 59 11.31 -11.67 6.51
CA GLU A 59 12.11 -11.82 7.75
C GLU A 59 13.63 -11.80 7.49
N HIS A 60 14.03 -12.06 6.24
CA HIS A 60 15.45 -12.07 5.86
C HIS A 60 15.69 -11.28 4.58
N LYS A 61 16.96 -10.88 4.41
CA LYS A 61 17.44 -10.12 3.23
C LYS A 61 16.69 -8.80 3.03
N GLY A 62 17.41 -7.69 3.18
CA GLY A 62 16.84 -6.35 3.00
C GLY A 62 16.03 -5.87 4.20
N LYS A 63 15.91 -4.54 4.33
CA LYS A 63 15.17 -3.92 5.41
C LYS A 63 14.07 -3.00 4.87
N LYS A 64 14.40 -2.25 3.81
CA LYS A 64 13.48 -1.31 3.18
C LYS A 64 13.56 -1.45 1.67
N ALA A 65 12.42 -1.42 1.00
CA ALA A 65 12.36 -1.57 -0.45
C ALA A 65 11.64 -0.42 -1.13
N ARG A 66 12.35 0.21 -2.07
CA ARG A 66 11.82 1.31 -2.86
C ARG A 66 11.04 0.77 -4.06
N LEU A 67 9.79 1.20 -4.16
CA LEU A 67 8.90 0.78 -5.25
C LEU A 67 8.41 2.02 -6.03
N ASP A 68 7.82 1.77 -7.21
CA ASP A 68 7.32 2.84 -8.06
C ASP A 68 5.90 3.22 -7.66
N TRP A 69 5.59 4.51 -7.75
CA TRP A 69 4.25 5.02 -7.40
C TRP A 69 3.18 4.60 -8.41
N ASN A 70 3.62 4.25 -9.62
CA ASN A 70 2.71 3.80 -10.69
C ASN A 70 2.70 2.26 -10.79
N THR A 71 3.12 1.57 -9.71
CA THR A 71 3.18 0.11 -9.67
C THR A 71 1.81 -0.49 -9.30
N ASP A 72 1.60 -1.76 -9.69
CA ASP A 72 0.34 -2.47 -9.41
C ASP A 72 0.11 -2.64 -7.91
N ALA A 73 -0.97 -2.03 -7.41
CA ALA A 73 -1.34 -2.09 -5.98
C ALA A 73 -1.81 -3.50 -5.57
N ALA A 74 -2.47 -4.20 -6.50
CA ALA A 74 -2.96 -5.57 -6.25
C ALA A 74 -1.80 -6.58 -6.18
N SER A 75 -0.62 -6.14 -6.66
CA SER A 75 0.60 -6.96 -6.65
C SER A 75 1.25 -6.98 -5.27
N LEU A 76 0.92 -5.96 -4.47
CA LEU A 76 1.44 -5.81 -3.11
C LEU A 76 0.34 -6.04 -2.07
N ILE A 77 -0.74 -6.71 -2.49
CA ILE A 77 -1.90 -7.00 -1.64
C ILE A 77 -1.52 -7.92 -0.45
N GLY A 78 -2.08 -7.61 0.72
CA GLY A 78 -1.81 -8.38 1.92
C GLY A 78 -0.53 -7.95 2.62
N GLU A 79 0.26 -7.13 1.92
CA GLU A 79 1.53 -6.62 2.43
C GLU A 79 1.34 -5.28 3.16
N GLU A 80 2.43 -4.53 3.36
CA GLU A 80 2.38 -3.23 4.03
C GLU A 80 3.27 -2.22 3.31
N LEU A 81 2.83 -0.96 3.26
CA LEU A 81 3.59 0.12 2.62
C LEU A 81 3.94 1.21 3.61
N GLN A 82 4.92 2.03 3.24
CA GLN A 82 5.40 3.11 4.11
C GLN A 82 5.67 4.39 3.32
N VAL A 83 4.96 5.46 3.67
CA VAL A 83 5.15 6.75 2.99
C VAL A 83 5.76 7.80 3.90
N ASP A 84 6.63 8.63 3.30
CA ASP A 84 7.33 9.69 4.02
C ASP A 84 7.20 11.05 3.33
N PHE A 85 7.65 12.08 4.04
CA PHE A 85 7.62 13.47 3.58
C PHE A 85 8.88 13.80 2.77
N LEU A 86 8.72 14.63 1.73
CA LEU A 86 9.84 15.05 0.88
C LEU A 86 9.78 16.55 0.61
N GLY A 1 -6.94 -22.82 -15.78
CA GLY A 1 -7.36 -22.58 -14.36
C GLY A 1 -8.49 -23.50 -13.91
N PRO A 2 -8.42 -24.08 -12.67
CA PRO A 2 -9.47 -24.98 -12.17
C PRO A 2 -10.75 -24.24 -11.73
N LEU A 3 -11.64 -24.95 -11.04
CA LEU A 3 -12.91 -24.36 -10.56
C LEU A 3 -13.04 -24.49 -9.04
N GLY A 4 -13.34 -23.38 -8.39
CA GLY A 4 -13.50 -23.36 -6.93
C GLY A 4 -12.22 -22.98 -6.21
N SER A 5 -11.95 -21.67 -6.14
CA SER A 5 -10.76 -21.15 -5.48
C SER A 5 -11.12 -20.09 -4.42
N PRO A 6 -10.92 -20.38 -3.10
CA PRO A 6 -11.23 -19.43 -2.02
C PRO A 6 -10.14 -18.35 -1.83
N SER A 7 -10.48 -17.30 -1.09
CA SER A 7 -9.55 -16.20 -0.82
C SER A 7 -8.84 -16.40 0.52
N LYS A 8 -9.63 -16.70 1.58
CA LYS A 8 -9.14 -16.95 2.96
C LYS A 8 -8.58 -15.67 3.63
N THR A 9 -7.67 -14.98 2.93
CA THR A 9 -7.05 -13.76 3.44
C THR A 9 -7.77 -12.51 2.93
N SER A 10 -7.62 -11.40 3.67
CA SER A 10 -8.24 -10.12 3.32
C SER A 10 -7.30 -9.28 2.47
N ASN A 11 -7.81 -8.82 1.30
CA ASN A 11 -7.02 -8.00 0.37
C ASN A 11 -6.91 -6.55 0.86
N THR A 12 -5.91 -6.32 1.74
CA THR A 12 -5.65 -4.99 2.33
C THR A 12 -4.15 -4.80 2.56
N ILE A 13 -3.70 -3.54 2.56
CA ILE A 13 -2.29 -3.20 2.76
C ILE A 13 -2.14 -2.12 3.81
N ARG A 14 -1.00 -2.14 4.51
CA ARG A 14 -0.71 -1.18 5.58
C ARG A 14 0.12 -0.01 5.05
N VAL A 15 -0.43 1.19 5.22
CA VAL A 15 0.26 2.42 4.81
C VAL A 15 0.83 3.10 6.05
N PHE A 16 2.01 3.73 5.90
CA PHE A 16 2.63 4.40 7.05
C PHE A 16 2.20 5.86 7.15
N LEU A 17 1.47 6.16 8.22
CA LEU A 17 0.98 7.47 8.51
C LEU A 17 1.73 8.11 9.68
N PRO A 18 2.17 9.40 9.55
CA PRO A 18 2.90 10.11 10.62
C PRO A 18 2.11 10.16 11.93
N ASN A 19 2.83 10.35 13.06
CA ASN A 19 2.25 10.42 14.43
C ASN A 19 1.81 9.02 14.93
N LYS A 20 2.51 7.97 14.47
CA LYS A 20 2.25 6.57 14.85
C LYS A 20 0.85 6.07 14.44
N GLN A 21 0.31 6.61 13.34
CA GLN A 21 -1.00 6.23 12.84
C GLN A 21 -0.87 5.16 11.75
N ARG A 22 -1.81 4.20 11.74
CA ARG A 22 -1.81 3.10 10.77
C ARG A 22 -3.21 2.81 10.26
N THR A 23 -3.33 2.65 8.94
CA THR A 23 -4.60 2.35 8.28
C THR A 23 -4.38 1.42 7.08
N VAL A 24 -5.27 0.45 6.90
CA VAL A 24 -5.19 -0.48 5.81
C VAL A 24 -6.04 -0.02 4.62
N VAL A 25 -5.71 -0.51 3.43
CA VAL A 25 -6.45 -0.15 2.22
C VAL A 25 -6.71 -1.36 1.35
N ASN A 26 -7.87 -1.36 0.70
CA ASN A 26 -8.27 -2.44 -0.20
C ASN A 26 -8.21 -1.92 -1.63
N VAL A 27 -7.77 -2.79 -2.53
CA VAL A 27 -7.63 -2.42 -3.94
C VAL A 27 -8.16 -3.50 -4.88
N ARG A 28 -8.64 -3.06 -6.05
CA ARG A 28 -9.17 -3.95 -7.07
C ARG A 28 -8.09 -4.25 -8.12
N ASN A 29 -8.14 -5.47 -8.70
CA ASN A 29 -7.15 -5.91 -9.71
C ASN A 29 -7.05 -4.91 -10.87
N GLY A 30 -5.82 -4.42 -11.08
CA GLY A 30 -5.55 -3.45 -12.14
C GLY A 30 -5.32 -2.05 -11.59
N MET A 31 -5.29 -1.94 -10.25
CA MET A 31 -5.08 -0.68 -9.55
C MET A 31 -3.60 -0.32 -9.44
N SER A 32 -3.32 0.98 -9.32
CA SER A 32 -1.95 1.47 -9.20
C SER A 32 -1.69 1.97 -7.77
N LEU A 33 -0.41 2.22 -7.44
CA LEU A 33 -0.01 2.69 -6.11
C LEU A 33 -0.55 4.10 -5.83
N HIS A 34 -0.54 4.97 -6.84
CA HIS A 34 -1.06 6.34 -6.72
C HIS A 34 -2.48 6.31 -6.14
N ASP A 35 -3.27 5.35 -6.61
CA ASP A 35 -4.63 5.13 -6.17
C ASP A 35 -4.69 4.48 -4.77
N CYS A 36 -3.63 3.73 -4.39
CA CYS A 36 -3.59 3.04 -3.09
C CYS A 36 -3.65 4.00 -1.90
N LEU A 37 -3.18 5.24 -2.11
CA LEU A 37 -3.16 6.26 -1.07
C LEU A 37 -4.44 7.11 -1.06
N MET A 38 -5.20 7.06 -2.16
CA MET A 38 -6.46 7.82 -2.30
C MET A 38 -7.55 7.32 -1.36
N LYS A 39 -7.57 6.00 -1.10
CA LYS A 39 -8.56 5.37 -0.22
C LYS A 39 -8.31 5.73 1.26
N ALA A 40 -7.02 5.74 1.65
CA ALA A 40 -6.63 6.08 3.02
C ALA A 40 -6.74 7.58 3.30
N LEU A 41 -6.41 8.39 2.29
CA LEU A 41 -6.46 9.83 2.34
C LEU A 41 -7.89 10.40 2.30
N LYS A 42 -8.82 9.64 1.72
CA LYS A 42 -10.21 10.08 1.53
C LYS A 42 -10.85 10.45 2.88
N VAL A 43 -10.37 9.75 3.88
CA VAL A 43 -10.82 9.89 5.26
C VAL A 43 -10.31 11.17 5.94
N ARG A 44 -9.07 11.58 5.61
CA ARG A 44 -8.50 12.77 6.23
C ARG A 44 -8.50 13.98 5.30
N GLY A 45 -8.49 13.74 3.98
CA GLY A 45 -8.56 14.85 3.02
C GLY A 45 -7.30 15.69 2.96
N LEU A 46 -6.15 15.09 3.27
CA LEU A 46 -4.87 15.82 3.29
C LEU A 46 -4.21 15.85 1.92
N GLN A 47 -3.68 17.02 1.55
CA GLN A 47 -3.00 17.21 0.26
C GLN A 47 -1.54 17.62 0.48
N PRO A 48 -0.57 16.65 0.44
CA PRO A 48 0.86 16.95 0.62
C PRO A 48 1.53 17.42 -0.68
N GLU A 49 2.78 17.90 -0.56
CA GLU A 49 3.55 18.38 -1.71
C GLU A 49 4.29 17.23 -2.41
N CYS A 50 5.04 16.44 -1.61
CA CYS A 50 5.79 15.29 -2.13
C CYS A 50 5.61 14.07 -1.24
N CYS A 51 5.37 12.92 -1.86
CA CYS A 51 5.19 11.65 -1.14
C CYS A 51 5.84 10.51 -1.90
N ALA A 52 6.46 9.59 -1.16
CA ALA A 52 7.14 8.44 -1.76
C ALA A 52 6.82 7.17 -1.01
N VAL A 53 6.69 6.07 -1.75
CA VAL A 53 6.32 4.78 -1.16
C VAL A 53 7.45 3.77 -1.27
N PHE A 54 7.51 2.94 -0.23
CA PHE A 54 8.47 1.86 -0.15
C PHE A 54 7.81 0.67 0.50
N ARG A 55 7.97 -0.47 -0.14
CA ARG A 55 7.47 -1.75 0.39
C ARG A 55 8.60 -2.48 1.14
N LEU A 56 8.27 -2.96 2.34
CA LEU A 56 9.23 -3.66 3.21
C LEU A 56 9.42 -5.13 2.81
N LEU A 57 10.67 -5.60 2.92
CA LEU A 57 11.02 -6.98 2.58
C LEU A 57 10.99 -7.87 3.82
N HIS A 58 10.92 -9.19 3.58
CA HIS A 58 10.90 -10.18 4.68
C HIS A 58 12.28 -10.82 4.89
N GLU A 59 13.30 -10.23 4.26
CA GLU A 59 14.69 -10.73 4.34
C GLU A 59 15.46 -10.16 5.54
N HIS A 60 14.82 -9.20 6.28
CA HIS A 60 15.43 -8.54 7.47
C HIS A 60 16.60 -7.64 7.08
N LYS A 61 17.04 -6.78 8.04
CA LYS A 61 18.17 -5.85 7.86
C LYS A 61 17.84 -4.77 6.85
N GLY A 62 17.74 -5.16 5.60
CA GLY A 62 17.41 -4.22 4.56
C GLY A 62 15.97 -4.38 4.10
N LYS A 63 15.05 -4.05 5.01
CA LYS A 63 13.61 -4.16 4.76
C LYS A 63 13.03 -2.96 4.00
N LYS A 64 13.85 -2.37 3.16
CA LYS A 64 13.46 -1.22 2.34
C LYS A 64 13.58 -1.55 0.87
N ALA A 65 12.47 -1.36 0.15
CA ALA A 65 12.42 -1.59 -1.29
C ALA A 65 11.70 -0.45 -2.00
N ARG A 66 12.39 0.12 -2.98
CA ARG A 66 11.85 1.22 -3.78
C ARG A 66 10.98 0.68 -4.92
N LEU A 67 9.73 1.12 -4.94
CA LEU A 67 8.77 0.71 -5.96
C LEU A 67 8.25 1.93 -6.73
N ASP A 68 7.58 1.69 -7.85
CA ASP A 68 7.02 2.74 -8.68
C ASP A 68 5.63 3.14 -8.21
N TRP A 69 5.31 4.43 -8.29
CA TRP A 69 4.01 4.95 -7.87
C TRP A 69 2.87 4.51 -8.80
N ASN A 70 3.23 4.14 -10.03
CA ASN A 70 2.28 3.68 -11.03
C ASN A 70 2.19 2.14 -11.11
N THR A 71 2.74 1.49 -10.08
CA THR A 71 2.76 0.02 -9.98
C THR A 71 1.42 -0.55 -9.51
N ASP A 72 1.17 -1.83 -9.84
CA ASP A 72 -0.08 -2.51 -9.46
C ASP A 72 -0.21 -2.65 -7.93
N ALA A 73 -1.25 -2.02 -7.38
CA ALA A 73 -1.53 -2.05 -5.93
C ALA A 73 -1.96 -3.44 -5.45
N ALA A 74 -2.70 -4.15 -6.30
CA ALA A 74 -3.18 -5.51 -5.98
C ALA A 74 -2.02 -6.52 -5.97
N SER A 75 -0.88 -6.10 -6.54
CA SER A 75 0.34 -6.92 -6.58
C SER A 75 1.09 -6.86 -5.25
N LEU A 76 0.84 -5.80 -4.50
CA LEU A 76 1.45 -5.58 -3.20
C LEU A 76 0.43 -5.79 -2.06
N ILE A 77 -0.66 -6.51 -2.39
CA ILE A 77 -1.74 -6.81 -1.44
C ILE A 77 -1.26 -7.72 -0.30
N GLY A 78 -1.71 -7.41 0.92
CA GLY A 78 -1.33 -8.19 2.10
C GLY A 78 0.04 -7.77 2.65
N GLU A 79 0.73 -6.91 1.88
CA GLU A 79 2.04 -6.40 2.24
C GLU A 79 1.92 -5.06 3.00
N GLU A 80 3.02 -4.29 3.06
CA GLU A 80 3.03 -3.00 3.75
C GLU A 80 3.81 -1.97 2.94
N LEU A 81 3.35 -0.72 2.96
CA LEU A 81 4.02 0.38 2.25
C LEU A 81 4.42 1.50 3.20
N GLN A 82 5.34 2.34 2.73
CA GLN A 82 5.86 3.46 3.53
C GLN A 82 6.06 4.69 2.66
N VAL A 83 5.52 5.83 3.08
CA VAL A 83 5.66 7.06 2.29
C VAL A 83 6.37 8.17 3.07
N ASP A 84 7.18 8.94 2.32
CA ASP A 84 7.97 10.04 2.88
C ASP A 84 7.97 11.25 1.95
N PHE A 85 8.50 12.36 2.47
CA PHE A 85 8.61 13.63 1.76
C PHE A 85 9.94 13.71 0.98
N LEU A 86 9.89 14.34 -0.20
CA LEU A 86 11.08 14.51 -1.03
C LEU A 86 11.37 15.99 -1.26
N GLY A 1 -22.04 -15.61 22.30
CA GLY A 1 -20.92 -16.04 21.41
C GLY A 1 -20.84 -15.20 20.13
N PRO A 2 -19.64 -15.09 19.49
CA PRO A 2 -19.47 -14.30 18.25
C PRO A 2 -20.04 -15.01 17.00
N LEU A 3 -19.72 -14.49 15.82
CA LEU A 3 -20.19 -15.06 14.55
C LEU A 3 -19.06 -15.81 13.83
N GLY A 4 -17.88 -15.18 13.75
CA GLY A 4 -16.74 -15.79 13.08
C GLY A 4 -16.62 -15.39 11.63
N SER A 5 -15.91 -14.29 11.37
CA SER A 5 -15.70 -13.79 10.01
C SER A 5 -14.33 -14.20 9.46
N PRO A 6 -14.27 -14.90 8.29
CA PRO A 6 -13.00 -15.34 7.68
C PRO A 6 -12.23 -14.19 7.00
N SER A 7 -10.93 -14.40 6.79
CA SER A 7 -10.07 -13.40 6.15
C SER A 7 -9.70 -13.82 4.73
N LYS A 8 -10.14 -13.03 3.76
CA LYS A 8 -9.86 -13.31 2.34
C LYS A 8 -9.44 -12.03 1.62
N THR A 9 -8.38 -12.14 0.80
CA THR A 9 -7.87 -11.00 0.04
C THR A 9 -7.46 -11.38 -1.37
N SER A 10 -8.05 -10.70 -2.36
CA SER A 10 -7.76 -10.95 -3.77
C SER A 10 -7.14 -9.69 -4.40
N ASN A 11 -5.83 -9.78 -4.71
CA ASN A 11 -5.06 -8.66 -5.32
C ASN A 11 -5.15 -7.40 -4.44
N THR A 12 -4.37 -7.38 -3.35
CA THR A 12 -4.36 -6.28 -2.39
C THR A 12 -2.95 -6.06 -1.84
N ILE A 13 -2.66 -4.82 -1.42
CA ILE A 13 -1.33 -4.46 -0.88
C ILE A 13 -1.49 -3.68 0.43
N ARG A 14 -0.49 -3.84 1.32
CA ARG A 14 -0.50 -3.19 2.63
C ARG A 14 0.29 -1.88 2.60
N VAL A 15 -0.39 -0.79 2.95
CA VAL A 15 0.21 0.54 3.01
C VAL A 15 0.48 0.90 4.48
N PHE A 16 1.56 1.64 4.73
CA PHE A 16 1.89 2.03 6.11
C PHE A 16 1.25 3.37 6.45
N LEU A 17 0.29 3.33 7.37
CA LEU A 17 -0.44 4.47 7.83
C LEU A 17 -0.03 4.87 9.26
N PRO A 18 0.22 6.18 9.53
CA PRO A 18 0.62 6.67 10.87
C PRO A 18 -0.44 6.34 11.94
N ASN A 19 0.00 6.30 13.21
CA ASN A 19 -0.87 6.00 14.38
C ASN A 19 -1.25 4.51 14.45
N LYS A 20 -0.33 3.65 13.97
CA LYS A 20 -0.50 2.17 13.96
C LYS A 20 -1.71 1.69 13.14
N GLN A 21 -2.06 2.45 12.09
CA GLN A 21 -3.19 2.09 11.22
C GLN A 21 -2.71 1.33 9.99
N ARG A 22 -3.54 0.38 9.55
CA ARG A 22 -3.23 -0.47 8.38
C ARG A 22 -4.45 -0.68 7.49
N THR A 23 -4.27 -0.49 6.18
CA THR A 23 -5.34 -0.68 5.20
C THR A 23 -4.79 -1.24 3.89
N VAL A 24 -5.47 -2.25 3.33
CA VAL A 24 -5.08 -2.87 2.08
C VAL A 24 -5.82 -2.23 0.91
N VAL A 25 -5.25 -2.34 -0.29
CA VAL A 25 -5.86 -1.77 -1.49
C VAL A 25 -5.74 -2.71 -2.68
N ASN A 26 -6.78 -2.70 -3.52
CA ASN A 26 -6.81 -3.52 -4.73
C ASN A 26 -6.59 -2.61 -5.94
N VAL A 27 -5.85 -3.12 -6.90
CA VAL A 27 -5.54 -2.34 -8.12
C VAL A 27 -5.71 -3.18 -9.39
N ARG A 28 -6.05 -2.49 -10.48
CA ARG A 28 -6.22 -3.13 -11.79
C ARG A 28 -4.95 -2.95 -12.62
N ASN A 29 -4.65 -3.94 -13.49
CA ASN A 29 -3.44 -3.90 -14.34
C ASN A 29 -3.32 -2.59 -15.13
N GLY A 30 -2.14 -2.00 -15.05
CA GLY A 30 -1.88 -0.74 -15.71
C GLY A 30 -1.98 0.46 -14.76
N MET A 31 -2.19 0.16 -13.48
CA MET A 31 -2.32 1.18 -12.42
C MET A 31 -0.95 1.63 -11.92
N SER A 32 -0.91 2.86 -11.40
CA SER A 32 0.33 3.43 -10.86
C SER A 32 0.26 3.50 -9.34
N LEU A 33 1.42 3.74 -8.69
CA LEU A 33 1.51 3.82 -7.24
C LEU A 33 0.73 5.02 -6.69
N HIS A 34 0.75 6.15 -7.40
CA HIS A 34 0.03 7.36 -7.00
C HIS A 34 -1.45 7.04 -6.79
N ASP A 35 -1.97 6.20 -7.69
CA ASP A 35 -3.35 5.72 -7.66
C ASP A 35 -3.57 4.70 -6.53
N CYS A 36 -2.50 3.99 -6.11
CA CYS A 36 -2.62 2.95 -5.07
C CYS A 36 -3.10 3.53 -3.73
N LEU A 37 -2.84 4.82 -3.51
CA LEU A 37 -3.24 5.51 -2.28
C LEU A 37 -4.64 6.15 -2.40
N MET A 38 -5.22 6.12 -3.62
CA MET A 38 -6.55 6.70 -3.89
C MET A 38 -7.67 5.97 -3.15
N LYS A 39 -7.60 4.63 -3.13
CA LYS A 39 -8.60 3.79 -2.47
C LYS A 39 -8.52 3.87 -0.94
N ALA A 40 -7.30 3.95 -0.42
CA ALA A 40 -7.05 4.02 1.03
C ALA A 40 -7.40 5.41 1.60
N LEU A 41 -7.02 6.47 0.89
CA LEU A 41 -7.28 7.84 1.27
C LEU A 41 -8.75 8.27 1.10
N LYS A 42 -9.46 7.59 0.17
CA LYS A 42 -10.85 7.91 -0.18
C LYS A 42 -11.74 7.93 1.05
N VAL A 43 -11.35 7.09 2.00
CA VAL A 43 -12.05 6.90 3.27
C VAL A 43 -12.00 8.16 4.16
N ARG A 44 -10.87 8.88 4.11
CA ARG A 44 -10.72 10.09 4.92
C ARG A 44 -10.80 11.37 4.08
N GLY A 45 -10.52 11.29 2.76
CA GLY A 45 -10.64 12.47 1.90
C GLY A 45 -9.56 13.52 2.13
N LEU A 46 -8.38 13.10 2.61
CA LEU A 46 -7.29 14.04 2.92
C LEU A 46 -6.40 14.32 1.71
N GLN A 47 -5.90 15.55 1.64
CA GLN A 47 -5.02 15.97 0.55
C GLN A 47 -3.66 16.45 1.10
N PRO A 48 -2.65 15.53 1.25
CA PRO A 48 -1.32 15.88 1.76
C PRO A 48 -0.46 16.63 0.74
N GLU A 49 0.61 17.28 1.22
CA GLU A 49 1.52 18.04 0.36
C GLU A 49 2.67 17.16 -0.15
N CYS A 50 3.29 16.39 0.76
CA CYS A 50 4.39 15.51 0.42
C CYS A 50 4.17 14.12 1.01
N CYS A 51 4.41 13.09 0.18
CA CYS A 51 4.26 11.69 0.58
C CYS A 51 5.28 10.82 -0.13
N ALA A 52 5.70 9.72 0.51
CA ALA A 52 6.70 8.82 -0.06
C ALA A 52 6.36 7.36 0.21
N VAL A 53 6.67 6.51 -0.78
CA VAL A 53 6.45 5.07 -0.67
C VAL A 53 7.78 4.32 -0.76
N PHE A 54 7.85 3.22 -0.02
CA PHE A 54 9.02 2.37 -0.04
C PHE A 54 8.62 0.91 0.07
N ARG A 55 9.18 0.12 -0.83
CA ARG A 55 8.98 -1.34 -0.82
C ARG A 55 10.16 -2.01 -0.10
N LEU A 56 9.84 -3.03 0.72
CA LEU A 56 10.84 -3.76 1.50
C LEU A 56 11.49 -4.88 0.69
N LEU A 57 12.80 -5.08 0.92
CA LEU A 57 13.58 -6.11 0.24
C LEU A 57 13.44 -7.47 0.95
N HIS A 58 13.69 -8.54 0.19
CA HIS A 58 13.61 -9.91 0.72
C HIS A 58 14.87 -10.71 0.38
N GLU A 59 15.99 -10.00 0.21
CA GLU A 59 17.28 -10.62 -0.13
C GLU A 59 18.06 -11.05 1.12
N HIS A 60 18.02 -10.22 2.17
CA HIS A 60 18.72 -10.50 3.42
C HIS A 60 17.75 -10.58 4.61
N LYS A 61 17.91 -9.64 5.56
CA LYS A 61 17.08 -9.58 6.76
C LYS A 61 15.99 -8.55 6.63
N GLY A 62 16.40 -7.30 6.41
CA GLY A 62 15.44 -6.23 6.28
C GLY A 62 16.08 -4.92 5.85
N LYS A 63 15.67 -4.42 4.68
CA LYS A 63 16.18 -3.17 4.14
C LYS A 63 15.02 -2.29 3.63
N LYS A 64 15.37 -1.23 2.90
CA LYS A 64 14.40 -0.28 2.36
C LYS A 64 14.74 0.04 0.93
N ALA A 65 13.72 0.00 0.09
CA ALA A 65 13.87 0.24 -1.33
C ALA A 65 13.00 1.40 -1.82
N ARG A 66 13.66 2.38 -2.43
CA ARG A 66 13.00 3.55 -2.98
C ARG A 66 12.47 3.22 -4.38
N LEU A 67 11.17 3.43 -4.56
CA LEU A 67 10.49 3.16 -5.83
C LEU A 67 9.84 4.42 -6.38
N ASP A 68 9.42 4.37 -7.65
CA ASP A 68 8.79 5.53 -8.29
C ASP A 68 7.30 5.56 -7.99
N TRP A 69 6.78 6.78 -7.76
CA TRP A 69 5.36 6.97 -7.45
C TRP A 69 4.47 6.71 -8.67
N ASN A 70 5.08 6.76 -9.87
CA ASN A 70 4.36 6.50 -11.12
C ASN A 70 4.58 5.06 -11.61
N THR A 71 5.02 4.17 -10.70
CA THR A 71 5.28 2.75 -11.02
C THR A 71 3.99 1.93 -11.00
N ASP A 72 3.99 0.79 -11.71
CA ASP A 72 2.82 -0.10 -11.80
C ASP A 72 2.45 -0.69 -10.43
N ALA A 73 1.24 -0.34 -9.95
CA ALA A 73 0.71 -0.81 -8.66
C ALA A 73 0.39 -2.31 -8.67
N ALA A 74 -0.10 -2.81 -9.81
CA ALA A 74 -0.43 -4.25 -9.96
C ALA A 74 0.84 -5.11 -9.98
N SER A 75 1.99 -4.45 -10.17
CA SER A 75 3.30 -5.10 -10.19
C SER A 75 3.79 -5.39 -8.76
N LEU A 76 3.22 -4.66 -7.80
CA LEU A 76 3.56 -4.80 -6.39
C LEU A 76 2.39 -5.41 -5.60
N ILE A 77 1.48 -6.09 -6.32
CA ILE A 77 0.30 -6.73 -5.73
C ILE A 77 0.68 -7.89 -4.79
N GLY A 78 -0.01 -7.97 -3.65
CA GLY A 78 0.26 -9.02 -2.67
C GLY A 78 1.41 -8.68 -1.73
N GLU A 79 2.17 -7.64 -2.10
CA GLU A 79 3.31 -7.17 -1.32
C GLU A 79 2.88 -6.07 -0.34
N GLU A 80 3.84 -5.27 0.16
CA GLU A 80 3.54 -4.18 1.10
C GLU A 80 4.40 -2.96 0.79
N LEU A 81 3.81 -1.76 0.97
CA LEU A 81 4.53 -0.51 0.74
C LEU A 81 4.56 0.33 2.01
N GLN A 82 5.48 1.29 2.05
CA GLN A 82 5.65 2.13 3.24
C GLN A 82 5.59 3.61 2.94
N VAL A 83 4.94 4.35 3.82
CA VAL A 83 4.78 5.79 3.69
C VAL A 83 5.48 6.50 4.86
N ASP A 84 6.22 7.57 4.53
CA ASP A 84 6.94 8.35 5.54
C ASP A 84 6.72 9.85 5.34
N PHE A 85 7.18 10.63 6.33
CA PHE A 85 7.06 12.09 6.33
C PHE A 85 8.15 12.74 5.46
N LEU A 86 7.74 13.68 4.62
CA LEU A 86 8.67 14.40 3.73
C LEU A 86 8.45 15.91 3.83
N GLY A 1 -5.75 -22.46 -10.56
CA GLY A 1 -6.12 -21.02 -10.63
C GLY A 1 -5.94 -20.29 -9.31
N PRO A 2 -5.83 -18.93 -9.32
CA PRO A 2 -5.64 -18.14 -8.08
C PRO A 2 -6.94 -17.96 -7.27
N LEU A 3 -8.09 -17.87 -7.98
CA LEU A 3 -9.43 -17.69 -7.39
C LEU A 3 -9.49 -16.55 -6.36
N GLY A 4 -10.19 -15.47 -6.72
CA GLY A 4 -10.33 -14.31 -5.86
C GLY A 4 -11.65 -14.30 -5.11
N SER A 5 -11.82 -15.24 -4.19
CA SER A 5 -13.04 -15.35 -3.39
C SER A 5 -12.83 -14.74 -1.98
N PRO A 6 -13.49 -13.59 -1.67
CA PRO A 6 -13.35 -12.94 -0.35
C PRO A 6 -14.21 -13.57 0.75
N SER A 7 -13.62 -13.76 1.93
CA SER A 7 -14.31 -14.34 3.07
C SER A 7 -14.16 -13.45 4.30
N LYS A 8 -12.91 -13.03 4.57
CA LYS A 8 -12.60 -12.15 5.71
C LYS A 8 -11.57 -11.09 5.28
N THR A 9 -10.49 -11.55 4.64
CA THR A 9 -9.42 -10.66 4.18
C THR A 9 -8.80 -11.23 2.90
N SER A 10 -9.10 -10.59 1.76
CA SER A 10 -8.58 -11.02 0.46
C SER A 10 -7.98 -9.84 -0.31
N ASN A 11 -6.71 -10.02 -0.75
CA ASN A 11 -5.96 -9.00 -1.52
C ASN A 11 -5.92 -7.63 -0.81
N THR A 12 -4.96 -7.47 0.11
CA THR A 12 -4.80 -6.23 0.88
C THR A 12 -3.32 -5.94 1.17
N ILE A 13 -3.00 -4.65 1.35
CA ILE A 13 -1.62 -4.22 1.62
C ILE A 13 -1.61 -3.21 2.78
N ARG A 14 -0.50 -3.18 3.51
CA ARG A 14 -0.34 -2.29 4.66
C ARG A 14 0.35 -1.00 4.27
N VAL A 15 -0.26 0.12 4.65
CA VAL A 15 0.30 1.45 4.37
C VAL A 15 0.75 2.08 5.69
N PHE A 16 1.85 2.85 5.65
CA PHE A 16 2.35 3.48 6.87
C PHE A 16 1.75 4.89 7.04
N LEU A 17 0.93 5.03 8.08
CA LEU A 17 0.28 6.25 8.42
C LEU A 17 0.84 6.88 9.69
N PRO A 18 1.14 8.22 9.69
CA PRO A 18 1.69 8.91 10.87
C PRO A 18 0.75 8.82 12.08
N ASN A 19 1.33 9.00 13.29
CA ASN A 19 0.58 8.94 14.58
C ASN A 19 0.18 7.49 14.96
N LYS A 20 1.05 6.53 14.59
CA LYS A 20 0.84 5.09 14.88
C LYS A 20 -0.45 4.52 14.28
N GLN A 21 -0.89 5.06 13.14
CA GLN A 21 -2.10 4.59 12.47
C GLN A 21 -1.76 3.59 11.37
N ARG A 22 -2.60 2.56 11.26
CA ARG A 22 -2.39 1.50 10.26
C ARG A 22 -3.71 1.08 9.59
N THR A 23 -3.70 1.02 8.25
CA THR A 23 -4.88 0.63 7.47
C THR A 23 -4.47 -0.17 6.23
N VAL A 24 -5.20 -1.26 5.95
CA VAL A 24 -4.95 -2.09 4.80
C VAL A 24 -5.85 -1.66 3.63
N VAL A 25 -5.43 -1.96 2.40
CA VAL A 25 -6.20 -1.58 1.22
C VAL A 25 -6.25 -2.71 0.20
N ASN A 26 -7.39 -2.84 -0.48
CA ASN A 26 -7.58 -3.83 -1.51
C ASN A 26 -7.53 -3.16 -2.88
N VAL A 27 -6.85 -3.80 -3.84
CA VAL A 27 -6.72 -3.22 -5.18
C VAL A 27 -7.13 -4.21 -6.28
N ARG A 28 -7.60 -3.64 -7.39
CA ARG A 28 -8.04 -4.40 -8.56
C ARG A 28 -6.88 -4.56 -9.55
N ASN A 29 -6.87 -5.68 -10.28
CA ASN A 29 -5.80 -5.96 -11.27
C ASN A 29 -5.70 -4.85 -12.32
N GLY A 30 -4.51 -4.26 -12.42
CA GLY A 30 -4.27 -3.16 -13.35
C GLY A 30 -4.22 -1.81 -12.64
N MET A 31 -4.25 -1.85 -11.29
CA MET A 31 -4.21 -0.66 -10.44
C MET A 31 -2.78 -0.17 -10.23
N SER A 32 -2.64 1.12 -9.95
CA SER A 32 -1.32 1.72 -9.70
C SER A 32 -1.18 2.06 -8.21
N LEU A 33 0.05 2.41 -7.81
CA LEU A 33 0.36 2.75 -6.41
C LEU A 33 -0.35 4.04 -5.98
N HIS A 34 -0.39 5.04 -6.88
CA HIS A 34 -1.05 6.32 -6.59
C HIS A 34 -2.50 6.07 -6.15
N ASP A 35 -3.12 5.09 -6.80
CA ASP A 35 -4.50 4.67 -6.51
C ASP A 35 -4.57 3.87 -5.20
N CYS A 36 -3.46 3.22 -4.80
CA CYS A 36 -3.43 2.39 -3.57
C CYS A 36 -3.72 3.21 -2.31
N LEU A 37 -3.43 4.52 -2.35
CA LEU A 37 -3.66 5.41 -1.21
C LEU A 37 -5.05 6.05 -1.23
N MET A 38 -5.81 5.84 -2.33
CA MET A 38 -7.17 6.41 -2.48
C MET A 38 -8.14 5.90 -1.41
N LYS A 39 -8.03 4.61 -1.05
CA LYS A 39 -8.89 3.99 -0.02
C LYS A 39 -8.65 4.62 1.34
N ALA A 40 -7.37 4.86 1.66
CA ALA A 40 -6.96 5.51 2.92
C ALA A 40 -7.26 7.01 2.86
N LEU A 41 -7.20 7.56 1.64
CA LEU A 41 -7.48 8.96 1.37
C LEU A 41 -8.98 9.28 1.48
N LYS A 42 -9.83 8.27 1.23
CA LYS A 42 -11.28 8.51 1.25
C LYS A 42 -11.70 8.51 2.70
N VAL A 43 -10.93 7.70 3.39
CA VAL A 43 -11.02 7.40 4.76
C VAL A 43 -10.49 8.50 5.68
N ARG A 44 -9.38 9.10 5.26
CA ARG A 44 -8.77 10.19 6.04
C ARG A 44 -8.97 11.56 5.40
N GLY A 45 -9.18 11.60 4.08
CA GLY A 45 -9.44 12.87 3.39
C GLY A 45 -8.23 13.80 3.33
N LEU A 46 -7.02 13.26 3.59
CA LEU A 46 -5.80 14.08 3.61
C LEU A 46 -4.96 13.91 2.34
N GLN A 47 -4.79 15.02 1.61
CA GLN A 47 -4.01 15.02 0.37
C GLN A 47 -2.82 15.98 0.47
N PRO A 48 -1.57 15.45 0.67
CA PRO A 48 -0.36 16.30 0.78
C PRO A 48 0.21 16.71 -0.59
N GLU A 49 1.23 17.59 -0.56
CA GLU A 49 1.88 18.07 -1.78
C GLU A 49 2.91 17.05 -2.30
N CYS A 50 3.65 16.44 -1.38
CA CYS A 50 4.66 15.44 -1.72
C CYS A 50 4.44 14.16 -0.91
N CYS A 51 4.51 13.01 -1.58
CA CYS A 51 4.31 11.71 -0.94
C CYS A 51 5.31 10.70 -1.48
N ALA A 52 5.70 9.74 -0.62
CA ALA A 52 6.66 8.71 -1.01
C ALA A 52 6.29 7.35 -0.44
N VAL A 53 6.42 6.32 -1.27
CA VAL A 53 6.12 4.95 -0.88
C VAL A 53 7.37 4.08 -0.97
N PHE A 54 7.46 3.14 -0.03
CA PHE A 54 8.53 2.16 -0.01
C PHE A 54 7.98 0.83 0.46
N ARG A 55 8.30 -0.19 -0.30
CA ARG A 55 7.90 -1.56 0.06
C ARG A 55 9.05 -2.26 0.80
N LEU A 56 8.69 -2.96 1.88
CA LEU A 56 9.67 -3.67 2.72
C LEU A 56 10.08 -5.01 2.12
N LEU A 57 11.37 -5.34 2.29
CA LEU A 57 11.96 -6.57 1.78
C LEU A 57 11.71 -7.74 2.73
N HIS A 58 11.69 -8.95 2.17
CA HIS A 58 11.45 -10.18 2.96
C HIS A 58 12.72 -11.05 3.07
N GLU A 59 13.85 -10.54 2.54
CA GLU A 59 15.13 -11.26 2.57
C GLU A 59 15.90 -10.97 3.87
N HIS A 60 15.86 -9.72 4.32
CA HIS A 60 16.56 -9.30 5.55
C HIS A 60 15.58 -9.02 6.69
N LYS A 61 16.10 -8.47 7.79
CA LYS A 61 15.33 -8.13 8.96
C LYS A 61 14.48 -6.87 8.75
N GLY A 62 15.09 -5.84 8.18
CA GLY A 62 14.37 -4.62 7.93
C GLY A 62 15.07 -3.70 6.95
N LYS A 63 14.97 -4.04 5.65
CA LYS A 63 15.58 -3.25 4.59
C LYS A 63 14.54 -2.28 3.99
N LYS A 64 14.96 -1.50 2.98
CA LYS A 64 14.08 -0.52 2.35
C LYS A 64 14.17 -0.62 0.83
N ALA A 65 13.01 -0.67 0.18
CA ALA A 65 12.95 -0.78 -1.27
C ALA A 65 12.14 0.35 -1.89
N ARG A 66 12.79 1.08 -2.80
CA ARG A 66 12.18 2.19 -3.52
C ARG A 66 11.43 1.68 -4.76
N LEU A 67 10.14 2.00 -4.82
CA LEU A 67 9.29 1.62 -5.93
C LEU A 67 8.69 2.86 -6.60
N ASP A 68 8.10 2.67 -7.79
CA ASP A 68 7.48 3.76 -8.54
C ASP A 68 6.04 3.96 -8.10
N TRP A 69 5.61 5.23 -8.06
CA TRP A 69 4.25 5.58 -7.64
C TRP A 69 3.20 5.16 -8.69
N ASN A 70 3.66 4.96 -9.93
CA ASN A 70 2.78 4.54 -11.03
C ASN A 70 2.90 3.03 -11.29
N THR A 71 3.39 2.29 -10.27
CA THR A 71 3.56 0.83 -10.37
C THR A 71 2.26 0.08 -10.05
N ASP A 72 2.14 -1.16 -10.54
CA ASP A 72 0.95 -1.99 -10.32
C ASP A 72 0.78 -2.32 -8.83
N ALA A 73 -0.34 -1.86 -8.26
CA ALA A 73 -0.68 -2.08 -6.84
C ALA A 73 -1.00 -3.54 -6.54
N ALA A 74 -1.63 -4.23 -7.50
CA ALA A 74 -2.00 -5.64 -7.35
C ALA A 74 -0.76 -6.54 -7.41
N SER A 75 0.36 -5.98 -7.87
CA SER A 75 1.64 -6.68 -7.97
C SER A 75 2.35 -6.73 -6.61
N LEU A 76 1.96 -5.79 -5.74
CA LEU A 76 2.52 -5.69 -4.39
C LEU A 76 1.49 -6.12 -3.33
N ILE A 77 0.46 -6.85 -3.78
CA ILE A 77 -0.62 -7.33 -2.92
C ILE A 77 -0.11 -8.30 -1.84
N GLY A 78 -0.64 -8.15 -0.62
CA GLY A 78 -0.23 -9.00 0.50
C GLY A 78 1.04 -8.50 1.20
N GLU A 79 1.73 -7.56 0.55
CA GLU A 79 2.96 -6.97 1.07
C GLU A 79 2.65 -5.74 1.93
N GLU A 80 3.66 -4.88 2.15
CA GLU A 80 3.48 -3.65 2.95
C GLU A 80 4.23 -2.49 2.30
N LEU A 81 3.64 -1.30 2.39
CA LEU A 81 4.25 -0.08 1.84
C LEU A 81 4.49 0.94 2.94
N GLN A 82 5.35 1.91 2.64
CA GLN A 82 5.71 2.94 3.63
C GLN A 82 5.65 4.33 3.03
N VAL A 83 5.04 5.24 3.78
CA VAL A 83 4.87 6.62 3.36
C VAL A 83 5.62 7.57 4.31
N ASP A 84 6.40 8.47 3.71
CA ASP A 84 7.20 9.45 4.46
C ASP A 84 7.16 10.83 3.80
N PHE A 85 7.68 11.82 4.52
CA PHE A 85 7.74 13.22 4.05
C PHE A 85 8.92 13.43 3.09
N LEU A 86 8.65 14.14 1.99
CA LEU A 86 9.67 14.43 0.98
C LEU A 86 10.37 15.77 1.28
N GLY A 1 -22.77 -26.88 4.47
CA GLY A 1 -22.07 -26.62 5.77
C GLY A 1 -22.01 -25.13 6.12
N PRO A 2 -21.87 -24.77 7.43
CA PRO A 2 -21.80 -23.36 7.85
C PRO A 2 -20.43 -22.70 7.55
N LEU A 3 -20.19 -21.52 8.13
CA LEU A 3 -18.94 -20.78 7.94
C LEU A 3 -17.87 -21.21 8.93
N GLY A 4 -16.70 -21.57 8.41
CA GLY A 4 -15.59 -22.00 9.25
C GLY A 4 -14.34 -21.17 9.02
N SER A 5 -13.64 -21.47 7.92
CA SER A 5 -12.41 -20.75 7.57
C SER A 5 -12.50 -20.21 6.12
N PRO A 6 -13.34 -19.17 5.87
CA PRO A 6 -13.50 -18.57 4.54
C PRO A 6 -12.38 -17.58 4.17
N SER A 7 -12.32 -17.21 2.89
CA SER A 7 -11.32 -16.25 2.40
C SER A 7 -11.86 -14.83 2.43
N LYS A 8 -11.15 -13.95 3.13
CA LYS A 8 -11.55 -12.54 3.25
C LYS A 8 -10.53 -11.62 2.59
N THR A 9 -9.24 -11.96 2.71
CA THR A 9 -8.16 -11.16 2.12
C THR A 9 -7.79 -11.67 0.72
N SER A 10 -8.11 -10.86 -0.28
CA SER A 10 -7.82 -11.18 -1.68
C SER A 10 -7.21 -9.98 -2.39
N ASN A 11 -5.91 -10.08 -2.72
CA ASN A 11 -5.13 -9.01 -3.40
C ASN A 11 -5.23 -7.67 -2.64
N THR A 12 -4.39 -7.54 -1.60
CA THR A 12 -4.37 -6.33 -0.75
C THR A 12 -2.95 -6.04 -0.26
N ILE A 13 -2.67 -4.76 0.03
CA ILE A 13 -1.34 -4.32 0.50
C ILE A 13 -1.51 -3.39 1.69
N ARG A 14 -0.52 -3.42 2.60
CA ARG A 14 -0.55 -2.61 3.80
C ARG A 14 0.24 -1.32 3.60
N VAL A 15 -0.45 -0.19 3.77
CA VAL A 15 0.13 1.14 3.61
C VAL A 15 0.39 1.73 4.99
N PHE A 16 1.47 2.51 5.14
CA PHE A 16 1.77 3.11 6.45
C PHE A 16 1.11 4.48 6.59
N LEU A 17 0.16 4.55 7.52
CA LEU A 17 -0.58 5.73 7.83
C LEU A 17 -0.15 6.34 9.17
N PRO A 18 0.09 7.67 9.24
CA PRO A 18 0.52 8.36 10.49
C PRO A 18 -0.45 8.11 11.64
N ASN A 19 0.05 8.26 12.89
CA ASN A 19 -0.75 8.06 14.14
C ASN A 19 -1.03 6.57 14.40
N LYS A 20 -0.08 5.70 13.97
CA LYS A 20 -0.16 4.22 14.14
C LYS A 20 -1.39 3.60 13.45
N GLN A 21 -1.83 4.21 12.34
CA GLN A 21 -2.99 3.69 11.59
C GLN A 21 -2.52 2.81 10.42
N ARG A 22 -3.29 1.75 10.16
CA ARG A 22 -2.97 0.81 9.07
C ARG A 22 -4.24 0.41 8.32
N THR A 23 -4.16 0.44 6.98
CA THR A 23 -5.29 0.07 6.12
C THR A 23 -4.80 -0.64 4.85
N VAL A 24 -5.48 -1.73 4.47
CA VAL A 24 -5.14 -2.48 3.29
C VAL A 24 -5.98 -2.02 2.09
N VAL A 25 -5.45 -2.22 0.90
CA VAL A 25 -6.15 -1.81 -0.33
C VAL A 25 -5.98 -2.86 -1.43
N ASN A 26 -7.03 -3.01 -2.24
CA ASN A 26 -7.01 -3.95 -3.36
C ASN A 26 -6.82 -3.18 -4.66
N VAL A 27 -5.98 -3.70 -5.55
CA VAL A 27 -5.69 -3.04 -6.83
C VAL A 27 -5.85 -4.00 -8.01
N ARG A 28 -6.21 -3.44 -9.16
CA ARG A 28 -6.39 -4.23 -10.39
C ARG A 28 -5.14 -4.12 -11.27
N ASN A 29 -4.84 -5.21 -12.01
CA ASN A 29 -3.66 -5.26 -12.90
C ASN A 29 -3.60 -4.07 -13.86
N GLY A 30 -2.48 -3.35 -13.79
CA GLY A 30 -2.27 -2.17 -14.61
C GLY A 30 -2.36 -0.89 -13.78
N MET A 31 -2.54 -1.07 -12.46
CA MET A 31 -2.65 0.05 -11.51
C MET A 31 -1.27 0.58 -11.11
N SER A 32 -1.22 1.84 -10.71
CA SER A 32 0.02 2.48 -10.27
C SER A 32 -0.03 2.75 -8.77
N LEU A 33 1.13 3.10 -8.17
CA LEU A 33 1.22 3.37 -6.73
C LEU A 33 0.43 4.62 -6.34
N HIS A 34 0.45 5.65 -7.22
CA HIS A 34 -0.29 6.90 -6.98
C HIS A 34 -1.77 6.59 -6.73
N ASP A 35 -2.26 5.60 -7.49
CA ASP A 35 -3.65 5.12 -7.38
C ASP A 35 -3.86 4.28 -6.11
N CYS A 36 -2.78 3.64 -5.60
CA CYS A 36 -2.88 2.77 -4.41
C CYS A 36 -3.10 3.57 -3.11
N LEU A 37 -2.64 4.83 -3.09
CA LEU A 37 -2.77 5.69 -1.91
C LEU A 37 -4.09 6.49 -1.88
N MET A 38 -4.78 6.56 -3.04
CA MET A 38 -6.06 7.29 -3.15
C MET A 38 -7.13 6.74 -2.19
N LYS A 39 -7.18 5.40 -2.08
CA LYS A 39 -8.14 4.71 -1.20
C LYS A 39 -7.80 4.91 0.28
N ALA A 40 -6.50 4.88 0.59
CA ALA A 40 -5.99 5.04 1.96
C ALA A 40 -6.09 6.49 2.46
N LEU A 41 -5.81 7.44 1.56
CA LEU A 41 -5.85 8.87 1.85
C LEU A 41 -7.29 9.41 1.98
N LYS A 42 -8.24 8.74 1.32
CA LYS A 42 -9.66 9.17 1.28
C LYS A 42 -10.21 9.34 2.69
N VAL A 43 -9.68 8.51 3.57
CA VAL A 43 -10.04 8.46 4.98
C VAL A 43 -9.61 9.73 5.74
N ARG A 44 -8.47 10.32 5.34
CA ARG A 44 -7.97 11.52 6.00
C ARG A 44 -8.19 12.79 5.18
N GLY A 45 -8.33 12.65 3.84
CA GLY A 45 -8.61 13.80 2.99
C GLY A 45 -7.44 14.77 2.84
N LEU A 46 -6.20 14.26 2.93
CA LEU A 46 -5.01 15.11 2.83
C LEU A 46 -4.56 15.28 1.37
N GLN A 47 -4.58 16.53 0.91
CA GLN A 47 -4.17 16.88 -0.45
C GLN A 47 -2.84 17.66 -0.49
N PRO A 48 -2.65 18.76 0.32
CA PRO A 48 -1.38 19.53 0.32
C PRO A 48 -0.16 18.70 0.75
N GLU A 49 1.06 19.25 0.53
CA GLU A 49 2.34 18.59 0.87
C GLU A 49 2.58 17.34 -0.01
N CYS A 50 3.82 16.84 0.00
CA CYS A 50 4.18 15.67 -0.79
C CYS A 50 4.47 14.46 0.10
N CYS A 51 4.18 13.27 -0.43
CA CYS A 51 4.39 12.01 0.29
C CYS A 51 5.28 11.07 -0.51
N ALA A 52 5.90 10.11 0.19
CA ALA A 52 6.79 9.14 -0.45
C ALA A 52 6.54 7.74 0.06
N VAL A 53 6.67 6.76 -0.83
CA VAL A 53 6.41 5.36 -0.47
C VAL A 53 7.68 4.51 -0.55
N PHE A 54 7.72 3.52 0.33
CA PHE A 54 8.82 2.58 0.39
C PHE A 54 8.30 1.19 0.69
N ARG A 55 8.76 0.25 -0.11
CA ARG A 55 8.45 -1.17 0.07
C ARG A 55 9.60 -1.84 0.86
N LEU A 56 9.23 -2.60 1.90
CA LEU A 56 10.19 -3.27 2.77
C LEU A 56 10.73 -4.56 2.14
N LEU A 57 12.02 -4.83 2.36
CA LEU A 57 12.70 -6.01 1.84
C LEU A 57 12.49 -7.21 2.77
N HIS A 58 12.04 -8.33 2.20
CA HIS A 58 11.80 -9.57 2.98
C HIS A 58 12.41 -10.80 2.29
N GLU A 59 13.24 -10.55 1.26
CA GLU A 59 13.89 -11.63 0.49
C GLU A 59 15.21 -12.06 1.12
N HIS A 60 15.97 -11.09 1.63
CA HIS A 60 17.27 -11.37 2.26
C HIS A 60 17.37 -10.75 3.65
N LYS A 61 17.08 -9.45 3.72
CA LYS A 61 17.14 -8.69 4.97
C LYS A 61 16.00 -7.67 5.06
N GLY A 62 15.70 -7.23 6.29
CA GLY A 62 14.64 -6.26 6.52
C GLY A 62 15.17 -4.83 6.48
N LYS A 63 15.18 -4.26 5.28
CA LYS A 63 15.67 -2.90 5.06
C LYS A 63 14.56 -2.01 4.49
N LYS A 64 14.94 -1.02 3.66
CA LYS A 64 14.00 -0.08 3.06
C LYS A 64 14.32 0.06 1.58
N ALA A 65 13.27 -0.06 0.76
CA ALA A 65 13.43 0.01 -0.69
C ALA A 65 12.63 1.15 -1.29
N ARG A 66 13.35 2.01 -2.02
CA ARG A 66 12.73 3.15 -2.70
C ARG A 66 12.15 2.71 -4.04
N LEU A 67 10.86 2.98 -4.20
CA LEU A 67 10.13 2.61 -5.42
C LEU A 67 9.54 3.86 -6.08
N ASP A 68 9.09 3.69 -7.32
CA ASP A 68 8.49 4.79 -8.08
C ASP A 68 7.00 4.89 -7.80
N TRP A 69 6.52 6.13 -7.68
CA TRP A 69 5.10 6.39 -7.39
C TRP A 69 4.19 5.98 -8.56
N ASN A 70 4.78 5.88 -9.75
CA ASN A 70 4.05 5.49 -10.96
C ASN A 70 4.27 4.00 -11.29
N THR A 71 4.69 3.21 -10.28
CA THR A 71 4.95 1.77 -10.44
C THR A 71 3.66 0.95 -10.32
N ASP A 72 3.65 -0.24 -10.90
CA ASP A 72 2.49 -1.14 -10.86
C ASP A 72 2.16 -1.59 -9.44
N ALA A 73 0.96 -1.20 -8.98
CA ALA A 73 0.48 -1.53 -7.63
C ALA A 73 0.18 -3.03 -7.45
N ALA A 74 -0.30 -3.66 -8.53
CA ALA A 74 -0.62 -5.10 -8.52
C ALA A 74 0.65 -5.96 -8.49
N SER A 75 1.80 -5.32 -8.79
CA SER A 75 3.11 -5.98 -8.80
C SER A 75 3.66 -6.15 -7.39
N LEU A 76 3.11 -5.36 -6.44
CA LEU A 76 3.54 -5.39 -5.04
C LEU A 76 2.38 -5.87 -4.14
N ILE A 77 1.43 -6.58 -4.76
CA ILE A 77 0.24 -7.11 -4.07
C ILE A 77 0.62 -8.16 -3.00
N GLY A 78 -0.08 -8.10 -1.86
CA GLY A 78 0.17 -9.04 -0.76
C GLY A 78 1.33 -8.59 0.14
N GLU A 79 2.09 -7.60 -0.34
CA GLU A 79 3.24 -7.05 0.39
C GLU A 79 2.80 -5.84 1.23
N GLU A 80 3.77 -5.01 1.66
CA GLU A 80 3.47 -3.81 2.45
C GLU A 80 4.32 -2.64 1.98
N LEU A 81 3.74 -1.44 1.98
CA LEU A 81 4.44 -0.21 1.59
C LEU A 81 4.26 0.85 2.65
N GLN A 82 5.12 1.86 2.61
CA GLN A 82 5.07 2.94 3.63
C GLN A 82 5.38 4.31 3.05
N VAL A 83 4.60 5.32 3.46
CA VAL A 83 4.80 6.69 2.99
C VAL A 83 5.27 7.63 4.08
N ASP A 84 6.14 8.56 3.69
CA ASP A 84 6.72 9.55 4.59
C ASP A 84 6.71 10.95 3.96
N PHE A 85 7.03 11.95 4.78
CA PHE A 85 7.10 13.35 4.36
C PHE A 85 8.35 13.64 3.54
N LEU A 86 8.22 14.51 2.54
CA LEU A 86 9.34 14.89 1.67
C LEU A 86 9.86 16.28 2.02
N GLY A 1 -22.34 -20.81 -10.31
CA GLY A 1 -21.99 -20.48 -8.91
C GLY A 1 -21.26 -19.15 -8.79
N PRO A 2 -21.71 -18.22 -7.88
CA PRO A 2 -21.06 -16.91 -7.70
C PRO A 2 -19.73 -17.00 -6.92
N LEU A 3 -19.21 -15.83 -6.51
CA LEU A 3 -17.96 -15.76 -5.75
C LEU A 3 -18.23 -15.58 -4.26
N GLY A 4 -17.60 -16.43 -3.44
CA GLY A 4 -17.77 -16.36 -2.00
C GLY A 4 -17.00 -17.44 -1.27
N SER A 5 -15.91 -17.03 -0.61
CA SER A 5 -15.06 -17.94 0.14
C SER A 5 -14.83 -17.43 1.57
N PRO A 6 -14.74 -18.33 2.59
CA PRO A 6 -14.52 -17.93 4.00
C PRO A 6 -13.09 -17.41 4.26
N SER A 7 -12.94 -16.08 4.22
CA SER A 7 -11.66 -15.42 4.44
C SER A 7 -11.85 -14.10 5.18
N LYS A 8 -10.82 -13.68 5.91
CA LYS A 8 -10.85 -12.42 6.67
C LYS A 8 -10.23 -11.27 5.87
N THR A 9 -9.10 -11.56 5.21
CA THR A 9 -8.39 -10.57 4.39
C THR A 9 -7.85 -11.20 3.11
N SER A 10 -8.29 -10.68 1.97
CA SER A 10 -7.86 -11.17 0.66
C SER A 10 -7.26 -10.04 -0.18
N ASN A 11 -5.99 -10.23 -0.58
CA ASN A 11 -5.23 -9.24 -1.40
C ASN A 11 -5.23 -7.84 -0.74
N THR A 12 -4.30 -7.65 0.21
CA THR A 12 -4.19 -6.39 0.96
C THR A 12 -2.71 -6.07 1.26
N ILE A 13 -2.39 -4.79 1.41
CA ILE A 13 -1.01 -4.33 1.70
C ILE A 13 -1.03 -3.34 2.86
N ARG A 14 0.05 -3.34 3.64
CA ARG A 14 0.16 -2.47 4.81
C ARG A 14 0.91 -1.18 4.49
N VAL A 15 0.24 -0.06 4.74
CA VAL A 15 0.79 1.27 4.51
C VAL A 15 1.21 1.88 5.85
N PHE A 16 2.30 2.66 5.86
CA PHE A 16 2.76 3.29 7.10
C PHE A 16 2.13 4.68 7.27
N LEU A 17 1.28 4.80 8.29
CA LEU A 17 0.59 6.01 8.62
C LEU A 17 1.13 6.65 9.90
N PRO A 18 1.40 8.00 9.88
CA PRO A 18 1.93 8.72 11.07
C PRO A 18 1.01 8.61 12.28
N ASN A 19 1.58 8.81 13.49
CA ASN A 19 0.85 8.73 14.78
C ASN A 19 0.52 7.27 15.18
N LYS A 20 1.39 6.34 14.75
CA LYS A 20 1.27 4.88 15.05
C LYS A 20 -0.02 4.25 14.45
N GLN A 21 -0.51 4.81 13.33
CA GLN A 21 -1.70 4.28 12.68
C GLN A 21 -1.32 3.33 11.55
N ARG A 22 -2.10 2.25 11.39
CA ARG A 22 -1.86 1.25 10.35
C ARG A 22 -3.15 0.80 9.70
N THR A 23 -3.16 0.77 8.37
CA THR A 23 -4.35 0.34 7.60
C THR A 23 -3.94 -0.41 6.33
N VAL A 24 -4.64 -1.51 6.03
CA VAL A 24 -4.37 -2.32 4.87
C VAL A 24 -5.30 -1.90 3.71
N VAL A 25 -4.88 -2.20 2.48
CA VAL A 25 -5.68 -1.84 1.30
C VAL A 25 -5.69 -2.96 0.26
N ASN A 26 -6.82 -3.10 -0.40
CA ASN A 26 -6.99 -4.11 -1.46
C ASN A 26 -6.94 -3.41 -2.82
N VAL A 27 -6.33 -4.08 -3.79
CA VAL A 27 -6.20 -3.51 -5.14
C VAL A 27 -6.52 -4.55 -6.22
N ARG A 28 -7.00 -4.05 -7.36
CA ARG A 28 -7.34 -4.91 -8.50
C ARG A 28 -6.19 -4.90 -9.53
N ASN A 29 -6.01 -6.03 -10.23
CA ASN A 29 -4.94 -6.18 -11.24
C ASN A 29 -4.95 -5.03 -12.26
N GLY A 30 -3.80 -4.35 -12.34
CA GLY A 30 -3.66 -3.20 -13.25
C GLY A 30 -3.66 -1.88 -12.50
N MET A 31 -3.68 -1.95 -11.16
CA MET A 31 -3.68 -0.78 -10.29
C MET A 31 -2.27 -0.24 -10.06
N SER A 32 -2.18 1.06 -9.77
CA SER A 32 -0.89 1.71 -9.51
C SER A 32 -0.76 2.05 -8.02
N LEU A 33 0.45 2.44 -7.60
CA LEU A 33 0.73 2.79 -6.20
C LEU A 33 -0.02 4.04 -5.76
N HIS A 34 -0.10 5.05 -6.65
CA HIS A 34 -0.81 6.30 -6.36
C HIS A 34 -2.26 5.99 -5.94
N ASP A 35 -2.83 4.99 -6.60
CA ASP A 35 -4.18 4.52 -6.32
C ASP A 35 -4.24 3.71 -5.01
N CYS A 36 -3.10 3.10 -4.61
CA CYS A 36 -3.04 2.27 -3.39
C CYS A 36 -3.37 3.09 -2.12
N LEU A 37 -3.12 4.40 -2.18
CA LEU A 37 -3.39 5.30 -1.05
C LEU A 37 -4.78 5.95 -1.16
N MET A 38 -5.46 5.73 -2.29
CA MET A 38 -6.81 6.30 -2.54
C MET A 38 -7.88 5.73 -1.59
N LYS A 39 -7.80 4.42 -1.32
CA LYS A 39 -8.76 3.74 -0.45
C LYS A 39 -8.59 4.12 1.03
N ALA A 40 -7.34 4.26 1.46
CA ALA A 40 -7.02 4.63 2.86
C ALA A 40 -7.31 6.10 3.15
N LEU A 41 -6.99 6.97 2.19
CA LEU A 41 -7.20 8.41 2.27
C LEU A 41 -8.67 8.81 2.13
N LYS A 42 -9.46 7.97 1.44
CA LYS A 42 -10.87 8.24 1.12
C LYS A 42 -11.68 8.53 2.38
N VAL A 43 -11.22 7.91 3.47
CA VAL A 43 -11.84 8.01 4.78
C VAL A 43 -11.69 9.41 5.40
N ARG A 44 -10.54 10.05 5.17
CA ARG A 44 -10.30 11.39 5.72
C ARG A 44 -10.37 12.49 4.66
N GLY A 45 -10.16 12.14 3.38
CA GLY A 45 -10.26 13.12 2.29
C GLY A 45 -9.14 14.16 2.30
N LEU A 46 -7.96 13.79 2.82
CA LEU A 46 -6.83 14.73 2.92
C LEU A 46 -5.96 14.71 1.66
N GLN A 47 -5.80 15.89 1.05
CA GLN A 47 -4.99 16.04 -0.16
C GLN A 47 -3.60 16.60 0.19
N PRO A 48 -2.53 15.74 0.22
CA PRO A 48 -1.17 16.19 0.55
C PRO A 48 -0.42 16.80 -0.65
N GLU A 49 0.70 17.47 -0.37
CA GLU A 49 1.51 18.10 -1.41
C GLU A 49 2.63 17.15 -1.89
N CYS A 50 3.31 16.51 -0.92
CA CYS A 50 4.38 15.57 -1.22
C CYS A 50 4.21 14.28 -0.41
N CYS A 51 4.40 13.14 -1.09
CA CYS A 51 4.27 11.82 -0.46
C CYS A 51 5.28 10.85 -1.05
N ALA A 52 5.73 9.88 -0.24
CA ALA A 52 6.72 8.90 -0.68
C ALA A 52 6.44 7.52 -0.12
N VAL A 53 6.62 6.49 -0.97
CA VAL A 53 6.41 5.11 -0.58
C VAL A 53 7.72 4.32 -0.70
N PHE A 54 7.89 3.37 0.20
CA PHE A 54 9.05 2.51 0.19
C PHE A 54 8.66 1.10 0.62
N ARG A 55 9.06 0.14 -0.18
CA ARG A 55 8.84 -1.27 0.14
C ARG A 55 10.10 -1.85 0.80
N LEU A 56 9.88 -2.67 1.84
CA LEU A 56 10.98 -3.29 2.60
C LEU A 56 11.49 -4.57 1.95
N LEU A 57 12.81 -4.79 2.03
CA LEU A 57 13.44 -5.99 1.46
C LEU A 57 13.44 -7.14 2.46
N HIS A 58 13.13 -8.35 1.96
CA HIS A 58 13.09 -9.55 2.81
C HIS A 58 13.60 -10.79 2.03
N GLU A 59 14.28 -10.55 0.89
CA GLU A 59 14.80 -11.64 0.06
C GLU A 59 16.20 -12.09 0.51
N HIS A 60 17.06 -11.12 0.88
CA HIS A 60 18.44 -11.41 1.34
C HIS A 60 19.14 -10.15 1.82
N LYS A 61 19.24 -9.18 0.93
CA LYS A 61 19.91 -7.92 1.20
C LYS A 61 18.98 -6.73 1.01
N GLY A 62 19.29 -5.64 1.73
CA GLY A 62 18.51 -4.42 1.64
C GLY A 62 17.51 -4.28 2.78
N LYS A 63 17.29 -3.03 3.20
CA LYS A 63 16.37 -2.72 4.30
C LYS A 63 15.22 -1.84 3.80
N LYS A 64 15.56 -0.89 2.93
CA LYS A 64 14.59 0.05 2.37
C LYS A 64 14.75 0.10 0.86
N ALA A 65 13.63 -0.01 0.15
CA ALA A 65 13.63 -0.01 -1.30
C ALA A 65 12.73 1.08 -1.86
N ARG A 66 13.32 1.92 -2.71
CA ARG A 66 12.61 3.00 -3.38
C ARG A 66 11.89 2.45 -4.61
N LEU A 67 10.58 2.65 -4.65
CA LEU A 67 9.75 2.19 -5.76
C LEU A 67 9.03 3.36 -6.43
N ASP A 68 8.46 3.11 -7.61
CA ASP A 68 7.78 4.16 -8.36
C ASP A 68 6.33 4.28 -7.91
N TRP A 69 5.82 5.52 -7.85
CA TRP A 69 4.45 5.79 -7.43
C TRP A 69 3.43 5.33 -8.48
N ASN A 70 3.89 5.16 -9.72
CA ASN A 70 3.04 4.69 -10.83
C ASN A 70 3.23 3.18 -11.07
N THR A 71 3.77 2.47 -10.07
CA THR A 71 4.01 1.01 -10.15
C THR A 71 2.75 0.21 -9.84
N ASP A 72 2.69 -1.03 -10.33
CA ASP A 72 1.54 -1.92 -10.11
C ASP A 72 1.35 -2.26 -8.63
N ALA A 73 0.20 -1.84 -8.08
CA ALA A 73 -0.16 -2.08 -6.67
C ALA A 73 -0.41 -3.56 -6.38
N ALA A 74 -0.98 -4.27 -7.36
CA ALA A 74 -1.26 -5.70 -7.22
C ALA A 74 0.02 -6.55 -7.25
N SER A 75 1.12 -5.91 -7.67
CA SER A 75 2.44 -6.56 -7.72
C SER A 75 3.09 -6.62 -6.34
N LEU A 76 2.62 -5.74 -5.43
CA LEU A 76 3.12 -5.67 -4.06
C LEU A 76 2.05 -6.16 -3.08
N ILE A 77 1.08 -6.94 -3.58
CA ILE A 77 -0.01 -7.46 -2.76
C ILE A 77 0.51 -8.42 -1.68
N GLY A 78 -0.02 -8.27 -0.47
CA GLY A 78 0.39 -9.11 0.65
C GLY A 78 1.64 -8.59 1.36
N GLU A 79 2.33 -7.64 0.71
CA GLU A 79 3.55 -7.04 1.25
C GLU A 79 3.22 -5.79 2.09
N GLU A 80 4.23 -4.94 2.34
CA GLU A 80 4.03 -3.71 3.12
C GLU A 80 4.80 -2.54 2.50
N LEU A 81 4.20 -1.35 2.56
CA LEU A 81 4.81 -0.13 2.03
C LEU A 81 5.05 0.88 3.14
N GLN A 82 5.90 1.86 2.86
CA GLN A 82 6.26 2.87 3.87
C GLN A 82 6.16 4.29 3.32
N VAL A 83 5.37 5.11 4.02
CA VAL A 83 5.17 6.50 3.63
C VAL A 83 5.96 7.41 4.56
N ASP A 84 6.75 8.30 3.95
CA ASP A 84 7.58 9.25 4.69
C ASP A 84 7.55 10.64 4.04
N PHE A 85 8.11 11.62 4.77
CA PHE A 85 8.18 13.02 4.32
C PHE A 85 9.32 13.23 3.32
N LEU A 86 9.07 14.10 2.33
CA LEU A 86 10.06 14.42 1.30
C LEU A 86 10.75 15.76 1.59
N GLY A 1 -31.04 -13.34 11.09
CA GLY A 1 -30.65 -14.51 10.24
C GLY A 1 -29.53 -15.33 10.87
N PRO A 2 -28.83 -16.21 10.08
CA PRO A 2 -27.73 -17.05 10.59
C PRO A 2 -26.42 -16.26 10.78
N LEU A 3 -25.31 -16.99 11.01
CA LEU A 3 -23.98 -16.39 11.21
C LEU A 3 -23.29 -16.11 9.86
N GLY A 4 -22.39 -15.12 9.87
CA GLY A 4 -21.66 -14.76 8.66
C GLY A 4 -20.32 -15.46 8.55
N SER A 5 -19.75 -15.45 7.34
CA SER A 5 -18.45 -16.09 7.08
C SER A 5 -17.31 -15.05 7.11
N PRO A 6 -16.07 -15.45 7.54
CA PRO A 6 -14.92 -14.53 7.62
C PRO A 6 -14.46 -14.04 6.24
N SER A 7 -13.72 -12.92 6.23
CA SER A 7 -13.21 -12.33 5.00
C SER A 7 -11.77 -12.76 4.74
N LYS A 8 -11.49 -13.14 3.48
CA LYS A 8 -10.15 -13.58 3.08
C LYS A 8 -9.41 -12.45 2.36
N THR A 9 -8.07 -12.48 2.44
CA THR A 9 -7.23 -11.46 1.81
C THR A 9 -6.72 -11.93 0.45
N SER A 10 -7.13 -11.20 -0.59
CA SER A 10 -6.72 -11.52 -1.98
C SER A 10 -6.21 -10.26 -2.69
N ASN A 11 -4.91 -10.28 -3.04
CA ASN A 11 -4.23 -9.16 -3.74
C ASN A 11 -4.39 -7.83 -2.97
N THR A 12 -3.56 -7.66 -1.93
CA THR A 12 -3.60 -6.47 -1.07
C THR A 12 -2.20 -6.10 -0.58
N ILE A 13 -1.98 -4.80 -0.30
CA ILE A 13 -0.68 -4.30 0.18
C ILE A 13 -0.88 -3.40 1.38
N ARG A 14 0.08 -3.45 2.30
CA ARG A 14 0.04 -2.66 3.53
C ARG A 14 0.82 -1.36 3.41
N VAL A 15 0.15 -0.26 3.76
CA VAL A 15 0.74 1.08 3.74
C VAL A 15 1.05 1.51 5.17
N PHE A 16 2.14 2.26 5.34
CA PHE A 16 2.50 2.76 6.67
C PHE A 16 1.88 4.13 6.93
N LEU A 17 0.95 4.17 7.88
CA LEU A 17 0.26 5.36 8.28
C LEU A 17 0.68 5.82 9.69
N PRO A 18 0.99 7.15 9.88
CA PRO A 18 1.40 7.69 11.19
C PRO A 18 0.36 7.41 12.29
N ASN A 19 0.82 7.42 13.56
CA ASN A 19 -0.02 7.17 14.76
C ASN A 19 -0.38 5.67 14.90
N LYS A 20 0.54 4.80 14.41
CA LYS A 20 0.39 3.32 14.47
C LYS A 20 -0.82 2.80 13.68
N GLN A 21 -1.20 3.51 12.61
CA GLN A 21 -2.33 3.09 11.76
C GLN A 21 -1.84 2.31 10.55
N ARG A 22 -2.56 1.22 10.23
CA ARG A 22 -2.22 0.36 9.10
C ARG A 22 -3.47 -0.06 8.32
N THR A 23 -3.38 0.02 6.99
CA THR A 23 -4.51 -0.37 6.12
C THR A 23 -4.00 -1.00 4.82
N VAL A 24 -4.65 -2.08 4.38
CA VAL A 24 -4.29 -2.77 3.16
C VAL A 24 -5.13 -2.26 1.99
N VAL A 25 -4.61 -2.44 0.78
CA VAL A 25 -5.32 -2.01 -0.43
C VAL A 25 -5.21 -3.02 -1.56
N ASN A 26 -6.28 -3.13 -2.33
CA ASN A 26 -6.35 -4.05 -3.47
C ASN A 26 -6.23 -3.24 -4.75
N VAL A 27 -5.52 -3.79 -5.72
CA VAL A 27 -5.31 -3.10 -7.01
C VAL A 27 -5.47 -4.05 -8.19
N ARG A 28 -5.89 -3.49 -9.33
CA ARG A 28 -6.07 -4.26 -10.56
C ARG A 28 -4.87 -4.09 -11.48
N ASN A 29 -4.56 -5.13 -12.26
CA ASN A 29 -3.41 -5.11 -13.20
C ASN A 29 -3.44 -3.90 -14.13
N GLY A 30 -2.35 -3.14 -14.09
CA GLY A 30 -2.24 -1.92 -14.88
C GLY A 30 -2.37 -0.66 -14.03
N MET A 31 -2.49 -0.86 -12.70
CA MET A 31 -2.62 0.23 -11.74
C MET A 31 -1.25 0.81 -11.37
N SER A 32 -1.25 2.08 -10.95
CA SER A 32 -0.02 2.75 -10.55
C SER A 32 0.00 2.95 -9.03
N LEU A 33 1.18 3.32 -8.50
CA LEU A 33 1.36 3.54 -7.06
C LEU A 33 0.52 4.72 -6.56
N HIS A 34 0.46 5.79 -7.36
CA HIS A 34 -0.33 6.98 -7.01
C HIS A 34 -1.78 6.59 -6.71
N ASP A 35 -2.26 5.61 -7.50
CA ASP A 35 -3.60 5.06 -7.35
C ASP A 35 -3.71 4.13 -6.12
N CYS A 36 -2.57 3.53 -5.69
CA CYS A 36 -2.55 2.59 -4.56
C CYS A 36 -2.96 3.26 -3.23
N LEU A 37 -2.74 4.58 -3.12
CA LEU A 37 -3.07 5.33 -1.91
C LEU A 37 -4.46 5.98 -1.99
N MET A 38 -4.98 6.15 -3.22
CA MET A 38 -6.29 6.77 -3.46
C MET A 38 -7.45 5.94 -2.86
N LYS A 39 -7.31 4.61 -2.86
CA LYS A 39 -8.33 3.71 -2.31
C LYS A 39 -8.42 3.86 -0.79
N ALA A 40 -7.26 3.99 -0.13
CA ALA A 40 -7.18 4.19 1.32
C ALA A 40 -7.58 5.63 1.68
N LEU A 41 -7.21 6.57 0.80
CA LEU A 41 -7.50 7.96 0.96
C LEU A 41 -8.96 8.36 0.69
N LYS A 42 -9.69 7.54 -0.08
CA LYS A 42 -11.09 7.89 -0.43
C LYS A 42 -11.92 7.58 0.78
N VAL A 43 -11.38 6.60 1.45
CA VAL A 43 -11.85 6.00 2.64
C VAL A 43 -11.65 6.90 3.87
N ARG A 44 -10.51 7.58 3.90
CA ARG A 44 -10.19 8.49 5.01
C ARG A 44 -10.37 9.96 4.64
N GLY A 45 -10.27 10.28 3.34
CA GLY A 45 -10.52 11.64 2.87
C GLY A 45 -9.46 12.66 3.26
N LEU A 46 -8.22 12.21 3.46
CA LEU A 46 -7.13 13.11 3.84
C LEU A 46 -6.43 13.73 2.63
N GLN A 47 -5.98 14.98 2.80
CA GLN A 47 -5.30 15.71 1.73
C GLN A 47 -3.91 16.20 2.22
N PRO A 48 -2.84 15.38 2.03
CA PRO A 48 -1.48 15.74 2.45
C PRO A 48 -0.73 16.61 1.43
N GLU A 49 0.38 17.20 1.87
CA GLU A 49 1.20 18.06 1.00
C GLU A 49 2.29 17.23 0.28
N CYS A 50 2.97 16.37 1.04
CA CYS A 50 4.02 15.50 0.50
C CYS A 50 3.84 14.08 1.01
N CYS A 51 3.97 13.12 0.09
CA CYS A 51 3.83 11.70 0.41
C CYS A 51 4.87 10.88 -0.34
N ALA A 52 5.36 9.82 0.31
CA ALA A 52 6.36 8.96 -0.30
C ALA A 52 6.04 7.49 -0.09
N VAL A 53 6.66 6.63 -0.90
CA VAL A 53 6.48 5.20 -0.77
C VAL A 53 7.81 4.46 -0.91
N PHE A 54 7.93 3.38 -0.15
CA PHE A 54 9.08 2.52 -0.19
C PHE A 54 8.63 1.07 -0.01
N ARG A 55 9.10 0.23 -0.91
CA ARG A 55 8.83 -1.22 -0.84
C ARG A 55 10.00 -1.96 -0.19
N LEU A 56 9.68 -2.93 0.68
CA LEU A 56 10.71 -3.72 1.38
C LEU A 56 11.31 -4.79 0.47
N LEU A 57 12.62 -5.01 0.63
CA LEU A 57 13.38 -5.98 -0.16
C LEU A 57 13.11 -7.41 0.33
N HIS A 58 13.17 -8.36 -0.61
CA HIS A 58 12.94 -9.77 -0.31
C HIS A 58 14.12 -10.65 -0.78
N GLU A 59 15.17 -10.00 -1.31
CA GLU A 59 16.37 -10.70 -1.80
C GLU A 59 17.40 -10.93 -0.69
N HIS A 60 17.56 -9.94 0.20
CA HIS A 60 18.51 -10.04 1.31
C HIS A 60 17.80 -10.38 2.62
N LYS A 61 17.37 -9.34 3.33
CA LYS A 61 16.68 -9.50 4.62
C LYS A 61 15.47 -8.59 4.70
N GLY A 62 15.70 -7.31 4.46
CA GLY A 62 14.62 -6.36 4.50
C GLY A 62 14.94 -5.05 3.81
N LYS A 63 15.94 -4.31 4.35
CA LYS A 63 16.41 -3.02 3.84
C LYS A 63 15.27 -2.08 3.41
N LYS A 64 15.63 -1.05 2.66
CA LYS A 64 14.67 -0.04 2.17
C LYS A 64 14.89 0.20 0.68
N ALA A 65 13.79 0.14 -0.08
CA ALA A 65 13.86 0.33 -1.52
C ALA A 65 12.97 1.46 -2.01
N ARG A 66 13.60 2.41 -2.70
CA ARG A 66 12.92 3.56 -3.28
C ARG A 66 12.32 3.17 -4.64
N LEU A 67 11.01 3.38 -4.77
CA LEU A 67 10.28 3.08 -6.00
C LEU A 67 9.61 4.33 -6.57
N ASP A 68 9.15 4.24 -7.82
CA ASP A 68 8.49 5.36 -8.49
C ASP A 68 7.01 5.39 -8.14
N TRP A 69 6.45 6.59 -8.00
CA TRP A 69 5.03 6.78 -7.66
C TRP A 69 4.11 6.39 -8.83
N ASN A 70 4.65 6.38 -10.05
CA ASN A 70 3.90 6.02 -11.25
C ASN A 70 4.11 4.55 -11.66
N THR A 71 4.66 3.77 -10.73
CA THR A 71 4.95 2.33 -10.95
C THR A 71 3.70 1.46 -10.77
N ASP A 72 3.73 0.27 -11.39
CA ASP A 72 2.60 -0.69 -11.33
C ASP A 72 2.36 -1.17 -9.88
N ALA A 73 1.16 -0.86 -9.36
CA ALA A 73 0.75 -1.24 -8.00
C ALA A 73 0.55 -2.76 -7.85
N ALA A 74 0.04 -3.40 -8.91
CA ALA A 74 -0.19 -4.85 -8.92
C ALA A 74 1.13 -5.64 -8.93
N SER A 75 2.23 -4.92 -9.24
CA SER A 75 3.58 -5.51 -9.28
C SER A 75 4.16 -5.62 -7.86
N LEU A 76 3.61 -4.82 -6.94
CA LEU A 76 4.04 -4.82 -5.54
C LEU A 76 2.97 -5.44 -4.63
N ILE A 77 2.05 -6.21 -5.24
CA ILE A 77 0.95 -6.87 -4.54
C ILE A 77 1.46 -7.92 -3.53
N GLY A 78 0.82 -7.97 -2.36
CA GLY A 78 1.20 -8.91 -1.31
C GLY A 78 2.37 -8.43 -0.46
N GLU A 79 3.04 -7.37 -0.93
CA GLU A 79 4.19 -6.79 -0.24
C GLU A 79 3.73 -5.68 0.73
N GLU A 80 4.66 -4.79 1.13
CA GLU A 80 4.36 -3.69 2.05
C GLU A 80 5.05 -2.41 1.59
N LEU A 81 4.38 -1.28 1.78
CA LEU A 81 4.93 0.03 1.40
C LEU A 81 5.08 0.93 2.61
N GLN A 82 5.87 1.98 2.43
CA GLN A 82 6.18 2.92 3.54
C GLN A 82 6.30 4.35 3.04
N VAL A 83 5.74 5.30 3.79
CA VAL A 83 5.81 6.71 3.43
C VAL A 83 6.74 7.49 4.37
N ASP A 84 7.44 8.46 3.80
CA ASP A 84 8.39 9.29 4.53
C ASP A 84 8.26 10.76 4.12
N PHE A 85 8.92 11.64 4.88
CA PHE A 85 8.92 13.09 4.62
C PHE A 85 9.69 13.46 3.36
N LEU A 86 9.17 14.46 2.61
CA LEU A 86 9.77 14.95 1.36
C LEU A 86 10.02 13.84 0.33
#